data_1OZ6
# 
_entry.id   1OZ6 
# 
_audit_conform.dict_name       mmcif_pdbx.dic 
_audit_conform.dict_version    5.397 
_audit_conform.dict_location   http://mmcif.pdb.org/dictionaries/ascii/mmcif_pdbx.dic 
# 
loop_
_database_2.database_id 
_database_2.database_code 
_database_2.pdbx_database_accession 
_database_2.pdbx_DOI 
PDB   1OZ6         pdb_00001oz6 10.2210/pdb1oz6/pdb 
RCSB  RCSB018826   ?            ?                   
WWPDB D_1000018826 ?            ?                   
# 
loop_
_pdbx_audit_revision_history.ordinal 
_pdbx_audit_revision_history.data_content_type 
_pdbx_audit_revision_history.major_revision 
_pdbx_audit_revision_history.minor_revision 
_pdbx_audit_revision_history.revision_date 
1 'Structure model' 1 0 2003-12-30 
2 'Structure model' 1 1 2008-04-29 
3 'Structure model' 1 2 2011-07-13 
4 'Structure model' 1 3 2023-10-25 
5 'Structure model' 1 4 2024-10-30 
# 
_pdbx_audit_revision_details.ordinal             1 
_pdbx_audit_revision_details.revision_ordinal    1 
_pdbx_audit_revision_details.data_content_type   'Structure model' 
_pdbx_audit_revision_details.provider            repository 
_pdbx_audit_revision_details.type                'Initial release' 
_pdbx_audit_revision_details.description         ? 
_pdbx_audit_revision_details.details             ? 
# 
loop_
_pdbx_audit_revision_group.ordinal 
_pdbx_audit_revision_group.revision_ordinal 
_pdbx_audit_revision_group.data_content_type 
_pdbx_audit_revision_group.group 
1 2 'Structure model' 'Version format compliance' 
2 3 'Structure model' 'Version format compliance' 
3 4 'Structure model' 'Data collection'           
4 4 'Structure model' 'Database references'       
5 4 'Structure model' 'Derived calculations'      
6 4 'Structure model' 'Refinement description'    
7 5 'Structure model' 'Structure summary'         
# 
loop_
_pdbx_audit_revision_category.ordinal 
_pdbx_audit_revision_category.revision_ordinal 
_pdbx_audit_revision_category.data_content_type 
_pdbx_audit_revision_category.category 
1 4 'Structure model' chem_comp_atom                
2 4 'Structure model' chem_comp_bond                
3 4 'Structure model' database_2                    
4 4 'Structure model' pdbx_initial_refinement_model 
5 4 'Structure model' pdbx_struct_conn_angle        
6 4 'Structure model' struct_conn                   
7 4 'Structure model' struct_site                   
8 5 'Structure model' pdbx_entry_details            
9 5 'Structure model' pdbx_modification_feature     
# 
loop_
_pdbx_audit_revision_item.ordinal 
_pdbx_audit_revision_item.revision_ordinal 
_pdbx_audit_revision_item.data_content_type 
_pdbx_audit_revision_item.item 
1  4 'Structure model' '_database_2.pdbx_DOI'                        
2  4 'Structure model' '_database_2.pdbx_database_accession'         
3  4 'Structure model' '_pdbx_struct_conn_angle.ptnr1_auth_comp_id'  
4  4 'Structure model' '_pdbx_struct_conn_angle.ptnr1_auth_seq_id'   
5  4 'Structure model' '_pdbx_struct_conn_angle.ptnr1_label_asym_id' 
6  4 'Structure model' '_pdbx_struct_conn_angle.ptnr1_label_atom_id' 
7  4 'Structure model' '_pdbx_struct_conn_angle.ptnr1_label_comp_id' 
8  4 'Structure model' '_pdbx_struct_conn_angle.ptnr1_label_seq_id'  
9  4 'Structure model' '_pdbx_struct_conn_angle.ptnr1_symmetry'      
10 4 'Structure model' '_pdbx_struct_conn_angle.ptnr3_auth_comp_id'  
11 4 'Structure model' '_pdbx_struct_conn_angle.ptnr3_auth_seq_id'   
12 4 'Structure model' '_pdbx_struct_conn_angle.ptnr3_label_asym_id' 
13 4 'Structure model' '_pdbx_struct_conn_angle.ptnr3_label_atom_id' 
14 4 'Structure model' '_pdbx_struct_conn_angle.ptnr3_label_comp_id' 
15 4 'Structure model' '_pdbx_struct_conn_angle.ptnr3_label_seq_id'  
16 4 'Structure model' '_pdbx_struct_conn_angle.ptnr3_symmetry'      
17 4 'Structure model' '_pdbx_struct_conn_angle.value'               
18 4 'Structure model' '_struct_conn.pdbx_dist_value'                
19 4 'Structure model' '_struct_conn.ptnr1_auth_comp_id'             
20 4 'Structure model' '_struct_conn.ptnr1_auth_seq_id'              
21 4 'Structure model' '_struct_conn.ptnr1_label_asym_id'            
22 4 'Structure model' '_struct_conn.ptnr1_label_atom_id'            
23 4 'Structure model' '_struct_conn.ptnr1_label_comp_id'            
24 4 'Structure model' '_struct_conn.ptnr1_label_seq_id'             
25 4 'Structure model' '_struct_conn.ptnr1_symmetry'                 
26 4 'Structure model' '_struct_conn.ptnr2_auth_comp_id'             
27 4 'Structure model' '_struct_conn.ptnr2_auth_seq_id'              
28 4 'Structure model' '_struct_conn.ptnr2_label_asym_id'            
29 4 'Structure model' '_struct_conn.ptnr2_label_atom_id'            
30 4 'Structure model' '_struct_conn.ptnr2_label_comp_id'            
31 4 'Structure model' '_struct_conn.ptnr2_label_seq_id'             
32 4 'Structure model' '_struct_conn.ptnr2_symmetry'                 
33 4 'Structure model' '_struct_site.pdbx_auth_asym_id'              
34 4 'Structure model' '_struct_site.pdbx_auth_comp_id'              
35 4 'Structure model' '_struct_site.pdbx_auth_seq_id'               
# 
_pdbx_database_status.status_code                     REL 
_pdbx_database_status.entry_id                        1OZ6 
_pdbx_database_status.recvd_initial_deposition_date   2003-04-08 
_pdbx_database_status.deposit_site                    RCSB 
_pdbx_database_status.process_site                    PDBJ 
_pdbx_database_status.status_code_sf                  REL 
_pdbx_database_status.SG_entry                        . 
_pdbx_database_status.pdb_format_compatible           Y 
_pdbx_database_status.status_code_mr                  ? 
_pdbx_database_status.status_code_cs                  ? 
_pdbx_database_status.status_code_nmr_data            ? 
_pdbx_database_status.methods_development_category    ? 
# 
_pdbx_database_related.db_name        PDB 
_pdbx_database_related.db_id          1cl5 
_pdbx_database_related.details        'PLA2 from Daboia russelli pulchella' 
_pdbx_database_related.content_type   unspecified 
# 
loop_
_audit_author.name 
_audit_author.pdbx_ordinal 
'Jasti, J.'       1 
'Paramasivam, M.' 2 
'Srinivasan, A.'  3 
'Singh, T.P.'     4 
# 
_citation.id                        primary 
_citation.title                     
;Structure of an acidic phospholipase A2 from Indian saw-scaled viper (Echis carinatus) at 2.6 A resolution reveals a novel intermolecular interaction.
;
_citation.journal_abbrev            'Acta Crystallogr.,Sect.D' 
_citation.journal_volume            60 
_citation.page_first                66 
_citation.page_last                 72 
_citation.year                      2004 
_citation.journal_id_ASTM           ABCRE6 
_citation.country                   DK 
_citation.journal_id_ISSN           0907-4449 
_citation.journal_id_CSD            0766 
_citation.book_publisher            ? 
_citation.pdbx_database_id_PubMed   14684894 
_citation.pdbx_database_id_DOI      10.1107/S090744490302208X 
# 
loop_
_citation_author.citation_id 
_citation_author.name 
_citation_author.ordinal 
_citation_author.identifier_ORCID 
primary 'Jasti, J.'       1 ? 
primary 'Paramasivam, M.' 2 ? 
primary 'Srinivasan, A.'  3 ? 
primary 'Singh, T.P.'     4 ? 
# 
loop_
_entity.id 
_entity.type 
_entity.src_method 
_entity.pdbx_description 
_entity.formula_weight 
_entity.pdbx_number_of_molecules 
_entity.pdbx_ec 
_entity.pdbx_mutation 
_entity.pdbx_fragment 
_entity.details 
1 polymer     nat 'phospholipase A2' 13727.504 1  3.1.1.4 ? ? ? 
2 non-polymer syn 'CALCIUM ION'      40.078    1  ?       ? ? ? 
3 water       nat water              18.015    90 ?       ? ? ? 
# 
_entity_poly.entity_id                      1 
_entity_poly.type                           'polypeptide(L)' 
_entity_poly.nstd_linkage                   no 
_entity_poly.nstd_monomer                   no 
_entity_poly.pdbx_seq_one_letter_code       
;NLYQFGRMIWNRTGKLPILSYGSYGCYCGWGGQGPPKDATDRCCLVHDCCYTRVGDCSPKMTLYSYRFENGDIICDNKDP
CKRAVCECDREAAICLGENVNTYDKKYKSYEDCTEEVQEC
;
_entity_poly.pdbx_seq_one_letter_code_can   
;NLYQFGRMIWNRTGKLPILSYGSYGCYCGWGGQGPPKDATDRCCLVHDCCYTRVGDCSPKMTLYSYRFENGDIICDNKDP
CKRAVCECDREAAICLGENVNTYDKKYKSYEDCTEEVQEC
;
_entity_poly.pdbx_strand_id                 A 
_entity_poly.pdbx_target_identifier         ? 
# 
loop_
_pdbx_entity_nonpoly.entity_id 
_pdbx_entity_nonpoly.name 
_pdbx_entity_nonpoly.comp_id 
2 'CALCIUM ION' CA  
3 water         HOH 
# 
loop_
_entity_poly_seq.entity_id 
_entity_poly_seq.num 
_entity_poly_seq.mon_id 
_entity_poly_seq.hetero 
1 1   ASN n 
1 2   LEU n 
1 3   TYR n 
1 4   GLN n 
1 5   PHE n 
1 6   GLY n 
1 7   ARG n 
1 8   MET n 
1 9   ILE n 
1 10  TRP n 
1 11  ASN n 
1 12  ARG n 
1 13  THR n 
1 14  GLY n 
1 15  LYS n 
1 16  LEU n 
1 17  PRO n 
1 18  ILE n 
1 19  LEU n 
1 20  SER n 
1 21  TYR n 
1 22  GLY n 
1 23  SER n 
1 24  TYR n 
1 25  GLY n 
1 26  CYS n 
1 27  TYR n 
1 28  CYS n 
1 29  GLY n 
1 30  TRP n 
1 31  GLY n 
1 32  GLY n 
1 33  GLN n 
1 34  GLY n 
1 35  PRO n 
1 36  PRO n 
1 37  LYS n 
1 38  ASP n 
1 39  ALA n 
1 40  THR n 
1 41  ASP n 
1 42  ARG n 
1 43  CYS n 
1 44  CYS n 
1 45  LEU n 
1 46  VAL n 
1 47  HIS n 
1 48  ASP n 
1 49  CYS n 
1 50  CYS n 
1 51  TYR n 
1 52  THR n 
1 53  ARG n 
1 54  VAL n 
1 55  GLY n 
1 56  ASP n 
1 57  CYS n 
1 58  SER n 
1 59  PRO n 
1 60  LYS n 
1 61  MET n 
1 62  THR n 
1 63  LEU n 
1 64  TYR n 
1 65  SER n 
1 66  TYR n 
1 67  ARG n 
1 68  PHE n 
1 69  GLU n 
1 70  ASN n 
1 71  GLY n 
1 72  ASP n 
1 73  ILE n 
1 74  ILE n 
1 75  CYS n 
1 76  ASP n 
1 77  ASN n 
1 78  LYS n 
1 79  ASP n 
1 80  PRO n 
1 81  CYS n 
1 82  LYS n 
1 83  ARG n 
1 84  ALA n 
1 85  VAL n 
1 86  CYS n 
1 87  GLU n 
1 88  CYS n 
1 89  ASP n 
1 90  ARG n 
1 91  GLU n 
1 92  ALA n 
1 93  ALA n 
1 94  ILE n 
1 95  CYS n 
1 96  LEU n 
1 97  GLY n 
1 98  GLU n 
1 99  ASN n 
1 100 VAL n 
1 101 ASN n 
1 102 THR n 
1 103 TYR n 
1 104 ASP n 
1 105 LYS n 
1 106 LYS n 
1 107 TYR n 
1 108 LYS n 
1 109 SER n 
1 110 TYR n 
1 111 GLU n 
1 112 ASP n 
1 113 CYS n 
1 114 THR n 
1 115 GLU n 
1 116 GLU n 
1 117 VAL n 
1 118 GLN n 
1 119 GLU n 
1 120 CYS n 
# 
_entity_src_nat.entity_id                  1 
_entity_src_nat.pdbx_src_id                1 
_entity_src_nat.pdbx_alt_source_flag       sample 
_entity_src_nat.pdbx_beg_seq_num           ? 
_entity_src_nat.pdbx_end_seq_num           ? 
_entity_src_nat.common_name                'saw-scaled viper' 
_entity_src_nat.pdbx_organism_scientific   'Echis carinatus' 
_entity_src_nat.pdbx_ncbi_taxonomy_id      40353 
_entity_src_nat.genus                      Echis 
_entity_src_nat.species                    ? 
_entity_src_nat.strain                     ? 
_entity_src_nat.tissue                     ? 
_entity_src_nat.tissue_fraction            ? 
_entity_src_nat.pdbx_secretion             venom 
_entity_src_nat.pdbx_fragment              ? 
_entity_src_nat.pdbx_variant               ? 
_entity_src_nat.pdbx_cell_line             ? 
_entity_src_nat.pdbx_atcc                  ? 
_entity_src_nat.pdbx_cellular_location     ? 
_entity_src_nat.pdbx_organ                 ? 
_entity_src_nat.pdbx_organelle             ? 
_entity_src_nat.pdbx_cell                  ? 
_entity_src_nat.pdbx_plasmid_name          ? 
_entity_src_nat.pdbx_plasmid_details       ? 
_entity_src_nat.details                    ? 
# 
loop_
_chem_comp.id 
_chem_comp.type 
_chem_comp.mon_nstd_flag 
_chem_comp.name 
_chem_comp.pdbx_synonyms 
_chem_comp.formula 
_chem_comp.formula_weight 
ALA 'L-peptide linking' y ALANINE         ? 'C3 H7 N O2'     89.093  
ARG 'L-peptide linking' y ARGININE        ? 'C6 H15 N4 O2 1' 175.209 
ASN 'L-peptide linking' y ASPARAGINE      ? 'C4 H8 N2 O3'    132.118 
ASP 'L-peptide linking' y 'ASPARTIC ACID' ? 'C4 H7 N O4'     133.103 
CA  non-polymer         . 'CALCIUM ION'   ? 'Ca 2'           40.078  
CYS 'L-peptide linking' y CYSTEINE        ? 'C3 H7 N O2 S'   121.158 
GLN 'L-peptide linking' y GLUTAMINE       ? 'C5 H10 N2 O3'   146.144 
GLU 'L-peptide linking' y 'GLUTAMIC ACID' ? 'C5 H9 N O4'     147.129 
GLY 'peptide linking'   y GLYCINE         ? 'C2 H5 N O2'     75.067  
HIS 'L-peptide linking' y HISTIDINE       ? 'C6 H10 N3 O2 1' 156.162 
HOH non-polymer         . WATER           ? 'H2 O'           18.015  
ILE 'L-peptide linking' y ISOLEUCINE      ? 'C6 H13 N O2'    131.173 
LEU 'L-peptide linking' y LEUCINE         ? 'C6 H13 N O2'    131.173 
LYS 'L-peptide linking' y LYSINE          ? 'C6 H15 N2 O2 1' 147.195 
MET 'L-peptide linking' y METHIONINE      ? 'C5 H11 N O2 S'  149.211 
PHE 'L-peptide linking' y PHENYLALANINE   ? 'C9 H11 N O2'    165.189 
PRO 'L-peptide linking' y PROLINE         ? 'C5 H9 N O2'     115.130 
SER 'L-peptide linking' y SERINE          ? 'C3 H7 N O3'     105.093 
THR 'L-peptide linking' y THREONINE       ? 'C4 H9 N O3'     119.119 
TRP 'L-peptide linking' y TRYPTOPHAN      ? 'C11 H12 N2 O2'  204.225 
TYR 'L-peptide linking' y TYROSINE        ? 'C9 H11 N O3'    181.189 
VAL 'L-peptide linking' y VALINE          ? 'C5 H11 N O2'    117.146 
# 
loop_
_pdbx_poly_seq_scheme.asym_id 
_pdbx_poly_seq_scheme.entity_id 
_pdbx_poly_seq_scheme.seq_id 
_pdbx_poly_seq_scheme.mon_id 
_pdbx_poly_seq_scheme.ndb_seq_num 
_pdbx_poly_seq_scheme.pdb_seq_num 
_pdbx_poly_seq_scheme.auth_seq_num 
_pdbx_poly_seq_scheme.pdb_mon_id 
_pdbx_poly_seq_scheme.auth_mon_id 
_pdbx_poly_seq_scheme.pdb_strand_id 
_pdbx_poly_seq_scheme.pdb_ins_code 
_pdbx_poly_seq_scheme.hetero 
A 1 1   ASN 1   1   1   ASN ASN A . n 
A 1 2   LEU 2   2   2   LEU LEU A . n 
A 1 3   TYR 3   3   3   TYR TYR A . n 
A 1 4   GLN 4   4   4   GLN GLN A . n 
A 1 5   PHE 5   5   5   PHE PHE A . n 
A 1 6   GLY 6   6   6   GLY GLY A . n 
A 1 7   ARG 7   7   7   ARG ARG A . n 
A 1 8   MET 8   8   8   MET MET A . n 
A 1 9   ILE 9   9   9   ILE ILE A . n 
A 1 10  TRP 10  10  10  TRP TRP A . n 
A 1 11  ASN 11  11  11  ASN ASN A . n 
A 1 12  ARG 12  12  12  ARG ARG A . n 
A 1 13  THR 13  13  13  THR THR A . n 
A 1 14  GLY 14  14  14  GLY GLY A . n 
A 1 15  LYS 15  16  16  LYS LYS A . n 
A 1 16  LEU 16  17  17  LEU LEU A . n 
A 1 17  PRO 17  18  18  PRO PRO A . n 
A 1 18  ILE 18  19  19  ILE ILE A . n 
A 1 19  LEU 19  20  20  LEU LEU A . n 
A 1 20  SER 20  21  21  SER SER A . n 
A 1 21  TYR 21  22  22  TYR TYR A . n 
A 1 22  GLY 22  23  23  GLY GLY A . n 
A 1 23  SER 23  24  24  SER SER A . n 
A 1 24  TYR 24  25  25  TYR TYR A . n 
A 1 25  GLY 25  26  26  GLY GLY A . n 
A 1 26  CYS 26  27  27  CYS CYS A . n 
A 1 27  TYR 27  28  28  TYR TYR A . n 
A 1 28  CYS 28  29  29  CYS CYS A . n 
A 1 29  GLY 29  30  30  GLY GLY A . n 
A 1 30  TRP 30  31  31  TRP TRP A . n 
A 1 31  GLY 31  32  32  GLY GLY A . n 
A 1 32  GLY 32  33  33  GLY GLY A . n 
A 1 33  GLN 33  34  34  GLN GLN A . n 
A 1 34  GLY 34  35  35  GLY GLY A . n 
A 1 35  PRO 35  36  36  PRO PRO A . n 
A 1 36  PRO 36  37  37  PRO PRO A . n 
A 1 37  LYS 37  38  38  LYS LYS A . n 
A 1 38  ASP 38  39  39  ASP ASP A . n 
A 1 39  ALA 39  40  40  ALA ALA A . n 
A 1 40  THR 40  41  41  THR THR A . n 
A 1 41  ASP 41  42  42  ASP ASP A . n 
A 1 42  ARG 42  43  43  ARG ARG A . n 
A 1 43  CYS 43  44  44  CYS CYS A . n 
A 1 44  CYS 44  45  45  CYS CYS A . n 
A 1 45  LEU 45  46  46  LEU LEU A . n 
A 1 46  VAL 46  47  47  VAL VAL A . n 
A 1 47  HIS 47  48  48  HIS HIS A . n 
A 1 48  ASP 48  49  49  ASP ASP A . n 
A 1 49  CYS 49  50  50  CYS CYS A . n 
A 1 50  CYS 50  51  51  CYS CYS A . n 
A 1 51  TYR 51  52  52  TYR TYR A . n 
A 1 52  THR 52  53  53  THR THR A . n 
A 1 53  ARG 53  54  54  ARG ARG A . n 
A 1 54  VAL 54  55  55  VAL VAL A . n 
A 1 55  GLY 55  56  56  GLY GLY A . n 
A 1 56  ASP 56  59  59  ASP ASP A . n 
A 1 57  CYS 57  61  61  CYS CYS A . n 
A 1 58  SER 58  67  67  SER SER A . n 
A 1 59  PRO 59  68  68  PRO PRO A . n 
A 1 60  LYS 60  69  69  LYS LYS A . n 
A 1 61  MET 61  70  70  MET MET A . n 
A 1 62  THR 62  71  71  THR THR A . n 
A 1 63  LEU 63  72  72  LEU LEU A . n 
A 1 64  TYR 64  73  73  TYR TYR A . n 
A 1 65  SER 65  74  74  SER SER A . n 
A 1 66  TYR 66  75  75  TYR TYR A . n 
A 1 67  ARG 67  76  76  ARG ARG A . n 
A 1 68  PHE 68  77  77  PHE PHE A . n 
A 1 69  GLU 69  78  78  GLU GLU A . n 
A 1 70  ASN 70  79  79  ASN ASN A . n 
A 1 71  GLY 71  80  80  GLY GLY A . n 
A 1 72  ASP 72  81  81  ASP ASP A . n 
A 1 73  ILE 73  82  82  ILE ILE A . n 
A 1 74  ILE 74  83  83  ILE ILE A . n 
A 1 75  CYS 75  84  84  CYS CYS A . n 
A 1 76  ASP 76  85  85  ASP ASP A . n 
A 1 77  ASN 77  86  86  ASN ASN A . n 
A 1 78  LYS 78  88  88  LYS LYS A . n 
A 1 79  ASP 79  89  89  ASP ASP A . n 
A 1 80  PRO 80  90  90  PRO PRO A . n 
A 1 81  CYS 81  91  91  CYS CYS A . n 
A 1 82  LYS 82  92  92  LYS LYS A . n 
A 1 83  ARG 83  93  93  ARG ARG A . n 
A 1 84  ALA 84  94  94  ALA ALA A . n 
A 1 85  VAL 85  95  95  VAL VAL A . n 
A 1 86  CYS 86  96  96  CYS CYS A . n 
A 1 87  GLU 87  97  97  GLU GLU A . n 
A 1 88  CYS 88  98  98  CYS CYS A . n 
A 1 89  ASP 89  99  99  ASP ASP A . n 
A 1 90  ARG 90  100 100 ARG ARG A . n 
A 1 91  GLU 91  101 101 GLU GLU A . n 
A 1 92  ALA 92  102 102 ALA ALA A . n 
A 1 93  ALA 93  103 103 ALA ALA A . n 
A 1 94  ILE 94  104 104 ILE ILE A . n 
A 1 95  CYS 95  105 105 CYS CYS A . n 
A 1 96  LEU 96  106 106 LEU LEU A . n 
A 1 97  GLY 97  107 107 GLY GLY A . n 
A 1 98  GLU 98  108 108 GLU GLU A . n 
A 1 99  ASN 99  109 109 ASN ASN A . n 
A 1 100 VAL 100 110 110 VAL VAL A . n 
A 1 101 ASN 101 111 111 ASN ASN A . n 
A 1 102 THR 102 112 112 THR THR A . n 
A 1 103 TYR 103 113 113 TYR TYR A . n 
A 1 104 ASP 104 114 114 ASP ASP A . n 
A 1 105 LYS 105 115 115 LYS LYS A . n 
A 1 106 LYS 106 116 116 LYS LYS A . n 
A 1 107 TYR 107 117 117 TYR TYR A . n 
A 1 108 LYS 108 118 118 LYS LYS A . n 
A 1 109 SER 109 119 119 SER SER A . n 
A 1 110 TYR 110 120 120 TYR TYR A . n 
A 1 111 GLU 111 121 121 GLU GLU A . n 
A 1 112 ASP 112 122 122 ASP ASP A . n 
A 1 113 CYS 113 125 125 CYS CYS A . n 
A 1 114 THR 114 126 126 THR THR A . n 
A 1 115 GLU 115 127 127 GLU GLU A . n 
A 1 116 GLU 116 128 128 GLU GLU A . n 
A 1 117 VAL 117 129 129 VAL VAL A . n 
A 1 118 GLN 118 130 130 GLN GLN A . n 
A 1 119 GLU 119 131 131 GLU GLU A . n 
A 1 120 CYS 120 133 133 CYS CYS A . n 
# 
loop_
_pdbx_nonpoly_scheme.asym_id 
_pdbx_nonpoly_scheme.entity_id 
_pdbx_nonpoly_scheme.mon_id 
_pdbx_nonpoly_scheme.ndb_seq_num 
_pdbx_nonpoly_scheme.pdb_seq_num 
_pdbx_nonpoly_scheme.auth_seq_num 
_pdbx_nonpoly_scheme.pdb_mon_id 
_pdbx_nonpoly_scheme.auth_mon_id 
_pdbx_nonpoly_scheme.pdb_strand_id 
_pdbx_nonpoly_scheme.pdb_ins_code 
B 2 CA  1  134 101 CA  CA  A . 
C 3 HOH 1  135 1   HOH HOH A . 
C 3 HOH 2  136 2   HOH HOH A . 
C 3 HOH 3  137 3   HOH HOH A . 
C 3 HOH 4  138 4   HOH HOH A . 
C 3 HOH 5  139 5   HOH HOH A . 
C 3 HOH 6  140 6   HOH HOH A . 
C 3 HOH 7  141 7   HOH HOH A . 
C 3 HOH 8  142 8   HOH HOH A . 
C 3 HOH 9  143 9   HOH HOH A . 
C 3 HOH 10 144 10  HOH HOH A . 
C 3 HOH 11 145 11  HOH HOH A . 
C 3 HOH 12 146 12  HOH HOH A . 
C 3 HOH 13 147 13  HOH HOH A . 
C 3 HOH 14 148 14  HOH HOH A . 
C 3 HOH 15 149 15  HOH HOH A . 
C 3 HOH 16 150 16  HOH HOH A . 
C 3 HOH 17 151 17  HOH HOH A . 
C 3 HOH 18 152 18  HOH HOH A . 
C 3 HOH 19 153 19  HOH HOH A . 
C 3 HOH 20 154 20  HOH HOH A . 
C 3 HOH 21 155 21  HOH HOH A . 
C 3 HOH 22 156 22  HOH HOH A . 
C 3 HOH 23 157 23  HOH HOH A . 
C 3 HOH 24 158 24  HOH HOH A . 
C 3 HOH 25 159 25  HOH HOH A . 
C 3 HOH 26 160 26  HOH HOH A . 
C 3 HOH 27 161 27  HOH HOH A . 
C 3 HOH 28 162 28  HOH HOH A . 
C 3 HOH 29 163 29  HOH HOH A . 
C 3 HOH 30 164 30  HOH HOH A . 
C 3 HOH 31 165 31  HOH HOH A . 
C 3 HOH 32 166 32  HOH HOH A . 
C 3 HOH 33 167 33  HOH HOH A . 
C 3 HOH 34 168 34  HOH HOH A . 
C 3 HOH 35 169 35  HOH HOH A . 
C 3 HOH 36 170 36  HOH HOH A . 
C 3 HOH 37 171 37  HOH HOH A . 
C 3 HOH 38 172 38  HOH HOH A . 
C 3 HOH 39 173 39  HOH HOH A . 
C 3 HOH 40 174 40  HOH HOH A . 
C 3 HOH 41 175 41  HOH HOH A . 
C 3 HOH 42 176 42  HOH HOH A . 
C 3 HOH 43 177 43  HOH HOH A . 
C 3 HOH 44 178 44  HOH HOH A . 
C 3 HOH 45 179 45  HOH HOH A . 
C 3 HOH 46 180 46  HOH HOH A . 
C 3 HOH 47 181 47  HOH HOH A . 
C 3 HOH 48 182 48  HOH HOH A . 
C 3 HOH 49 183 49  HOH HOH A . 
C 3 HOH 50 184 50  HOH HOH A . 
C 3 HOH 51 185 51  HOH HOH A . 
C 3 HOH 52 186 52  HOH HOH A . 
C 3 HOH 53 187 53  HOH HOH A . 
C 3 HOH 54 188 54  HOH HOH A . 
C 3 HOH 55 189 55  HOH HOH A . 
C 3 HOH 56 190 56  HOH HOH A . 
C 3 HOH 57 191 57  HOH HOH A . 
C 3 HOH 58 192 58  HOH HOH A . 
C 3 HOH 59 193 59  HOH HOH A . 
C 3 HOH 60 194 60  HOH HOH A . 
C 3 HOH 61 195 61  HOH HOH A . 
C 3 HOH 62 196 62  HOH HOH A . 
C 3 HOH 63 197 63  HOH HOH A . 
C 3 HOH 64 198 64  HOH HOH A . 
C 3 HOH 65 199 65  HOH HOH A . 
C 3 HOH 66 200 66  HOH HOH A . 
C 3 HOH 67 201 67  HOH HOH A . 
C 3 HOH 68 202 68  HOH HOH A . 
C 3 HOH 69 203 69  HOH HOH A . 
C 3 HOH 70 204 70  HOH HOH A . 
C 3 HOH 71 205 71  HOH HOH A . 
C 3 HOH 72 206 72  HOH HOH A . 
C 3 HOH 73 207 73  HOH HOH A . 
C 3 HOH 74 208 74  HOH HOH A . 
C 3 HOH 75 209 75  HOH HOH A . 
C 3 HOH 76 210 76  HOH HOH A . 
C 3 HOH 77 211 77  HOH HOH A . 
C 3 HOH 78 212 78  HOH HOH A . 
C 3 HOH 79 213 79  HOH HOH A . 
C 3 HOH 80 214 80  HOH HOH A . 
C 3 HOH 81 215 81  HOH HOH A . 
C 3 HOH 82 216 82  HOH HOH A . 
C 3 HOH 83 217 83  HOH HOH A . 
C 3 HOH 84 218 84  HOH HOH A . 
C 3 HOH 85 219 85  HOH HOH A . 
C 3 HOH 86 220 86  HOH HOH A . 
C 3 HOH 87 221 87  HOH HOH A . 
C 3 HOH 88 222 88  HOH HOH A . 
C 3 HOH 89 223 89  HOH HOH A . 
C 3 HOH 90 224 90  HOH HOH A . 
# 
loop_
_software.name 
_software.classification 
_software.version 
_software.citation_id 
_software.pdbx_ordinal 
REFMAC    refinement       5.0 ? 1 
DENZO     'data reduction' .   ? 2 
SCALEPACK 'data scaling'   .   ? 3 
MOLREP    phasing          .   ? 4 
# 
_cell.entry_id           1OZ6 
_cell.length_a           63.963 
_cell.length_b           57.876 
_cell.length_c           33.682 
_cell.angle_alpha        90.00 
_cell.angle_beta         90.00 
_cell.angle_gamma        90.00 
_cell.Z_PDB              4 
_cell.pdbx_unique_axis   ? 
# 
_symmetry.entry_id                         1OZ6 
_symmetry.space_group_name_H-M             'P 21 21 2' 
_symmetry.pdbx_full_space_group_name_H-M   ? 
_symmetry.cell_setting                     ? 
_symmetry.Int_Tables_number                18 
# 
_exptl.entry_id          1OZ6 
_exptl.method            'X-RAY DIFFRACTION' 
_exptl.crystals_number   1 
# 
_exptl_crystal.id                    1 
_exptl_crystal.density_meas          ? 
_exptl_crystal.density_Matthews      2.14 
_exptl_crystal.density_percent_sol   41.99 
_exptl_crystal.description           ? 
# 
_exptl_crystal_grow.crystal_id      1 
_exptl_crystal_grow.method          'VAPOR DIFFUSION, HANGING DROP' 
_exptl_crystal_grow.temp            296 
_exptl_crystal_grow.temp_details    ? 
_exptl_crystal_grow.pH              4.5 
_exptl_crystal_grow.pdbx_details    
'50mM Ammonium acetate, 10mM Calcium chloride, 55% ethanol, pH 4.5, VAPOR DIFFUSION, HANGING DROP, temperature 296K' 
_exptl_crystal_grow.pdbx_pH_range   ? 
# 
_diffrn.id                     1 
_diffrn.ambient_temp           283 
_diffrn.ambient_temp_details   ? 
_diffrn.crystal_id             1 
# 
_diffrn_detector.diffrn_id              1 
_diffrn_detector.detector               'IMAGE PLATE' 
_diffrn_detector.type                   MARRESEARCH 
_diffrn_detector.pdbx_collection_date   2002-06-12 
_diffrn_detector.details                mirrors 
# 
_diffrn_radiation.diffrn_id                        1 
_diffrn_radiation.wavelength_id                    1 
_diffrn_radiation.pdbx_monochromatic_or_laue_m_l   M 
_diffrn_radiation.monochromator                    'osmic mirrors' 
_diffrn_radiation.pdbx_diffrn_protocol             'SINGLE WAVELENGTH' 
_diffrn_radiation.pdbx_scattering_type             x-ray 
# 
_diffrn_radiation_wavelength.id           1 
_diffrn_radiation_wavelength.wavelength   1.5418 
_diffrn_radiation_wavelength.wt           1.0 
# 
_diffrn_source.diffrn_id                   1 
_diffrn_source.source                      'ROTATING ANODE' 
_diffrn_source.type                        'RIGAKU RU300' 
_diffrn_source.pdbx_synchrotron_site       ? 
_diffrn_source.pdbx_synchrotron_beamline   ? 
_diffrn_source.pdbx_wavelength             ? 
_diffrn_source.pdbx_wavelength_list        1.5418 
# 
_reflns.entry_id                     1OZ6 
_reflns.observed_criterion_sigma_I   -3 
_reflns.observed_criterion_sigma_F   -3 
_reflns.d_resolution_low             20.0 
_reflns.d_resolution_high            2.60 
_reflns.number_obs                   3944 
_reflns.number_all                   3944 
_reflns.percent_possible_obs         97 
_reflns.pdbx_Rmerge_I_obs            0.098 
_reflns.pdbx_Rsym_value              0.098 
_reflns.pdbx_netI_over_sigmaI        11 
_reflns.B_iso_Wilson_estimate        42.4 
_reflns.pdbx_redundancy              11 
_reflns.R_free_details               ? 
_reflns.limit_h_max                  ? 
_reflns.limit_h_min                  ? 
_reflns.limit_k_max                  ? 
_reflns.limit_k_min                  ? 
_reflns.limit_l_max                  ? 
_reflns.limit_l_min                  ? 
_reflns.observed_criterion_F_max     ? 
_reflns.observed_criterion_F_min     ? 
_reflns.pdbx_diffrn_id               1 
_reflns.pdbx_ordinal                 1 
# 
_reflns_shell.d_res_high             2.60 
_reflns_shell.d_res_low              2.66 
_reflns_shell.percent_possible_all   91 
_reflns_shell.Rmerge_I_obs           0.23 
_reflns_shell.pdbx_Rsym_value        0.23 
_reflns_shell.meanI_over_sigI_obs    2.3 
_reflns_shell.pdbx_redundancy        4 
_reflns_shell.percent_possible_obs   ? 
_reflns_shell.number_unique_all      144 
_reflns_shell.pdbx_diffrn_id         ? 
_reflns_shell.pdbx_ordinal           1 
# 
_refine.entry_id                                 1OZ6 
_refine.ls_number_reflns_obs                     3375 
_refine.ls_number_reflns_all                     3375 
_refine.pdbx_ls_sigma_I                          0.0 
_refine.pdbx_ls_sigma_F                          0.0 
_refine.pdbx_data_cutoff_high_absF               855787.47 
_refine.pdbx_data_cutoff_low_absF                0.000000 
_refine.pdbx_data_cutoff_high_rms_absF           ? 
_refine.ls_d_res_low                             20.00 
_refine.ls_d_res_high                            2.60 
_refine.ls_percent_reflns_obs                    95.7 
_refine.ls_R_factor_obs                          0.207 
_refine.ls_R_factor_all                          0.211 
_refine.ls_R_factor_R_work                       0.192 
_refine.ls_R_factor_R_free                       0.257 
_refine.ls_R_factor_R_free_error                 0.020 
_refine.ls_R_factor_R_free_error_details         ? 
_refine.ls_percent_reflns_R_free                 5.3 
_refine.ls_number_reflns_R_free                  208 
_refine.ls_number_parameters                     ? 
_refine.ls_number_restraints                     ? 
_refine.occupancy_min                            ? 
_refine.occupancy_max                            ? 
_refine.correlation_coeff_Fo_to_Fc               ? 
_refine.correlation_coeff_Fo_to_Fc_free          ? 
_refine.B_iso_mean                               33.9 
_refine.aniso_B[1][1]                            14.62 
_refine.aniso_B[2][2]                            -8.77 
_refine.aniso_B[3][3]                            -5.85 
_refine.aniso_B[1][2]                            0.00 
_refine.aniso_B[1][3]                            0.00 
_refine.aniso_B[2][3]                            0.00 
_refine.solvent_model_details                    'FLAT MODEL' 
_refine.solvent_model_param_ksol                 0.29832 
_refine.solvent_model_param_bsol                 48.3827 
_refine.pdbx_solvent_vdw_probe_radii             ? 
_refine.pdbx_solvent_ion_probe_radii             ? 
_refine.pdbx_solvent_shrinkage_radii             ? 
_refine.pdbx_ls_cross_valid_method               THROUGHOUT 
_refine.details                                  ? 
_refine.pdbx_starting_model                      1cl5 
_refine.pdbx_method_to_determine_struct          'MOLECULAR REPLACEMENT' 
_refine.pdbx_isotropic_thermal_model             RESTRAINED 
_refine.pdbx_stereochemistry_target_values       'MAXIMUM LIKELIHOOD' 
_refine.pdbx_stereochem_target_val_spec_case     ? 
_refine.pdbx_R_Free_selection_details            RANDOM 
_refine.pdbx_overall_ESU_R                       ? 
_refine.pdbx_overall_ESU_R_Free                  ? 
_refine.overall_SU_ML                            ? 
_refine.overall_SU_B                             ? 
_refine.ls_redundancy_reflns_obs                 ? 
_refine.B_iso_min                                ? 
_refine.B_iso_max                                ? 
_refine.overall_SU_R_Cruickshank_DPI             ? 
_refine.overall_SU_R_free                        ? 
_refine.pdbx_refine_id                           'X-RAY DIFFRACTION' 
_refine.pdbx_diffrn_id                           1 
_refine.pdbx_TLS_residual_ADP_flag               ? 
_refine.pdbx_overall_phase_error                 ? 
_refine.pdbx_overall_SU_R_free_Cruickshank_DPI   ? 
_refine.pdbx_overall_SU_R_Blow_DPI               ? 
_refine.pdbx_overall_SU_R_free_Blow_DPI          ? 
# 
_refine_analyze.entry_id                        1OZ6 
_refine_analyze.Luzzati_coordinate_error_obs    0.3 
_refine_analyze.Luzzati_sigma_a_obs             0.38 
_refine_analyze.Luzzati_d_res_low_obs           5.0 
_refine_analyze.Luzzati_coordinate_error_free   0.43 
_refine_analyze.Luzzati_sigma_a_free            0.57 
_refine_analyze.Luzzati_d_res_low_free          ? 
_refine_analyze.number_disordered_residues      ? 
_refine_analyze.occupancy_sum_hydrogen          ? 
_refine_analyze.occupancy_sum_non_hydrogen      ? 
_refine_analyze.pdbx_Luzzati_d_res_high_obs     ? 
_refine_analyze.pdbx_refine_id                  'X-RAY DIFFRACTION' 
# 
_refine_hist.pdbx_refine_id                   'X-RAY DIFFRACTION' 
_refine_hist.cycle_id                         LAST 
_refine_hist.pdbx_number_atoms_protein        951 
_refine_hist.pdbx_number_atoms_nucleic_acid   0 
_refine_hist.pdbx_number_atoms_ligand         1 
_refine_hist.number_atoms_solvent             90 
_refine_hist.number_atoms_total               1042 
_refine_hist.d_res_high                       2.60 
_refine_hist.d_res_low                        20.00 
# 
loop_
_refine_ls_restr.type 
_refine_ls_restr.dev_ideal 
_refine_ls_restr.dev_ideal_target 
_refine_ls_restr.weight 
_refine_ls_restr.number 
_refine_ls_restr.pdbx_refine_id 
_refine_ls_restr.pdbx_restraint_function 
r_bond_d                0.006 ?    ? ? 'X-RAY DIFFRACTION' ? 
r_bond_d_na             ?     ?    ? ? 'X-RAY DIFFRACTION' ? 
r_bond_d_prot           ?     ?    ? ? 'X-RAY DIFFRACTION' ? 
r_angle_d               ?     ?    ? ? 'X-RAY DIFFRACTION' ? 
r_angle_d_na            ?     ?    ? ? 'X-RAY DIFFRACTION' ? 
r_angle_d_prot          ?     ?    ? ? 'X-RAY DIFFRACTION' ? 
r_angle_deg             1.2   ?    ? ? 'X-RAY DIFFRACTION' ? 
r_angle_deg_na          ?     ?    ? ? 'X-RAY DIFFRACTION' ? 
r_angle_deg_prot        ?     ?    ? ? 'X-RAY DIFFRACTION' ? 
r_dihedral_angle_d      22.9  ?    ? ? 'X-RAY DIFFRACTION' ? 
r_dihedral_angle_d_na   ?     ?    ? ? 'X-RAY DIFFRACTION' ? 
r_dihedral_angle_d_prot ?     ?    ? ? 'X-RAY DIFFRACTION' ? 
r_improper_angle_d      0.77  ?    ? ? 'X-RAY DIFFRACTION' ? 
r_improper_angle_d_na   ?     ?    ? ? 'X-RAY DIFFRACTION' ? 
r_improper_angle_d_prot ?     ?    ? ? 'X-RAY DIFFRACTION' ? 
r_mcbond_it             1.44  1.50 ? ? 'X-RAY DIFFRACTION' ? 
r_mcangle_it            2.43  2.00 ? ? 'X-RAY DIFFRACTION' ? 
r_scbond_it             2.41  2.00 ? ? 'X-RAY DIFFRACTION' ? 
r_scangle_it            3.76  2.50 ? ? 'X-RAY DIFFRACTION' ? 
# 
_refine_ls_shell.pdbx_total_number_of_bins_used   6 
_refine_ls_shell.d_res_high                       2.60 
_refine_ls_shell.d_res_low                        2.76 
_refine_ls_shell.number_reflns_R_work             542 
_refine_ls_shell.R_factor_R_work                  0.276 
_refine_ls_shell.percent_reflns_obs               87.1 
_refine_ls_shell.R_factor_R_free                  0.341 
_refine_ls_shell.R_factor_R_free_error            0.078 
_refine_ls_shell.percent_reflns_R_free            5.4 
_refine_ls_shell.number_reflns_R_free             31 
_refine_ls_shell.number_reflns_obs                144 
_refine_ls_shell.redundancy_reflns_obs            ? 
_refine_ls_shell.number_reflns_all                ? 
_refine_ls_shell.pdbx_refine_id                   'X-RAY DIFFRACTION' 
_refine_ls_shell.R_factor_all                     ? 
# 
loop_
_pdbx_xplor_file.serial_no 
_pdbx_xplor_file.param_file 
_pdbx_xplor_file.topol_file 
_pdbx_xplor_file.pdbx_refine_id 
1 PROTEIN_REP.PARAM PROTEIN.TOP 'X-RAY DIFFRACTION' 
2 ION.PARAM         WATER.TOP   'X-RAY DIFFRACTION' 
3 WATER.PARAM       ION.TOP     'X-RAY DIFFRACTION' 
# 
_struct.entry_id                  1OZ6 
_struct.title                     
;X-ray structure of acidic phospholipase A2 from Indian saw-scaled viper (Echis carinatus) with a potent platelet aggregation inhibitory activity
;
_struct.pdbx_model_details        ? 
_struct.pdbx_CASP_flag            ? 
_struct.pdbx_model_type_details   ? 
# 
_struct_keywords.entry_id        1OZ6 
_struct_keywords.pdbx_keywords   HYDROLASE 
_struct_keywords.text            'enzyme, PLA2, hydrolase' 
# 
loop_
_struct_asym.id 
_struct_asym.pdbx_blank_PDB_chainid_flag 
_struct_asym.pdbx_modified 
_struct_asym.entity_id 
_struct_asym.details 
A N N 1 ? 
B N N 2 ? 
C N N 3 ? 
# 
_struct_ref.id                         1 
_struct_ref.db_name                    UNP 
_struct_ref.db_code                    Q7T3S7_ECHCA 
_struct_ref.entity_id                  1 
_struct_ref.pdbx_seq_one_letter_code   
;NLYQFGRMIWNRTGKLPILSYGSYGCYCGWGGQGPPKDATDRCCLVHDCCYTRVGDCSPKMTLYSYRFENGDIICDNKDP
CKRAVCECDREAAICLGENVNTYDKKYKSYEDCTEEVQEC
;
_struct_ref.pdbx_align_begin           17 
_struct_ref.pdbx_db_accession          Q7T3S7 
_struct_ref.pdbx_db_isoform            ? 
# 
_struct_ref_seq.align_id                      1 
_struct_ref_seq.ref_id                        1 
_struct_ref_seq.pdbx_PDB_id_code              1OZ6 
_struct_ref_seq.pdbx_strand_id                A 
_struct_ref_seq.seq_align_beg                 1 
_struct_ref_seq.pdbx_seq_align_beg_ins_code   ? 
_struct_ref_seq.seq_align_end                 120 
_struct_ref_seq.pdbx_seq_align_end_ins_code   ? 
_struct_ref_seq.pdbx_db_accession             Q7T3S7 
_struct_ref_seq.db_align_beg                  17 
_struct_ref_seq.pdbx_db_align_beg_ins_code    ? 
_struct_ref_seq.db_align_end                  136 
_struct_ref_seq.pdbx_db_align_end_ins_code    ? 
_struct_ref_seq.pdbx_auth_seq_align_beg       1 
_struct_ref_seq.pdbx_auth_seq_align_end       133 
# 
_pdbx_struct_assembly.id                   1 
_pdbx_struct_assembly.details              author_defined_assembly 
_pdbx_struct_assembly.method_details       ? 
_pdbx_struct_assembly.oligomeric_details   monomeric 
_pdbx_struct_assembly.oligomeric_count     1 
# 
_pdbx_struct_assembly_gen.assembly_id       1 
_pdbx_struct_assembly_gen.oper_expression   1 
_pdbx_struct_assembly_gen.asym_id_list      A,B,C 
# 
_pdbx_struct_oper_list.id                   1 
_pdbx_struct_oper_list.type                 'identity operation' 
_pdbx_struct_oper_list.name                 1_555 
_pdbx_struct_oper_list.symmetry_operation   x,y,z 
_pdbx_struct_oper_list.matrix[1][1]         1.0000000000 
_pdbx_struct_oper_list.matrix[1][2]         0.0000000000 
_pdbx_struct_oper_list.matrix[1][3]         0.0000000000 
_pdbx_struct_oper_list.vector[1]            0.0000000000 
_pdbx_struct_oper_list.matrix[2][1]         0.0000000000 
_pdbx_struct_oper_list.matrix[2][2]         1.0000000000 
_pdbx_struct_oper_list.matrix[2][3]         0.0000000000 
_pdbx_struct_oper_list.vector[2]            0.0000000000 
_pdbx_struct_oper_list.matrix[3][1]         0.0000000000 
_pdbx_struct_oper_list.matrix[3][2]         0.0000000000 
_pdbx_struct_oper_list.matrix[3][3]         1.0000000000 
_pdbx_struct_oper_list.vector[3]            0.0000000000 
# 
loop_
_struct_conf.conf_type_id 
_struct_conf.id 
_struct_conf.pdbx_PDB_helix_id 
_struct_conf.beg_label_comp_id 
_struct_conf.beg_label_asym_id 
_struct_conf.beg_label_seq_id 
_struct_conf.pdbx_beg_PDB_ins_code 
_struct_conf.end_label_comp_id 
_struct_conf.end_label_asym_id 
_struct_conf.end_label_seq_id 
_struct_conf.pdbx_end_PDB_ins_code 
_struct_conf.beg_auth_comp_id 
_struct_conf.beg_auth_asym_id 
_struct_conf.beg_auth_seq_id 
_struct_conf.end_auth_comp_id 
_struct_conf.end_auth_asym_id 
_struct_conf.end_auth_seq_id 
_struct_conf.pdbx_PDB_helix_class 
_struct_conf.details 
_struct_conf.pdbx_PDB_helix_length 
HELX_P HELX_P1 1 ASN A 1   ? GLY A 14  ? ASN A 1   GLY A 14  1 ? 14 
HELX_P HELX_P2 2 LEU A 16  ? GLY A 22  ? LEU A 17  GLY A 23  1 ? 7  
HELX_P HELX_P3 3 ASP A 38  ? VAL A 54  ? ASP A 39  VAL A 55  1 ? 17 
HELX_P HELX_P4 4 ASP A 79  ? GLU A 98  ? ASP A 89  GLU A 108 1 ? 20 
HELX_P HELX_P5 5 ASN A 99  ? TYR A 103 ? ASN A 109 TYR A 113 5 ? 5  
HELX_P HELX_P6 6 ASP A 104 ? SER A 109 ? ASP A 114 SER A 119 5 ? 6  
# 
_struct_conf_type.id          HELX_P 
_struct_conf_type.criteria    ? 
_struct_conf_type.reference   ? 
# 
loop_
_struct_conn.id 
_struct_conn.conn_type_id 
_struct_conn.pdbx_leaving_atom_flag 
_struct_conn.pdbx_PDB_id 
_struct_conn.ptnr1_label_asym_id 
_struct_conn.ptnr1_label_comp_id 
_struct_conn.ptnr1_label_seq_id 
_struct_conn.ptnr1_label_atom_id 
_struct_conn.pdbx_ptnr1_label_alt_id 
_struct_conn.pdbx_ptnr1_PDB_ins_code 
_struct_conn.pdbx_ptnr1_standard_comp_id 
_struct_conn.ptnr1_symmetry 
_struct_conn.ptnr2_label_asym_id 
_struct_conn.ptnr2_label_comp_id 
_struct_conn.ptnr2_label_seq_id 
_struct_conn.ptnr2_label_atom_id 
_struct_conn.pdbx_ptnr2_label_alt_id 
_struct_conn.pdbx_ptnr2_PDB_ins_code 
_struct_conn.ptnr1_auth_asym_id 
_struct_conn.ptnr1_auth_comp_id 
_struct_conn.ptnr1_auth_seq_id 
_struct_conn.ptnr2_auth_asym_id 
_struct_conn.ptnr2_auth_comp_id 
_struct_conn.ptnr2_auth_seq_id 
_struct_conn.ptnr2_symmetry 
_struct_conn.pdbx_ptnr3_label_atom_id 
_struct_conn.pdbx_ptnr3_label_seq_id 
_struct_conn.pdbx_ptnr3_label_comp_id 
_struct_conn.pdbx_ptnr3_label_asym_id 
_struct_conn.pdbx_ptnr3_label_alt_id 
_struct_conn.pdbx_ptnr3_PDB_ins_code 
_struct_conn.details 
_struct_conn.pdbx_dist_value 
_struct_conn.pdbx_value_order 
_struct_conn.pdbx_role 
disulf1 disulf ? ? A CYS 26 SG  ? ? ? 1_555 A CYS 113 SG ? ? A CYS 27  A CYS 125 1_555 ? ? ? ? ? ? ? 2.027 ? ? 
disulf2 disulf ? ? A CYS 28 SG  ? ? ? 1_555 A CYS 44  SG ? ? A CYS 29  A CYS 45  1_555 ? ? ? ? ? ? ? 2.033 ? ? 
disulf3 disulf ? ? A CYS 43 SG  ? ? ? 1_555 A CYS 95  SG ? ? A CYS 44  A CYS 105 1_555 ? ? ? ? ? ? ? 2.032 ? ? 
disulf4 disulf ? ? A CYS 49 SG  ? ? ? 1_555 A CYS 120 SG ? ? A CYS 50  A CYS 133 1_555 ? ? ? ? ? ? ? 2.029 ? ? 
disulf5 disulf ? ? A CYS 50 SG  ? ? ? 1_555 A CYS 88  SG ? ? A CYS 51  A CYS 98  1_555 ? ? ? ? ? ? ? 2.026 ? ? 
disulf6 disulf ? ? A CYS 57 SG  ? ? ? 1_555 A CYS 81  SG ? ? A CYS 61  A CYS 91  1_555 ? ? ? ? ? ? ? 2.032 ? ? 
disulf7 disulf ? ? A CYS 75 SG  ? ? ? 1_555 A CYS 86  SG ? ? A CYS 84  A CYS 96  1_555 ? ? ? ? ? ? ? 2.028 ? ? 
metalc1 metalc ? ? A TYR 27 O   ? ? ? 1_555 B CA  .   CA ? ? A TYR 28  A CA  134 1_555 ? ? ? ? ? ? ? 2.465 ? ? 
metalc2 metalc ? ? A GLY 29 O   ? ? ? 1_555 B CA  .   CA ? ? A GLY 30  A CA  134 1_555 ? ? ? ? ? ? ? 2.718 ? ? 
metalc3 metalc ? ? A GLY 31 O   ? ? ? 1_555 B CA  .   CA ? ? A GLY 32  A CA  134 1_555 ? ? ? ? ? ? ? 2.639 ? ? 
metalc4 metalc ? ? A ASP 48 OD1 ? ? ? 1_555 B CA  .   CA ? ? A ASP 49  A CA  134 1_555 ? ? ? ? ? ? ? 2.943 ? ? 
metalc5 metalc ? ? A ASP 48 OD2 ? ? ? 1_555 B CA  .   CA ? ? A ASP 49  A CA  134 1_555 ? ? ? ? ? ? ? 2.712 ? ? 
metalc6 metalc ? ? A ASN 70 OD1 ? ? ? 3_645 B CA  .   CA ? ? A ASN 79  A CA  134 1_555 ? ? ? ? ? ? ? 2.971 ? ? 
metalc7 metalc ? ? B CA  .  CA  ? ? ? 1_555 C HOH .   O  ? ? A CA  134 A HOH 224 1_555 ? ? ? ? ? ? ? 2.542 ? ? 
# 
loop_
_struct_conn_type.id 
_struct_conn_type.criteria 
_struct_conn_type.reference 
disulf ? ? 
metalc ? ? 
# 
loop_
_pdbx_struct_conn_angle.id 
_pdbx_struct_conn_angle.ptnr1_label_atom_id 
_pdbx_struct_conn_angle.ptnr1_label_alt_id 
_pdbx_struct_conn_angle.ptnr1_label_asym_id 
_pdbx_struct_conn_angle.ptnr1_label_comp_id 
_pdbx_struct_conn_angle.ptnr1_label_seq_id 
_pdbx_struct_conn_angle.ptnr1_auth_atom_id 
_pdbx_struct_conn_angle.ptnr1_auth_asym_id 
_pdbx_struct_conn_angle.ptnr1_auth_comp_id 
_pdbx_struct_conn_angle.ptnr1_auth_seq_id 
_pdbx_struct_conn_angle.ptnr1_PDB_ins_code 
_pdbx_struct_conn_angle.ptnr1_symmetry 
_pdbx_struct_conn_angle.ptnr2_label_atom_id 
_pdbx_struct_conn_angle.ptnr2_label_alt_id 
_pdbx_struct_conn_angle.ptnr2_label_asym_id 
_pdbx_struct_conn_angle.ptnr2_label_comp_id 
_pdbx_struct_conn_angle.ptnr2_label_seq_id 
_pdbx_struct_conn_angle.ptnr2_auth_atom_id 
_pdbx_struct_conn_angle.ptnr2_auth_asym_id 
_pdbx_struct_conn_angle.ptnr2_auth_comp_id 
_pdbx_struct_conn_angle.ptnr2_auth_seq_id 
_pdbx_struct_conn_angle.ptnr2_PDB_ins_code 
_pdbx_struct_conn_angle.ptnr2_symmetry 
_pdbx_struct_conn_angle.ptnr3_label_atom_id 
_pdbx_struct_conn_angle.ptnr3_label_alt_id 
_pdbx_struct_conn_angle.ptnr3_label_asym_id 
_pdbx_struct_conn_angle.ptnr3_label_comp_id 
_pdbx_struct_conn_angle.ptnr3_label_seq_id 
_pdbx_struct_conn_angle.ptnr3_auth_atom_id 
_pdbx_struct_conn_angle.ptnr3_auth_asym_id 
_pdbx_struct_conn_angle.ptnr3_auth_comp_id 
_pdbx_struct_conn_angle.ptnr3_auth_seq_id 
_pdbx_struct_conn_angle.ptnr3_PDB_ins_code 
_pdbx_struct_conn_angle.ptnr3_symmetry 
_pdbx_struct_conn_angle.value 
_pdbx_struct_conn_angle.value_esd 
1  O   ? A TYR 27 ? A TYR 28 ? 1_555 CA ? B CA . ? A CA 134 ? 1_555 O   ? A GLY 29 ? A GLY 30  ? 1_555 83.9  ? 
2  O   ? A TYR 27 ? A TYR 28 ? 1_555 CA ? B CA . ? A CA 134 ? 1_555 O   ? A GLY 31 ? A GLY 32  ? 1_555 110.6 ? 
3  O   ? A GLY 29 ? A GLY 30 ? 1_555 CA ? B CA . ? A CA 134 ? 1_555 O   ? A GLY 31 ? A GLY 32  ? 1_555 100.6 ? 
4  O   ? A TYR 27 ? A TYR 28 ? 1_555 CA ? B CA . ? A CA 134 ? 1_555 OD1 ? A ASP 48 ? A ASP 49  ? 1_555 84.5  ? 
5  O   ? A GLY 29 ? A GLY 30 ? 1_555 CA ? B CA . ? A CA 134 ? 1_555 OD1 ? A ASP 48 ? A ASP 49  ? 1_555 143.1 ? 
6  O   ? A GLY 31 ? A GLY 32 ? 1_555 CA ? B CA . ? A CA 134 ? 1_555 OD1 ? A ASP 48 ? A ASP 49  ? 1_555 116.3 ? 
7  O   ? A TYR 27 ? A TYR 28 ? 1_555 CA ? B CA . ? A CA 134 ? 1_555 OD2 ? A ASP 48 ? A ASP 49  ? 1_555 96.1  ? 
8  O   ? A GLY 29 ? A GLY 30 ? 1_555 CA ? B CA . ? A CA 134 ? 1_555 OD2 ? A ASP 48 ? A ASP 49  ? 1_555 171.1 ? 
9  O   ? A GLY 31 ? A GLY 32 ? 1_555 CA ? B CA . ? A CA 134 ? 1_555 OD2 ? A ASP 48 ? A ASP 49  ? 1_555 71.1  ? 
10 OD1 ? A ASP 48 ? A ASP 49 ? 1_555 CA ? B CA . ? A CA 134 ? 1_555 OD2 ? A ASP 48 ? A ASP 49  ? 1_555 45.4  ? 
11 O   ? A TYR 27 ? A TYR 28 ? 1_555 CA ? B CA . ? A CA 134 ? 1_555 OD1 ? A ASN 70 ? A ASN 79  ? 3_645 173.2 ? 
12 O   ? A GLY 29 ? A GLY 30 ? 1_555 CA ? B CA . ? A CA 134 ? 1_555 OD1 ? A ASN 70 ? A ASN 79  ? 3_645 97.0  ? 
13 O   ? A GLY 31 ? A GLY 32 ? 1_555 CA ? B CA . ? A CA 134 ? 1_555 OD1 ? A ASN 70 ? A ASN 79  ? 3_645 75.9  ? 
14 OD1 ? A ASP 48 ? A ASP 49 ? 1_555 CA ? B CA . ? A CA 134 ? 1_555 OD1 ? A ASN 70 ? A ASN 79  ? 3_645 90.9  ? 
15 OD2 ? A ASP 48 ? A ASP 49 ? 1_555 CA ? B CA . ? A CA 134 ? 1_555 OD1 ? A ASN 70 ? A ASN 79  ? 3_645 84.1  ? 
16 O   ? A TYR 27 ? A TYR 28 ? 1_555 CA ? B CA . ? A CA 134 ? 1_555 O   ? C HOH .  ? A HOH 224 ? 1_555 92.2  ? 
17 O   ? A GLY 29 ? A GLY 30 ? 1_555 CA ? B CA . ? A CA 134 ? 1_555 O   ? C HOH .  ? A HOH 224 ? 1_555 58.9  ? 
18 O   ? A GLY 31 ? A GLY 32 ? 1_555 CA ? B CA . ? A CA 134 ? 1_555 O   ? C HOH .  ? A HOH 224 ? 1_555 148.2 ? 
19 OD1 ? A ASP 48 ? A ASP 49 ? 1_555 CA ? B CA . ? A CA 134 ? 1_555 O   ? C HOH .  ? A HOH 224 ? 1_555 86.8  ? 
20 OD2 ? A ASP 48 ? A ASP 49 ? 1_555 CA ? B CA . ? A CA 134 ? 1_555 O   ? C HOH .  ? A HOH 224 ? 1_555 129.9 ? 
21 OD1 ? A ASN 70 ? A ASN 79 ? 3_645 CA ? B CA . ? A CA 134 ? 1_555 O   ? C HOH .  ? A HOH 224 ? 1_555 82.6  ? 
# 
loop_
_pdbx_modification_feature.ordinal 
_pdbx_modification_feature.label_comp_id 
_pdbx_modification_feature.label_asym_id 
_pdbx_modification_feature.label_seq_id 
_pdbx_modification_feature.label_alt_id 
_pdbx_modification_feature.modified_residue_label_comp_id 
_pdbx_modification_feature.modified_residue_label_asym_id 
_pdbx_modification_feature.modified_residue_label_seq_id 
_pdbx_modification_feature.modified_residue_label_alt_id 
_pdbx_modification_feature.auth_comp_id 
_pdbx_modification_feature.auth_asym_id 
_pdbx_modification_feature.auth_seq_id 
_pdbx_modification_feature.PDB_ins_code 
_pdbx_modification_feature.symmetry 
_pdbx_modification_feature.modified_residue_auth_comp_id 
_pdbx_modification_feature.modified_residue_auth_asym_id 
_pdbx_modification_feature.modified_residue_auth_seq_id 
_pdbx_modification_feature.modified_residue_PDB_ins_code 
_pdbx_modification_feature.modified_residue_symmetry 
_pdbx_modification_feature.comp_id_linking_atom 
_pdbx_modification_feature.modified_residue_id_linking_atom 
_pdbx_modification_feature.modified_residue_id 
_pdbx_modification_feature.ref_pcm_id 
_pdbx_modification_feature.ref_comp_id 
_pdbx_modification_feature.type 
_pdbx_modification_feature.category 
1 CYS A 26 ? CYS A 113 ? CYS A 27 ? 1_555 CYS A 125 ? 1_555 SG SG . . . None 'Disulfide bridge' 
2 CYS A 28 ? CYS A 44  ? CYS A 29 ? 1_555 CYS A 45  ? 1_555 SG SG . . . None 'Disulfide bridge' 
3 CYS A 43 ? CYS A 95  ? CYS A 44 ? 1_555 CYS A 105 ? 1_555 SG SG . . . None 'Disulfide bridge' 
4 CYS A 49 ? CYS A 120 ? CYS A 50 ? 1_555 CYS A 133 ? 1_555 SG SG . . . None 'Disulfide bridge' 
5 CYS A 50 ? CYS A 88  ? CYS A 51 ? 1_555 CYS A 98  ? 1_555 SG SG . . . None 'Disulfide bridge' 
6 CYS A 57 ? CYS A 81  ? CYS A 61 ? 1_555 CYS A 91  ? 1_555 SG SG . . . None 'Disulfide bridge' 
7 CYS A 75 ? CYS A 86  ? CYS A 84 ? 1_555 CYS A 96  ? 1_555 SG SG . . . None 'Disulfide bridge' 
# 
_struct_sheet.id               A 
_struct_sheet.type             ? 
_struct_sheet.number_strands   2 
_struct_sheet.details          ? 
# 
_struct_sheet_order.sheet_id     A 
_struct_sheet_order.range_id_1   1 
_struct_sheet_order.range_id_2   2 
_struct_sheet_order.offset       ? 
_struct_sheet_order.sense        anti-parallel 
# 
loop_
_struct_sheet_range.sheet_id 
_struct_sheet_range.id 
_struct_sheet_range.beg_label_comp_id 
_struct_sheet_range.beg_label_asym_id 
_struct_sheet_range.beg_label_seq_id 
_struct_sheet_range.pdbx_beg_PDB_ins_code 
_struct_sheet_range.end_label_comp_id 
_struct_sheet_range.end_label_asym_id 
_struct_sheet_range.end_label_seq_id 
_struct_sheet_range.pdbx_end_PDB_ins_code 
_struct_sheet_range.beg_auth_comp_id 
_struct_sheet_range.beg_auth_asym_id 
_struct_sheet_range.beg_auth_seq_id 
_struct_sheet_range.end_auth_comp_id 
_struct_sheet_range.end_auth_asym_id 
_struct_sheet_range.end_auth_seq_id 
A 1 TYR A 66 ? GLU A 69 ? TYR A 75 GLU A 78 
A 2 ASP A 72 ? CYS A 75 ? ASP A 81 CYS A 84 
# 
_pdbx_struct_sheet_hbond.sheet_id                A 
_pdbx_struct_sheet_hbond.range_id_1              1 
_pdbx_struct_sheet_hbond.range_id_2              2 
_pdbx_struct_sheet_hbond.range_1_label_atom_id   N 
_pdbx_struct_sheet_hbond.range_1_label_comp_id   ARG 
_pdbx_struct_sheet_hbond.range_1_label_asym_id   A 
_pdbx_struct_sheet_hbond.range_1_label_seq_id    67 
_pdbx_struct_sheet_hbond.range_1_PDB_ins_code    ? 
_pdbx_struct_sheet_hbond.range_1_auth_atom_id    N 
_pdbx_struct_sheet_hbond.range_1_auth_comp_id    ARG 
_pdbx_struct_sheet_hbond.range_1_auth_asym_id    A 
_pdbx_struct_sheet_hbond.range_1_auth_seq_id     76 
_pdbx_struct_sheet_hbond.range_2_label_atom_id   O 
_pdbx_struct_sheet_hbond.range_2_label_comp_id   ILE 
_pdbx_struct_sheet_hbond.range_2_label_asym_id   A 
_pdbx_struct_sheet_hbond.range_2_label_seq_id    74 
_pdbx_struct_sheet_hbond.range_2_PDB_ins_code    ? 
_pdbx_struct_sheet_hbond.range_2_auth_atom_id    O 
_pdbx_struct_sheet_hbond.range_2_auth_comp_id    ILE 
_pdbx_struct_sheet_hbond.range_2_auth_asym_id    A 
_pdbx_struct_sheet_hbond.range_2_auth_seq_id     83 
# 
_struct_site.id                   AC1 
_struct_site.pdbx_evidence_code   Software 
_struct_site.pdbx_auth_asym_id    A 
_struct_site.pdbx_auth_comp_id    CA 
_struct_site.pdbx_auth_seq_id     134 
_struct_site.pdbx_auth_ins_code   ? 
_struct_site.pdbx_num_residues    6 
_struct_site.details              'BINDING SITE FOR RESIDUE CA A 134' 
# 
loop_
_struct_site_gen.id 
_struct_site_gen.site_id 
_struct_site_gen.pdbx_num_res 
_struct_site_gen.label_comp_id 
_struct_site_gen.label_asym_id 
_struct_site_gen.label_seq_id 
_struct_site_gen.pdbx_auth_ins_code 
_struct_site_gen.auth_comp_id 
_struct_site_gen.auth_asym_id 
_struct_site_gen.auth_seq_id 
_struct_site_gen.label_atom_id 
_struct_site_gen.label_alt_id 
_struct_site_gen.symmetry 
_struct_site_gen.details 
1 AC1 6 TYR A 27 ? TYR A 28  . ? 1_555 ? 
2 AC1 6 GLY A 29 ? GLY A 30  . ? 1_555 ? 
3 AC1 6 GLY A 31 ? GLY A 32  . ? 1_555 ? 
4 AC1 6 ASP A 48 ? ASP A 49  . ? 1_555 ? 
5 AC1 6 ASN A 70 ? ASN A 79  . ? 3_645 ? 
6 AC1 6 HOH C .  ? HOH A 224 . ? 1_555 ? 
# 
_pdbx_entry_details.entry_id                   1OZ6 
_pdbx_entry_details.compound_details           ? 
_pdbx_entry_details.source_details             ? 
_pdbx_entry_details.nonpolymer_details         ? 
_pdbx_entry_details.sequence_details           ? 
_pdbx_entry_details.has_ligand_of_interest     ? 
_pdbx_entry_details.has_protein_modification   Y 
# 
_pdbx_validate_symm_contact.id                1 
_pdbx_validate_symm_contact.PDB_model_num     1 
_pdbx_validate_symm_contact.auth_atom_id_1    O 
_pdbx_validate_symm_contact.auth_asym_id_1    A 
_pdbx_validate_symm_contact.auth_comp_id_1    HOH 
_pdbx_validate_symm_contact.auth_seq_id_1     152 
_pdbx_validate_symm_contact.PDB_ins_code_1    ? 
_pdbx_validate_symm_contact.label_alt_id_1    ? 
_pdbx_validate_symm_contact.site_symmetry_1   1_555 
_pdbx_validate_symm_contact.auth_atom_id_2    O 
_pdbx_validate_symm_contact.auth_asym_id_2    A 
_pdbx_validate_symm_contact.auth_comp_id_2    HOH 
_pdbx_validate_symm_contact.auth_seq_id_2     152 
_pdbx_validate_symm_contact.PDB_ins_code_2    ? 
_pdbx_validate_symm_contact.label_alt_id_2    ? 
_pdbx_validate_symm_contact.site_symmetry_2   2_755 
_pdbx_validate_symm_contact.dist              1.82 
# 
loop_
_pdbx_validate_torsion.id 
_pdbx_validate_torsion.PDB_model_num 
_pdbx_validate_torsion.auth_comp_id 
_pdbx_validate_torsion.auth_asym_id 
_pdbx_validate_torsion.auth_seq_id 
_pdbx_validate_torsion.PDB_ins_code 
_pdbx_validate_torsion.label_alt_id 
_pdbx_validate_torsion.phi 
_pdbx_validate_torsion.psi 
1 1 PRO A 18 ? ? -28.45  -75.43 
2 1 VAL A 55 ? ? -94.67  52.59  
3 1 ASP A 85 ? ? -113.33 61.11  
# 
loop_
_chem_comp_atom.comp_id 
_chem_comp_atom.atom_id 
_chem_comp_atom.type_symbol 
_chem_comp_atom.pdbx_aromatic_flag 
_chem_comp_atom.pdbx_stereo_config 
_chem_comp_atom.pdbx_ordinal 
ALA N    N  N N 1   
ALA CA   C  N S 2   
ALA C    C  N N 3   
ALA O    O  N N 4   
ALA CB   C  N N 5   
ALA OXT  O  N N 6   
ALA H    H  N N 7   
ALA H2   H  N N 8   
ALA HA   H  N N 9   
ALA HB1  H  N N 10  
ALA HB2  H  N N 11  
ALA HB3  H  N N 12  
ALA HXT  H  N N 13  
ARG N    N  N N 14  
ARG CA   C  N S 15  
ARG C    C  N N 16  
ARG O    O  N N 17  
ARG CB   C  N N 18  
ARG CG   C  N N 19  
ARG CD   C  N N 20  
ARG NE   N  N N 21  
ARG CZ   C  N N 22  
ARG NH1  N  N N 23  
ARG NH2  N  N N 24  
ARG OXT  O  N N 25  
ARG H    H  N N 26  
ARG H2   H  N N 27  
ARG HA   H  N N 28  
ARG HB2  H  N N 29  
ARG HB3  H  N N 30  
ARG HG2  H  N N 31  
ARG HG3  H  N N 32  
ARG HD2  H  N N 33  
ARG HD3  H  N N 34  
ARG HE   H  N N 35  
ARG HH11 H  N N 36  
ARG HH12 H  N N 37  
ARG HH21 H  N N 38  
ARG HH22 H  N N 39  
ARG HXT  H  N N 40  
ASN N    N  N N 41  
ASN CA   C  N S 42  
ASN C    C  N N 43  
ASN O    O  N N 44  
ASN CB   C  N N 45  
ASN CG   C  N N 46  
ASN OD1  O  N N 47  
ASN ND2  N  N N 48  
ASN OXT  O  N N 49  
ASN H    H  N N 50  
ASN H2   H  N N 51  
ASN HA   H  N N 52  
ASN HB2  H  N N 53  
ASN HB3  H  N N 54  
ASN HD21 H  N N 55  
ASN HD22 H  N N 56  
ASN HXT  H  N N 57  
ASP N    N  N N 58  
ASP CA   C  N S 59  
ASP C    C  N N 60  
ASP O    O  N N 61  
ASP CB   C  N N 62  
ASP CG   C  N N 63  
ASP OD1  O  N N 64  
ASP OD2  O  N N 65  
ASP OXT  O  N N 66  
ASP H    H  N N 67  
ASP H2   H  N N 68  
ASP HA   H  N N 69  
ASP HB2  H  N N 70  
ASP HB3  H  N N 71  
ASP HD2  H  N N 72  
ASP HXT  H  N N 73  
CA  CA   CA N N 74  
CYS N    N  N N 75  
CYS CA   C  N R 76  
CYS C    C  N N 77  
CYS O    O  N N 78  
CYS CB   C  N N 79  
CYS SG   S  N N 80  
CYS OXT  O  N N 81  
CYS H    H  N N 82  
CYS H2   H  N N 83  
CYS HA   H  N N 84  
CYS HB2  H  N N 85  
CYS HB3  H  N N 86  
CYS HG   H  N N 87  
CYS HXT  H  N N 88  
GLN N    N  N N 89  
GLN CA   C  N S 90  
GLN C    C  N N 91  
GLN O    O  N N 92  
GLN CB   C  N N 93  
GLN CG   C  N N 94  
GLN CD   C  N N 95  
GLN OE1  O  N N 96  
GLN NE2  N  N N 97  
GLN OXT  O  N N 98  
GLN H    H  N N 99  
GLN H2   H  N N 100 
GLN HA   H  N N 101 
GLN HB2  H  N N 102 
GLN HB3  H  N N 103 
GLN HG2  H  N N 104 
GLN HG3  H  N N 105 
GLN HE21 H  N N 106 
GLN HE22 H  N N 107 
GLN HXT  H  N N 108 
GLU N    N  N N 109 
GLU CA   C  N S 110 
GLU C    C  N N 111 
GLU O    O  N N 112 
GLU CB   C  N N 113 
GLU CG   C  N N 114 
GLU CD   C  N N 115 
GLU OE1  O  N N 116 
GLU OE2  O  N N 117 
GLU OXT  O  N N 118 
GLU H    H  N N 119 
GLU H2   H  N N 120 
GLU HA   H  N N 121 
GLU HB2  H  N N 122 
GLU HB3  H  N N 123 
GLU HG2  H  N N 124 
GLU HG3  H  N N 125 
GLU HE2  H  N N 126 
GLU HXT  H  N N 127 
GLY N    N  N N 128 
GLY CA   C  N N 129 
GLY C    C  N N 130 
GLY O    O  N N 131 
GLY OXT  O  N N 132 
GLY H    H  N N 133 
GLY H2   H  N N 134 
GLY HA2  H  N N 135 
GLY HA3  H  N N 136 
GLY HXT  H  N N 137 
HIS N    N  N N 138 
HIS CA   C  N S 139 
HIS C    C  N N 140 
HIS O    O  N N 141 
HIS CB   C  N N 142 
HIS CG   C  Y N 143 
HIS ND1  N  Y N 144 
HIS CD2  C  Y N 145 
HIS CE1  C  Y N 146 
HIS NE2  N  Y N 147 
HIS OXT  O  N N 148 
HIS H    H  N N 149 
HIS H2   H  N N 150 
HIS HA   H  N N 151 
HIS HB2  H  N N 152 
HIS HB3  H  N N 153 
HIS HD1  H  N N 154 
HIS HD2  H  N N 155 
HIS HE1  H  N N 156 
HIS HE2  H  N N 157 
HIS HXT  H  N N 158 
HOH O    O  N N 159 
HOH H1   H  N N 160 
HOH H2   H  N N 161 
ILE N    N  N N 162 
ILE CA   C  N S 163 
ILE C    C  N N 164 
ILE O    O  N N 165 
ILE CB   C  N S 166 
ILE CG1  C  N N 167 
ILE CG2  C  N N 168 
ILE CD1  C  N N 169 
ILE OXT  O  N N 170 
ILE H    H  N N 171 
ILE H2   H  N N 172 
ILE HA   H  N N 173 
ILE HB   H  N N 174 
ILE HG12 H  N N 175 
ILE HG13 H  N N 176 
ILE HG21 H  N N 177 
ILE HG22 H  N N 178 
ILE HG23 H  N N 179 
ILE HD11 H  N N 180 
ILE HD12 H  N N 181 
ILE HD13 H  N N 182 
ILE HXT  H  N N 183 
LEU N    N  N N 184 
LEU CA   C  N S 185 
LEU C    C  N N 186 
LEU O    O  N N 187 
LEU CB   C  N N 188 
LEU CG   C  N N 189 
LEU CD1  C  N N 190 
LEU CD2  C  N N 191 
LEU OXT  O  N N 192 
LEU H    H  N N 193 
LEU H2   H  N N 194 
LEU HA   H  N N 195 
LEU HB2  H  N N 196 
LEU HB3  H  N N 197 
LEU HG   H  N N 198 
LEU HD11 H  N N 199 
LEU HD12 H  N N 200 
LEU HD13 H  N N 201 
LEU HD21 H  N N 202 
LEU HD22 H  N N 203 
LEU HD23 H  N N 204 
LEU HXT  H  N N 205 
LYS N    N  N N 206 
LYS CA   C  N S 207 
LYS C    C  N N 208 
LYS O    O  N N 209 
LYS CB   C  N N 210 
LYS CG   C  N N 211 
LYS CD   C  N N 212 
LYS CE   C  N N 213 
LYS NZ   N  N N 214 
LYS OXT  O  N N 215 
LYS H    H  N N 216 
LYS H2   H  N N 217 
LYS HA   H  N N 218 
LYS HB2  H  N N 219 
LYS HB3  H  N N 220 
LYS HG2  H  N N 221 
LYS HG3  H  N N 222 
LYS HD2  H  N N 223 
LYS HD3  H  N N 224 
LYS HE2  H  N N 225 
LYS HE3  H  N N 226 
LYS HZ1  H  N N 227 
LYS HZ2  H  N N 228 
LYS HZ3  H  N N 229 
LYS HXT  H  N N 230 
MET N    N  N N 231 
MET CA   C  N S 232 
MET C    C  N N 233 
MET O    O  N N 234 
MET CB   C  N N 235 
MET CG   C  N N 236 
MET SD   S  N N 237 
MET CE   C  N N 238 
MET OXT  O  N N 239 
MET H    H  N N 240 
MET H2   H  N N 241 
MET HA   H  N N 242 
MET HB2  H  N N 243 
MET HB3  H  N N 244 
MET HG2  H  N N 245 
MET HG3  H  N N 246 
MET HE1  H  N N 247 
MET HE2  H  N N 248 
MET HE3  H  N N 249 
MET HXT  H  N N 250 
PHE N    N  N N 251 
PHE CA   C  N S 252 
PHE C    C  N N 253 
PHE O    O  N N 254 
PHE CB   C  N N 255 
PHE CG   C  Y N 256 
PHE CD1  C  Y N 257 
PHE CD2  C  Y N 258 
PHE CE1  C  Y N 259 
PHE CE2  C  Y N 260 
PHE CZ   C  Y N 261 
PHE OXT  O  N N 262 
PHE H    H  N N 263 
PHE H2   H  N N 264 
PHE HA   H  N N 265 
PHE HB2  H  N N 266 
PHE HB3  H  N N 267 
PHE HD1  H  N N 268 
PHE HD2  H  N N 269 
PHE HE1  H  N N 270 
PHE HE2  H  N N 271 
PHE HZ   H  N N 272 
PHE HXT  H  N N 273 
PRO N    N  N N 274 
PRO CA   C  N S 275 
PRO C    C  N N 276 
PRO O    O  N N 277 
PRO CB   C  N N 278 
PRO CG   C  N N 279 
PRO CD   C  N N 280 
PRO OXT  O  N N 281 
PRO H    H  N N 282 
PRO HA   H  N N 283 
PRO HB2  H  N N 284 
PRO HB3  H  N N 285 
PRO HG2  H  N N 286 
PRO HG3  H  N N 287 
PRO HD2  H  N N 288 
PRO HD3  H  N N 289 
PRO HXT  H  N N 290 
SER N    N  N N 291 
SER CA   C  N S 292 
SER C    C  N N 293 
SER O    O  N N 294 
SER CB   C  N N 295 
SER OG   O  N N 296 
SER OXT  O  N N 297 
SER H    H  N N 298 
SER H2   H  N N 299 
SER HA   H  N N 300 
SER HB2  H  N N 301 
SER HB3  H  N N 302 
SER HG   H  N N 303 
SER HXT  H  N N 304 
THR N    N  N N 305 
THR CA   C  N S 306 
THR C    C  N N 307 
THR O    O  N N 308 
THR CB   C  N R 309 
THR OG1  O  N N 310 
THR CG2  C  N N 311 
THR OXT  O  N N 312 
THR H    H  N N 313 
THR H2   H  N N 314 
THR HA   H  N N 315 
THR HB   H  N N 316 
THR HG1  H  N N 317 
THR HG21 H  N N 318 
THR HG22 H  N N 319 
THR HG23 H  N N 320 
THR HXT  H  N N 321 
TRP N    N  N N 322 
TRP CA   C  N S 323 
TRP C    C  N N 324 
TRP O    O  N N 325 
TRP CB   C  N N 326 
TRP CG   C  Y N 327 
TRP CD1  C  Y N 328 
TRP CD2  C  Y N 329 
TRP NE1  N  Y N 330 
TRP CE2  C  Y N 331 
TRP CE3  C  Y N 332 
TRP CZ2  C  Y N 333 
TRP CZ3  C  Y N 334 
TRP CH2  C  Y N 335 
TRP OXT  O  N N 336 
TRP H    H  N N 337 
TRP H2   H  N N 338 
TRP HA   H  N N 339 
TRP HB2  H  N N 340 
TRP HB3  H  N N 341 
TRP HD1  H  N N 342 
TRP HE1  H  N N 343 
TRP HE3  H  N N 344 
TRP HZ2  H  N N 345 
TRP HZ3  H  N N 346 
TRP HH2  H  N N 347 
TRP HXT  H  N N 348 
TYR N    N  N N 349 
TYR CA   C  N S 350 
TYR C    C  N N 351 
TYR O    O  N N 352 
TYR CB   C  N N 353 
TYR CG   C  Y N 354 
TYR CD1  C  Y N 355 
TYR CD2  C  Y N 356 
TYR CE1  C  Y N 357 
TYR CE2  C  Y N 358 
TYR CZ   C  Y N 359 
TYR OH   O  N N 360 
TYR OXT  O  N N 361 
TYR H    H  N N 362 
TYR H2   H  N N 363 
TYR HA   H  N N 364 
TYR HB2  H  N N 365 
TYR HB3  H  N N 366 
TYR HD1  H  N N 367 
TYR HD2  H  N N 368 
TYR HE1  H  N N 369 
TYR HE2  H  N N 370 
TYR HH   H  N N 371 
TYR HXT  H  N N 372 
VAL N    N  N N 373 
VAL CA   C  N S 374 
VAL C    C  N N 375 
VAL O    O  N N 376 
VAL CB   C  N N 377 
VAL CG1  C  N N 378 
VAL CG2  C  N N 379 
VAL OXT  O  N N 380 
VAL H    H  N N 381 
VAL H2   H  N N 382 
VAL HA   H  N N 383 
VAL HB   H  N N 384 
VAL HG11 H  N N 385 
VAL HG12 H  N N 386 
VAL HG13 H  N N 387 
VAL HG21 H  N N 388 
VAL HG22 H  N N 389 
VAL HG23 H  N N 390 
VAL HXT  H  N N 391 
# 
loop_
_chem_comp_bond.comp_id 
_chem_comp_bond.atom_id_1 
_chem_comp_bond.atom_id_2 
_chem_comp_bond.value_order 
_chem_comp_bond.pdbx_aromatic_flag 
_chem_comp_bond.pdbx_stereo_config 
_chem_comp_bond.pdbx_ordinal 
ALA N   CA   sing N N 1   
ALA N   H    sing N N 2   
ALA N   H2   sing N N 3   
ALA CA  C    sing N N 4   
ALA CA  CB   sing N N 5   
ALA CA  HA   sing N N 6   
ALA C   O    doub N N 7   
ALA C   OXT  sing N N 8   
ALA CB  HB1  sing N N 9   
ALA CB  HB2  sing N N 10  
ALA CB  HB3  sing N N 11  
ALA OXT HXT  sing N N 12  
ARG N   CA   sing N N 13  
ARG N   H    sing N N 14  
ARG N   H2   sing N N 15  
ARG CA  C    sing N N 16  
ARG CA  CB   sing N N 17  
ARG CA  HA   sing N N 18  
ARG C   O    doub N N 19  
ARG C   OXT  sing N N 20  
ARG CB  CG   sing N N 21  
ARG CB  HB2  sing N N 22  
ARG CB  HB3  sing N N 23  
ARG CG  CD   sing N N 24  
ARG CG  HG2  sing N N 25  
ARG CG  HG3  sing N N 26  
ARG CD  NE   sing N N 27  
ARG CD  HD2  sing N N 28  
ARG CD  HD3  sing N N 29  
ARG NE  CZ   sing N N 30  
ARG NE  HE   sing N N 31  
ARG CZ  NH1  sing N N 32  
ARG CZ  NH2  doub N N 33  
ARG NH1 HH11 sing N N 34  
ARG NH1 HH12 sing N N 35  
ARG NH2 HH21 sing N N 36  
ARG NH2 HH22 sing N N 37  
ARG OXT HXT  sing N N 38  
ASN N   CA   sing N N 39  
ASN N   H    sing N N 40  
ASN N   H2   sing N N 41  
ASN CA  C    sing N N 42  
ASN CA  CB   sing N N 43  
ASN CA  HA   sing N N 44  
ASN C   O    doub N N 45  
ASN C   OXT  sing N N 46  
ASN CB  CG   sing N N 47  
ASN CB  HB2  sing N N 48  
ASN CB  HB3  sing N N 49  
ASN CG  OD1  doub N N 50  
ASN CG  ND2  sing N N 51  
ASN ND2 HD21 sing N N 52  
ASN ND2 HD22 sing N N 53  
ASN OXT HXT  sing N N 54  
ASP N   CA   sing N N 55  
ASP N   H    sing N N 56  
ASP N   H2   sing N N 57  
ASP CA  C    sing N N 58  
ASP CA  CB   sing N N 59  
ASP CA  HA   sing N N 60  
ASP C   O    doub N N 61  
ASP C   OXT  sing N N 62  
ASP CB  CG   sing N N 63  
ASP CB  HB2  sing N N 64  
ASP CB  HB3  sing N N 65  
ASP CG  OD1  doub N N 66  
ASP CG  OD2  sing N N 67  
ASP OD2 HD2  sing N N 68  
ASP OXT HXT  sing N N 69  
CYS N   CA   sing N N 70  
CYS N   H    sing N N 71  
CYS N   H2   sing N N 72  
CYS CA  C    sing N N 73  
CYS CA  CB   sing N N 74  
CYS CA  HA   sing N N 75  
CYS C   O    doub N N 76  
CYS C   OXT  sing N N 77  
CYS CB  SG   sing N N 78  
CYS CB  HB2  sing N N 79  
CYS CB  HB3  sing N N 80  
CYS SG  HG   sing N N 81  
CYS OXT HXT  sing N N 82  
GLN N   CA   sing N N 83  
GLN N   H    sing N N 84  
GLN N   H2   sing N N 85  
GLN CA  C    sing N N 86  
GLN CA  CB   sing N N 87  
GLN CA  HA   sing N N 88  
GLN C   O    doub N N 89  
GLN C   OXT  sing N N 90  
GLN CB  CG   sing N N 91  
GLN CB  HB2  sing N N 92  
GLN CB  HB3  sing N N 93  
GLN CG  CD   sing N N 94  
GLN CG  HG2  sing N N 95  
GLN CG  HG3  sing N N 96  
GLN CD  OE1  doub N N 97  
GLN CD  NE2  sing N N 98  
GLN NE2 HE21 sing N N 99  
GLN NE2 HE22 sing N N 100 
GLN OXT HXT  sing N N 101 
GLU N   CA   sing N N 102 
GLU N   H    sing N N 103 
GLU N   H2   sing N N 104 
GLU CA  C    sing N N 105 
GLU CA  CB   sing N N 106 
GLU CA  HA   sing N N 107 
GLU C   O    doub N N 108 
GLU C   OXT  sing N N 109 
GLU CB  CG   sing N N 110 
GLU CB  HB2  sing N N 111 
GLU CB  HB3  sing N N 112 
GLU CG  CD   sing N N 113 
GLU CG  HG2  sing N N 114 
GLU CG  HG3  sing N N 115 
GLU CD  OE1  doub N N 116 
GLU CD  OE2  sing N N 117 
GLU OE2 HE2  sing N N 118 
GLU OXT HXT  sing N N 119 
GLY N   CA   sing N N 120 
GLY N   H    sing N N 121 
GLY N   H2   sing N N 122 
GLY CA  C    sing N N 123 
GLY CA  HA2  sing N N 124 
GLY CA  HA3  sing N N 125 
GLY C   O    doub N N 126 
GLY C   OXT  sing N N 127 
GLY OXT HXT  sing N N 128 
HIS N   CA   sing N N 129 
HIS N   H    sing N N 130 
HIS N   H2   sing N N 131 
HIS CA  C    sing N N 132 
HIS CA  CB   sing N N 133 
HIS CA  HA   sing N N 134 
HIS C   O    doub N N 135 
HIS C   OXT  sing N N 136 
HIS CB  CG   sing N N 137 
HIS CB  HB2  sing N N 138 
HIS CB  HB3  sing N N 139 
HIS CG  ND1  sing Y N 140 
HIS CG  CD2  doub Y N 141 
HIS ND1 CE1  doub Y N 142 
HIS ND1 HD1  sing N N 143 
HIS CD2 NE2  sing Y N 144 
HIS CD2 HD2  sing N N 145 
HIS CE1 NE2  sing Y N 146 
HIS CE1 HE1  sing N N 147 
HIS NE2 HE2  sing N N 148 
HIS OXT HXT  sing N N 149 
HOH O   H1   sing N N 150 
HOH O   H2   sing N N 151 
ILE N   CA   sing N N 152 
ILE N   H    sing N N 153 
ILE N   H2   sing N N 154 
ILE CA  C    sing N N 155 
ILE CA  CB   sing N N 156 
ILE CA  HA   sing N N 157 
ILE C   O    doub N N 158 
ILE C   OXT  sing N N 159 
ILE CB  CG1  sing N N 160 
ILE CB  CG2  sing N N 161 
ILE CB  HB   sing N N 162 
ILE CG1 CD1  sing N N 163 
ILE CG1 HG12 sing N N 164 
ILE CG1 HG13 sing N N 165 
ILE CG2 HG21 sing N N 166 
ILE CG2 HG22 sing N N 167 
ILE CG2 HG23 sing N N 168 
ILE CD1 HD11 sing N N 169 
ILE CD1 HD12 sing N N 170 
ILE CD1 HD13 sing N N 171 
ILE OXT HXT  sing N N 172 
LEU N   CA   sing N N 173 
LEU N   H    sing N N 174 
LEU N   H2   sing N N 175 
LEU CA  C    sing N N 176 
LEU CA  CB   sing N N 177 
LEU CA  HA   sing N N 178 
LEU C   O    doub N N 179 
LEU C   OXT  sing N N 180 
LEU CB  CG   sing N N 181 
LEU CB  HB2  sing N N 182 
LEU CB  HB3  sing N N 183 
LEU CG  CD1  sing N N 184 
LEU CG  CD2  sing N N 185 
LEU CG  HG   sing N N 186 
LEU CD1 HD11 sing N N 187 
LEU CD1 HD12 sing N N 188 
LEU CD1 HD13 sing N N 189 
LEU CD2 HD21 sing N N 190 
LEU CD2 HD22 sing N N 191 
LEU CD2 HD23 sing N N 192 
LEU OXT HXT  sing N N 193 
LYS N   CA   sing N N 194 
LYS N   H    sing N N 195 
LYS N   H2   sing N N 196 
LYS CA  C    sing N N 197 
LYS CA  CB   sing N N 198 
LYS CA  HA   sing N N 199 
LYS C   O    doub N N 200 
LYS C   OXT  sing N N 201 
LYS CB  CG   sing N N 202 
LYS CB  HB2  sing N N 203 
LYS CB  HB3  sing N N 204 
LYS CG  CD   sing N N 205 
LYS CG  HG2  sing N N 206 
LYS CG  HG3  sing N N 207 
LYS CD  CE   sing N N 208 
LYS CD  HD2  sing N N 209 
LYS CD  HD3  sing N N 210 
LYS CE  NZ   sing N N 211 
LYS CE  HE2  sing N N 212 
LYS CE  HE3  sing N N 213 
LYS NZ  HZ1  sing N N 214 
LYS NZ  HZ2  sing N N 215 
LYS NZ  HZ3  sing N N 216 
LYS OXT HXT  sing N N 217 
MET N   CA   sing N N 218 
MET N   H    sing N N 219 
MET N   H2   sing N N 220 
MET CA  C    sing N N 221 
MET CA  CB   sing N N 222 
MET CA  HA   sing N N 223 
MET C   O    doub N N 224 
MET C   OXT  sing N N 225 
MET CB  CG   sing N N 226 
MET CB  HB2  sing N N 227 
MET CB  HB3  sing N N 228 
MET CG  SD   sing N N 229 
MET CG  HG2  sing N N 230 
MET CG  HG3  sing N N 231 
MET SD  CE   sing N N 232 
MET CE  HE1  sing N N 233 
MET CE  HE2  sing N N 234 
MET CE  HE3  sing N N 235 
MET OXT HXT  sing N N 236 
PHE N   CA   sing N N 237 
PHE N   H    sing N N 238 
PHE N   H2   sing N N 239 
PHE CA  C    sing N N 240 
PHE CA  CB   sing N N 241 
PHE CA  HA   sing N N 242 
PHE C   O    doub N N 243 
PHE C   OXT  sing N N 244 
PHE CB  CG   sing N N 245 
PHE CB  HB2  sing N N 246 
PHE CB  HB3  sing N N 247 
PHE CG  CD1  doub Y N 248 
PHE CG  CD2  sing Y N 249 
PHE CD1 CE1  sing Y N 250 
PHE CD1 HD1  sing N N 251 
PHE CD2 CE2  doub Y N 252 
PHE CD2 HD2  sing N N 253 
PHE CE1 CZ   doub Y N 254 
PHE CE1 HE1  sing N N 255 
PHE CE2 CZ   sing Y N 256 
PHE CE2 HE2  sing N N 257 
PHE CZ  HZ   sing N N 258 
PHE OXT HXT  sing N N 259 
PRO N   CA   sing N N 260 
PRO N   CD   sing N N 261 
PRO N   H    sing N N 262 
PRO CA  C    sing N N 263 
PRO CA  CB   sing N N 264 
PRO CA  HA   sing N N 265 
PRO C   O    doub N N 266 
PRO C   OXT  sing N N 267 
PRO CB  CG   sing N N 268 
PRO CB  HB2  sing N N 269 
PRO CB  HB3  sing N N 270 
PRO CG  CD   sing N N 271 
PRO CG  HG2  sing N N 272 
PRO CG  HG3  sing N N 273 
PRO CD  HD2  sing N N 274 
PRO CD  HD3  sing N N 275 
PRO OXT HXT  sing N N 276 
SER N   CA   sing N N 277 
SER N   H    sing N N 278 
SER N   H2   sing N N 279 
SER CA  C    sing N N 280 
SER CA  CB   sing N N 281 
SER CA  HA   sing N N 282 
SER C   O    doub N N 283 
SER C   OXT  sing N N 284 
SER CB  OG   sing N N 285 
SER CB  HB2  sing N N 286 
SER CB  HB3  sing N N 287 
SER OG  HG   sing N N 288 
SER OXT HXT  sing N N 289 
THR N   CA   sing N N 290 
THR N   H    sing N N 291 
THR N   H2   sing N N 292 
THR CA  C    sing N N 293 
THR CA  CB   sing N N 294 
THR CA  HA   sing N N 295 
THR C   O    doub N N 296 
THR C   OXT  sing N N 297 
THR CB  OG1  sing N N 298 
THR CB  CG2  sing N N 299 
THR CB  HB   sing N N 300 
THR OG1 HG1  sing N N 301 
THR CG2 HG21 sing N N 302 
THR CG2 HG22 sing N N 303 
THR CG2 HG23 sing N N 304 
THR OXT HXT  sing N N 305 
TRP N   CA   sing N N 306 
TRP N   H    sing N N 307 
TRP N   H2   sing N N 308 
TRP CA  C    sing N N 309 
TRP CA  CB   sing N N 310 
TRP CA  HA   sing N N 311 
TRP C   O    doub N N 312 
TRP C   OXT  sing N N 313 
TRP CB  CG   sing N N 314 
TRP CB  HB2  sing N N 315 
TRP CB  HB3  sing N N 316 
TRP CG  CD1  doub Y N 317 
TRP CG  CD2  sing Y N 318 
TRP CD1 NE1  sing Y N 319 
TRP CD1 HD1  sing N N 320 
TRP CD2 CE2  doub Y N 321 
TRP CD2 CE3  sing Y N 322 
TRP NE1 CE2  sing Y N 323 
TRP NE1 HE1  sing N N 324 
TRP CE2 CZ2  sing Y N 325 
TRP CE3 CZ3  doub Y N 326 
TRP CE3 HE3  sing N N 327 
TRP CZ2 CH2  doub Y N 328 
TRP CZ2 HZ2  sing N N 329 
TRP CZ3 CH2  sing Y N 330 
TRP CZ3 HZ3  sing N N 331 
TRP CH2 HH2  sing N N 332 
TRP OXT HXT  sing N N 333 
TYR N   CA   sing N N 334 
TYR N   H    sing N N 335 
TYR N   H2   sing N N 336 
TYR CA  C    sing N N 337 
TYR CA  CB   sing N N 338 
TYR CA  HA   sing N N 339 
TYR C   O    doub N N 340 
TYR C   OXT  sing N N 341 
TYR CB  CG   sing N N 342 
TYR CB  HB2  sing N N 343 
TYR CB  HB3  sing N N 344 
TYR CG  CD1  doub Y N 345 
TYR CG  CD2  sing Y N 346 
TYR CD1 CE1  sing Y N 347 
TYR CD1 HD1  sing N N 348 
TYR CD2 CE2  doub Y N 349 
TYR CD2 HD2  sing N N 350 
TYR CE1 CZ   doub Y N 351 
TYR CE1 HE1  sing N N 352 
TYR CE2 CZ   sing Y N 353 
TYR CE2 HE2  sing N N 354 
TYR CZ  OH   sing N N 355 
TYR OH  HH   sing N N 356 
TYR OXT HXT  sing N N 357 
VAL N   CA   sing N N 358 
VAL N   H    sing N N 359 
VAL N   H2   sing N N 360 
VAL CA  C    sing N N 361 
VAL CA  CB   sing N N 362 
VAL CA  HA   sing N N 363 
VAL C   O    doub N N 364 
VAL C   OXT  sing N N 365 
VAL CB  CG1  sing N N 366 
VAL CB  CG2  sing N N 367 
VAL CB  HB   sing N N 368 
VAL CG1 HG11 sing N N 369 
VAL CG1 HG12 sing N N 370 
VAL CG1 HG13 sing N N 371 
VAL CG2 HG21 sing N N 372 
VAL CG2 HG22 sing N N 373 
VAL CG2 HG23 sing N N 374 
VAL OXT HXT  sing N N 375 
# 
_pdbx_initial_refinement_model.id               1 
_pdbx_initial_refinement_model.entity_id_list   ? 
_pdbx_initial_refinement_model.type             'experimental model' 
_pdbx_initial_refinement_model.source_name      PDB 
_pdbx_initial_refinement_model.accession_code   1CL5 
_pdbx_initial_refinement_model.details          ? 
# 
_atom_sites.entry_id                    1OZ6 
_atom_sites.fract_transf_matrix[1][1]   -0.00079358 
_atom_sites.fract_transf_matrix[1][2]   -0.00893738 
_atom_sites.fract_transf_matrix[1][3]   0.01280295 
_atom_sites.fract_transf_matrix[2][1]   0.00539216 
_atom_sites.fract_transf_matrix[2][2]   -0.01361491 
_atom_sites.fract_transf_matrix[2][3]   -0.00916996 
_atom_sites.fract_transf_matrix[3][1]   0.02816590 
_atom_sites.fract_transf_matrix[3][2]   0.00678779 
_atom_sites.fract_transf_matrix[3][3]   0.00648420 
_atom_sites.fract_transf_vector[1]      0.802107 
_atom_sites.fract_transf_vector[2]      0.125349 
_atom_sites.fract_transf_vector[3]      0.146249 
# 
loop_
_atom_type.symbol 
C  
CA 
N  
O  
S  
# 
loop_
_atom_site.group_PDB 
_atom_site.id 
_atom_site.type_symbol 
_atom_site.label_atom_id 
_atom_site.label_alt_id 
_atom_site.label_comp_id 
_atom_site.label_asym_id 
_atom_site.label_entity_id 
_atom_site.label_seq_id 
_atom_site.pdbx_PDB_ins_code 
_atom_site.Cartn_x 
_atom_site.Cartn_y 
_atom_site.Cartn_z 
_atom_site.occupancy 
_atom_site.B_iso_or_equiv 
_atom_site.pdbx_formal_charge 
_atom_site.auth_seq_id 
_atom_site.auth_comp_id 
_atom_site.auth_asym_id 
_atom_site.auth_atom_id 
_atom_site.pdbx_PDB_model_num 
ATOM   1    N  N   . ASN A 1 1   ? -11.893 -1.378  -1.864  1.00 22.77 ? 1   ASN A N   1 
ATOM   2    C  CA  . ASN A 1 1   ? -11.865 -1.603  -0.388  1.00 25.23 ? 1   ASN A CA  1 
ATOM   3    C  C   . ASN A 1 1   ? -10.589 -2.320  0.061   1.00 24.25 ? 1   ASN A C   1 
ATOM   4    O  O   . ASN A 1 1   ? -9.838  -2.832  -0.761  1.00 22.85 ? 1   ASN A O   1 
ATOM   5    C  CB  . ASN A 1 1   ? -13.109 -2.389  0.044   1.00 26.31 ? 1   ASN A CB  1 
ATOM   6    C  CG  . ASN A 1 1   ? -13.187 -3.753  -0.592  1.00 26.28 ? 1   ASN A CG  1 
ATOM   7    O  OD1 . ASN A 1 1   ? -12.392 -4.640  -0.292  1.00 27.46 ? 1   ASN A OD1 1 
ATOM   8    N  ND2 . ASN A 1 1   ? -14.151 -3.929  -1.484  1.00 28.47 ? 1   ASN A ND2 1 
ATOM   9    N  N   . LEU A 1 2   ? -10.353 -2.360  1.368   1.00 26.02 ? 2   LEU A N   1 
ATOM   10   C  CA  . LEU A 1 2   ? -9.137  -2.969  1.908   1.00 29.67 ? 2   LEU A CA  1 
ATOM   11   C  C   . LEU A 1 2   ? -8.959  -4.446  1.604   1.00 30.59 ? 2   LEU A C   1 
ATOM   12   O  O   . LEU A 1 2   ? -7.832  -4.932  1.511   1.00 30.77 ? 2   LEU A O   1 
ATOM   13   C  CB  . LEU A 1 2   ? -9.049  -2.739  3.425   1.00 31.59 ? 2   LEU A CB  1 
ATOM   14   C  CG  . LEU A 1 2   ? -10.062 -3.397  4.362   1.00 33.67 ? 2   LEU A CG  1 
ATOM   15   C  CD1 . LEU A 1 2   ? -9.731  -4.874  4.537   1.00 34.22 ? 2   LEU A CD1 1 
ATOM   16   C  CD2 . LEU A 1 2   ? -10.024 -2.692  5.711   1.00 34.16 ? 2   LEU A CD2 1 
ATOM   17   N  N   . TYR A 1 3   ? -10.069 -5.160  1.453   1.00 30.42 ? 3   TYR A N   1 
ATOM   18   C  CA  . TYR A 1 3   ? -10.018 -6.583  1.154   1.00 29.79 ? 3   TYR A CA  1 
ATOM   19   C  C   . TYR A 1 3   ? -9.341  -6.823  -0.193  1.00 26.73 ? 3   TYR A C   1 
ATOM   20   O  O   . TYR A 1 3   ? -8.442  -7.657  -0.299  1.00 28.54 ? 3   TYR A O   1 
ATOM   21   C  CB  . TYR A 1 3   ? -11.436 -7.160  1.169   1.00 34.64 ? 3   TYR A CB  1 
ATOM   22   C  CG  . TYR A 1 3   ? -12.075 -7.056  2.533   1.00 40.71 ? 3   TYR A CG  1 
ATOM   23   C  CD1 . TYR A 1 3   ? -11.600 -7.817  3.601   1.00 42.86 ? 3   TYR A CD1 1 
ATOM   24   C  CD2 . TYR A 1 3   ? -13.094 -6.140  2.780   1.00 43.89 ? 3   TYR A CD2 1 
ATOM   25   C  CE1 . TYR A 1 3   ? -12.118 -7.664  4.885   1.00 45.96 ? 3   TYR A CE1 1 
ATOM   26   C  CE2 . TYR A 1 3   ? -13.623 -5.978  4.061   1.00 48.06 ? 3   TYR A CE2 1 
ATOM   27   C  CZ  . TYR A 1 3   ? -13.129 -6.742  5.109   1.00 48.48 ? 3   TYR A CZ  1 
ATOM   28   O  OH  . TYR A 1 3   ? -13.647 -6.579  6.376   1.00 50.13 ? 3   TYR A OH  1 
ATOM   29   N  N   . GLN A 1 4   ? -9.765  -6.081  -1.212  1.00 21.83 ? 4   GLN A N   1 
ATOM   30   C  CA  . GLN A 1 4   ? -9.196  -6.209  -2.543  1.00 18.79 ? 4   GLN A CA  1 
ATOM   31   C  C   . GLN A 1 4   ? -7.711  -5.881  -2.490  1.00 18.86 ? 4   GLN A C   1 
ATOM   32   O  O   . GLN A 1 4   ? -6.891  -6.593  -3.071  1.00 18.77 ? 4   GLN A O   1 
ATOM   33   C  CB  . GLN A 1 4   ? -9.902  -5.266  -3.516  1.00 19.38 ? 4   GLN A CB  1 
ATOM   34   C  CG  . GLN A 1 4   ? -11.382 -5.559  -3.727  1.00 18.70 ? 4   GLN A CG  1 
ATOM   35   C  CD  . GLN A 1 4   ? -12.090 -4.442  -4.478  1.00 19.65 ? 4   GLN A CD  1 
ATOM   36   O  OE1 . GLN A 1 4   ? -12.160 -3.311  -4.002  1.00 18.58 ? 4   GLN A OE1 1 
ATOM   37   N  NE2 . GLN A 1 4   ? -12.613 -4.755  -5.658  1.00 20.24 ? 4   GLN A NE2 1 
ATOM   38   N  N   . PHE A 1 5   ? -7.369  -4.799  -1.794  1.00 18.11 ? 5   PHE A N   1 
ATOM   39   C  CA  . PHE A 1 5   ? -5.974  -4.392  -1.645  1.00 15.25 ? 5   PHE A CA  1 
ATOM   40   C  C   . PHE A 1 5   ? -5.236  -5.569  -1.017  1.00 16.50 ? 5   PHE A C   1 
ATOM   41   O  O   . PHE A 1 5   ? -4.152  -5.945  -1.463  1.00 17.49 ? 5   PHE A O   1 
ATOM   42   C  CB  . PHE A 1 5   ? -5.884  -3.144  -0.754  1.00 13.81 ? 5   PHE A CB  1 
ATOM   43   C  CG  . PHE A 1 5   ? -4.475  -2.626  -0.536  1.00 11.20 ? 5   PHE A CG  1 
ATOM   44   C  CD1 . PHE A 1 5   ? -3.483  -2.808  -1.496  1.00 9.03  ? 5   PHE A CD1 1 
ATOM   45   C  CD2 . PHE A 1 5   ? -4.159  -1.916  0.625   1.00 8.53  ? 5   PHE A CD2 1 
ATOM   46   C  CE1 . PHE A 1 5   ? -2.203  -2.292  -1.305  1.00 10.41 ? 5   PHE A CE1 1 
ATOM   47   C  CE2 . PHE A 1 5   ? -2.882  -1.394  0.827   1.00 7.52  ? 5   PHE A CE2 1 
ATOM   48   C  CZ  . PHE A 1 5   ? -1.901  -1.582  -0.139  1.00 8.47  ? 5   PHE A CZ  1 
ATOM   49   N  N   . GLY A 1 6   ? -5.847  -6.162  0.008   1.00 17.84 ? 6   GLY A N   1 
ATOM   50   C  CA  . GLY A 1 6   ? -5.254  -7.307  0.675   1.00 17.43 ? 6   GLY A CA  1 
ATOM   51   C  C   . GLY A 1 6   ? -4.980  -8.434  -0.306  1.00 17.27 ? 6   GLY A C   1 
ATOM   52   O  O   . GLY A 1 6   ? -3.884  -9.006  -0.326  1.00 15.32 ? 6   GLY A O   1 
ATOM   53   N  N   . ARG A 1 7   ? -5.977  -8.760  -1.125  1.00 18.14 ? 7   ARG A N   1 
ATOM   54   C  CA  . ARG A 1 7   ? -5.814  -9.807  -2.125  1.00 20.11 ? 7   ARG A CA  1 
ATOM   55   C  C   . ARG A 1 7   ? -4.604  -9.504  -2.991  1.00 18.19 ? 7   ARG A C   1 
ATOM   56   O  O   . ARG A 1 7   ? -3.746  -10.362 -3.187  1.00 20.00 ? 7   ARG A O   1 
ATOM   57   C  CB  . ARG A 1 7   ? -7.051  -9.913  -3.023  1.00 24.40 ? 7   ARG A CB  1 
ATOM   58   C  CG  . ARG A 1 7   ? -8.078  -10.936 -2.570  1.00 29.90 ? 7   ARG A CG  1 
ATOM   59   C  CD  . ARG A 1 7   ? -8.829  -10.473 -1.340  1.00 34.84 ? 7   ARG A CD  1 
ATOM   60   N  NE  . ARG A 1 7   ? -9.821  -11.464 -0.926  1.00 41.75 ? 7   ARG A NE  1 
ATOM   61   C  CZ  . ARG A 1 7   ? -10.929 -11.177 -0.252  1.00 43.04 ? 7   ARG A CZ  1 
ATOM   62   N  NH1 . ARG A 1 7   ? -11.198 -9.923  0.087   1.00 44.21 ? 7   ARG A NH1 1 
ATOM   63   N  NH2 . ARG A 1 7   ? -11.772 -12.144 0.083   1.00 43.90 ? 7   ARG A NH2 1 
ATOM   64   N  N   . MET A 1 8   ? -4.540  -8.275  -3.500  1.00 16.96 ? 8   MET A N   1 
ATOM   65   C  CA  . MET A 1 8   ? -3.438  -7.850  -4.355  1.00 17.69 ? 8   MET A CA  1 
ATOM   66   C  C   . MET A 1 8   ? -2.086  -8.112  -3.710  1.00 19.17 ? 8   MET A C   1 
ATOM   67   O  O   . MET A 1 8   ? -1.244  -8.810  -4.274  1.00 18.77 ? 8   MET A O   1 
ATOM   68   C  CB  . MET A 1 8   ? -3.565  -6.362  -4.688  1.00 16.92 ? 8   MET A CB  1 
ATOM   69   C  CG  . MET A 1 8   ? -4.715  -6.031  -5.638  1.00 18.71 ? 8   MET A CG  1 
ATOM   70   S  SD  . MET A 1 8   ? -4.603  -4.342  -6.272  1.00 15.85 ? 8   MET A SD  1 
ATOM   71   C  CE  . MET A 1 8   ? -6.341  -3.878  -6.329  1.00 16.90 ? 8   MET A CE  1 
ATOM   72   N  N   . ILE A 1 9   ? -1.884  -7.547  -2.523  1.00 20.31 ? 9   ILE A N   1 
ATOM   73   C  CA  . ILE A 1 9   ? -0.632  -7.723  -1.797  1.00 21.04 ? 9   ILE A CA  1 
ATOM   74   C  C   . ILE A 1 9   ? -0.248  -9.199  -1.709  1.00 22.15 ? 9   ILE A C   1 
ATOM   75   O  O   . ILE A 1 9   ? 0.905   -9.561  -1.927  1.00 21.34 ? 9   ILE A O   1 
ATOM   76   C  CB  . ILE A 1 9   ? -0.737  -7.159  -0.366  1.00 20.41 ? 9   ILE A CB  1 
ATOM   77   C  CG1 . ILE A 1 9   ? -0.987  -5.651  -0.419  1.00 20.35 ? 9   ILE A CG1 1 
ATOM   78   C  CG2 . ILE A 1 9   ? 0.527   -7.479  0.412   1.00 17.86 ? 9   ILE A CG2 1 
ATOM   79   C  CD1 . ILE A 1 9   ? -1.200  -5.020  0.942   1.00 19.88 ? 9   ILE A CD1 1 
ATOM   80   N  N   . TRP A 1 10  ? -1.216  -10.047 -1.382  1.00 25.22 ? 10  TRP A N   1 
ATOM   81   C  CA  . TRP A 1 10  ? -0.961  -11.477 -1.266  1.00 27.97 ? 10  TRP A CA  1 
ATOM   82   C  C   . TRP A 1 10  ? -0.502  -12.062 -2.596  1.00 28.21 ? 10  TRP A C   1 
ATOM   83   O  O   . TRP A 1 10  ? 0.446   -12.846 -2.645  1.00 29.67 ? 10  TRP A O   1 
ATOM   84   C  CB  . TRP A 1 10  ? -2.216  -12.196 -0.764  1.00 31.20 ? 10  TRP A CB  1 
ATOM   85   C  CG  . TRP A 1 10  ? -2.222  -13.675 -1.009  1.00 36.38 ? 10  TRP A CG  1 
ATOM   86   C  CD1 . TRP A 1 10  ? -2.719  -14.326 -2.107  1.00 38.33 ? 10  TRP A CD1 1 
ATOM   87   C  CD2 . TRP A 1 10  ? -1.694  -14.689 -0.149  1.00 38.26 ? 10  TRP A CD2 1 
ATOM   88   N  NE1 . TRP A 1 10  ? -2.533  -15.682 -1.981  1.00 39.80 ? 10  TRP A NE1 1 
ATOM   89   C  CE2 . TRP A 1 10  ? -1.905  -15.933 -0.788  1.00 39.82 ? 10  TRP A CE2 1 
ATOM   90   C  CE3 . TRP A 1 10  ? -1.060  -14.671 1.102   1.00 39.32 ? 10  TRP A CE3 1 
ATOM   91   C  CZ2 . TRP A 1 10  ? -1.505  -17.148 -0.217  1.00 41.33 ? 10  TRP A CZ2 1 
ATOM   92   C  CZ3 . TRP A 1 10  ? -0.662  -15.877 1.670   1.00 41.29 ? 10  TRP A CZ3 1 
ATOM   93   C  CH2 . TRP A 1 10  ? -0.886  -17.101 1.009   1.00 42.90 ? 10  TRP A CH2 1 
ATOM   94   N  N   . ASN A 1 11  ? -1.162  -11.678 -3.679  1.00 27.11 ? 11  ASN A N   1 
ATOM   95   C  CA  . ASN A 1 11  ? -0.777  -12.185 -4.988  1.00 27.93 ? 11  ASN A CA  1 
ATOM   96   C  C   . ASN A 1 11  ? 0.656   -11.799 -5.351  1.00 28.02 ? 11  ASN A C   1 
ATOM   97   O  O   . ASN A 1 11  ? 1.430   -12.638 -5.808  1.00 29.40 ? 11  ASN A O   1 
ATOM   98   C  CB  . ASN A 1 11  ? -1.742  -11.666 -6.062  1.00 27.74 ? 11  ASN A CB  1 
ATOM   99   C  CG  . ASN A 1 11  ? -1.307  -12.043 -7.473  1.00 28.48 ? 11  ASN A CG  1 
ATOM   100  O  OD1 . ASN A 1 11  ? -0.425  -11.408 -8.055  1.00 26.81 ? 11  ASN A OD1 1 
ATOM   101  N  ND2 . ASN A 1 11  ? -1.916  -13.091 -8.023  1.00 27.99 ? 11  ASN A ND2 1 
ATOM   102  N  N   . ARG A 1 12  ? 1.005   -10.533 -5.133  1.00 27.71 ? 12  ARG A N   1 
ATOM   103  C  CA  . ARG A 1 12  ? 2.328   -10.013 -5.473  1.00 26.85 ? 12  ARG A CA  1 
ATOM   104  C  C   . ARG A 1 12  ? 3.459   -10.372 -4.523  1.00 25.75 ? 12  ARG A C   1 
ATOM   105  O  O   . ARG A 1 12  ? 4.577   -10.636 -4.969  1.00 26.15 ? 12  ARG A O   1 
ATOM   106  C  CB  . ARG A 1 12  ? 2.279   -8.486  -5.594  1.00 29.86 ? 12  ARG A CB  1 
ATOM   107  C  CG  . ARG A 1 12  ? 1.450   -7.935  -6.750  1.00 31.91 ? 12  ARG A CG  1 
ATOM   108  C  CD  . ARG A 1 12  ? 2.126   -8.108  -8.111  1.00 32.21 ? 12  ARG A CD  1 
ATOM   109  N  NE  . ARG A 1 12  ? 1.605   -9.255  -8.851  1.00 35.00 ? 12  ARG A NE  1 
ATOM   110  C  CZ  . ARG A 1 12  ? 1.613   -9.357  -10.179 1.00 35.98 ? 12  ARG A CZ  1 
ATOM   111  N  NH1 . ARG A 1 12  ? 2.116   -8.380  -10.922 1.00 37.46 ? 12  ARG A NH1 1 
ATOM   112  N  NH2 . ARG A 1 12  ? 1.109   -10.433 -10.767 1.00 34.66 ? 12  ARG A NH2 1 
ATOM   113  N  N   . THR A 1 13  ? 3.187   -10.365 -3.221  1.00 24.20 ? 13  THR A N   1 
ATOM   114  C  CA  . THR A 1 13  ? 4.226   -10.666 -2.237  1.00 21.99 ? 13  THR A CA  1 
ATOM   115  C  C   . THR A 1 13  ? 4.207   -12.101 -1.741  1.00 22.50 ? 13  THR A C   1 
ATOM   116  O  O   . THR A 1 13  ? 5.261   -12.678 -1.482  1.00 24.57 ? 13  THR A O   1 
ATOM   117  C  CB  . THR A 1 13  ? 4.123   -9.753  -1.004  1.00 19.78 ? 13  THR A CB  1 
ATOM   118  O  OG1 . THR A 1 13  ? 2.943   -10.086 -0.263  1.00 19.03 ? 13  THR A OG1 1 
ATOM   119  C  CG2 . THR A 1 13  ? 4.054   -8.303  -1.424  1.00 17.35 ? 13  THR A CG2 1 
ATOM   120  N  N   . GLY A 1 14  ? 3.016   -12.673 -1.588  1.00 21.32 ? 14  GLY A N   1 
ATOM   121  C  CA  . GLY A 1 14  ? 2.925   -14.041 -1.114  1.00 22.31 ? 14  GLY A CA  1 
ATOM   122  C  C   . GLY A 1 14  ? 2.951   -14.117 0.401   1.00 24.44 ? 14  GLY A C   1 
ATOM   123  O  O   . GLY A 1 14  ? 3.295   -15.156 0.970   1.00 24.85 ? 14  GLY A O   1 
ATOM   124  N  N   . LYS A 1 15  ? 2.585   -13.016 1.058   1.00 24.30 ? 16  LYS A N   1 
ATOM   125  C  CA  . LYS A 1 15  ? 2.567   -12.958 2.517   1.00 23.93 ? 16  LYS A CA  1 
ATOM   126  C  C   . LYS A 1 15  ? 1.187   -12.553 3.009   1.00 24.71 ? 16  LYS A C   1 
ATOM   127  O  O   . LYS A 1 15  ? 0.446   -11.875 2.296   1.00 23.80 ? 16  LYS A O   1 
ATOM   128  C  CB  . LYS A 1 15  ? 3.577   -11.927 3.033   1.00 22.80 ? 16  LYS A CB  1 
ATOM   129  C  CG  . LYS A 1 15  ? 5.019   -12.218 2.707   1.00 22.80 ? 16  LYS A CG  1 
ATOM   130  C  CD  . LYS A 1 15  ? 5.915   -11.089 3.181   1.00 22.92 ? 16  LYS A CD  1 
ATOM   131  C  CE  . LYS A 1 15  ? 7.370   -11.399 2.883   1.00 26.20 ? 16  LYS A CE  1 
ATOM   132  N  NZ  . LYS A 1 15  ? 7.823   -12.633 3.579   1.00 26.09 ? 16  LYS A NZ  1 
ATOM   133  N  N   . LEU A 1 16  ? 0.852   -12.955 4.234   1.00 25.97 ? 17  LEU A N   1 
ATOM   134  C  CA  . LEU A 1 16  ? -0.435  -12.598 4.817   1.00 25.53 ? 17  LEU A CA  1 
ATOM   135  C  C   . LEU A 1 16  ? -0.469  -11.082 5.001   1.00 24.90 ? 17  LEU A C   1 
ATOM   136  O  O   . LEU A 1 16  ? 0.208   -10.534 5.868   1.00 24.28 ? 17  LEU A O   1 
ATOM   137  C  CB  . LEU A 1 16  ? -0.630  -13.308 6.157   1.00 25.37 ? 17  LEU A CB  1 
ATOM   138  C  CG  . LEU A 1 16  ? -0.707  -14.835 6.046   1.00 27.26 ? 17  LEU A CG  1 
ATOM   139  C  CD1 . LEU A 1 16  ? -0.996  -15.440 7.408   1.00 28.00 ? 17  LEU A CD1 1 
ATOM   140  C  CD2 . LEU A 1 16  ? -1.796  -15.224 5.055   1.00 27.33 ? 17  LEU A CD2 1 
ATOM   141  N  N   . PRO A 1 17  ? -1.270  -10.392 4.177   1.00 23.65 ? 18  PRO A N   1 
ATOM   142  C  CA  . PRO A 1 17  ? -1.430  -8.940  4.191   1.00 23.39 ? 18  PRO A CA  1 
ATOM   143  C  C   . PRO A 1 17  ? -1.217  -8.215  5.513   1.00 24.73 ? 18  PRO A C   1 
ATOM   144  O  O   . PRO A 1 17  ? -0.185  -7.575  5.713   1.00 26.18 ? 18  PRO A O   1 
ATOM   145  C  CB  . PRO A 1 17  ? -2.843  -8.754  3.655   1.00 22.80 ? 18  PRO A CB  1 
ATOM   146  C  CG  . PRO A 1 17  ? -2.926  -9.794  2.633   1.00 21.46 ? 18  PRO A CG  1 
ATOM   147  C  CD  . PRO A 1 17  ? -2.290  -11.004 3.308   1.00 22.50 ? 18  PRO A CD  1 
ATOM   148  N  N   . ILE A 1 18  ? -2.190  -8.316  6.413   1.00 26.03 ? 19  ILE A N   1 
ATOM   149  C  CA  . ILE A 1 18  ? -2.126  -7.610  7.687   1.00 29.91 ? 19  ILE A CA  1 
ATOM   150  C  C   . ILE A 1 18  ? -1.100  -8.042  8.735   1.00 29.75 ? 19  ILE A C   1 
ATOM   151  O  O   . ILE A 1 18  ? -0.574  -7.198  9.461   1.00 29.66 ? 19  ILE A O   1 
ATOM   152  C  CB  . ILE A 1 18  ? -3.516  -7.584  8.366   1.00 31.57 ? 19  ILE A CB  1 
ATOM   153  C  CG1 . ILE A 1 18  ? -3.457  -6.737  9.645   1.00 32.75 ? 19  ILE A CG1 1 
ATOM   154  C  CG2 . ILE A 1 18  ? -3.957  -8.999  8.681   1.00 34.90 ? 19  ILE A CG2 1 
ATOM   155  C  CD1 . ILE A 1 18  ? -4.776  -6.600  10.367  1.00 32.33 ? 19  ILE A CD1 1 
ATOM   156  N  N   . LEU A 1 19  ? -0.808  -9.333  8.843   1.00 30.23 ? 20  LEU A N   1 
ATOM   157  C  CA  . LEU A 1 19  ? 0.153   -9.744  9.862   1.00 31.58 ? 20  LEU A CA  1 
ATOM   158  C  C   . LEU A 1 19  ? 1.620   -9.644  9.447   1.00 29.92 ? 20  LEU A C   1 
ATOM   159  O  O   . LEU A 1 19  ? 2.509   -10.081 10.180  1.00 30.68 ? 20  LEU A O   1 
ATOM   160  C  CB  . LEU A 1 19  ? -0.160  -11.156 10.361  1.00 33.28 ? 20  LEU A CB  1 
ATOM   161  C  CG  . LEU A 1 19  ? -0.118  -12.322 9.383   1.00 36.31 ? 20  LEU A CG  1 
ATOM   162  C  CD1 . LEU A 1 19  ? 1.101   -13.188 9.673   1.00 36.65 ? 20  LEU A CD1 1 
ATOM   163  C  CD2 . LEU A 1 19  ? -1.404  -13.134 9.524   1.00 36.22 ? 20  LEU A CD2 1 
ATOM   164  N  N   . SER A 1 20  ? 1.873   -9.058  8.281   1.00 26.31 ? 21  SER A N   1 
ATOM   165  C  CA  . SER A 1 20  ? 3.239   -8.886  7.804   1.00 24.45 ? 21  SER A CA  1 
ATOM   166  C  C   . SER A 1 20  ? 3.471   -7.423  7.449   1.00 23.72 ? 21  SER A C   1 
ATOM   167  O  O   . SER A 1 20  ? 4.614   -6.979  7.344   1.00 22.03 ? 21  SER A O   1 
ATOM   168  C  CB  . SER A 1 20  ? 3.505   -9.755  6.570   1.00 24.40 ? 21  SER A CB  1 
ATOM   169  O  OG  . SER A 1 20  ? 3.419   -11.138 6.870   1.00 24.13 ? 21  SER A OG  1 
ATOM   170  N  N   . TYR A 1 21  ? 2.380   -6.678  7.279   1.00 23.10 ? 22  TYR A N   1 
ATOM   171  C  CA  . TYR A 1 21  ? 2.459   -5.269  6.917   1.00 23.22 ? 22  TYR A CA  1 
ATOM   172  C  C   . TYR A 1 21  ? 1.545   -4.386  7.755   1.00 22.38 ? 22  TYR A C   1 
ATOM   173  O  O   . TYR A 1 21  ? 1.587   -3.164  7.644   1.00 23.66 ? 22  TYR A O   1 
ATOM   174  C  CB  . TYR A 1 21  ? 2.105   -5.094  5.442   1.00 24.04 ? 22  TYR A CB  1 
ATOM   175  C  CG  . TYR A 1 21  ? 3.055   -5.794  4.497   1.00 24.90 ? 22  TYR A CG  1 
ATOM   176  C  CD1 . TYR A 1 21  ? 4.276   -5.218  4.153   1.00 25.02 ? 22  TYR A CD1 1 
ATOM   177  C  CD2 . TYR A 1 21  ? 2.737   -7.043  3.959   1.00 26.02 ? 22  TYR A CD2 1 
ATOM   178  C  CE1 . TYR A 1 21  ? 5.161   -5.870  3.294   1.00 24.29 ? 22  TYR A CE1 1 
ATOM   179  C  CE2 . TYR A 1 21  ? 3.613   -7.702  3.103   1.00 24.63 ? 22  TYR A CE2 1 
ATOM   180  C  CZ  . TYR A 1 21  ? 4.821   -7.111  2.776   1.00 23.75 ? 22  TYR A CZ  1 
ATOM   181  O  OH  . TYR A 1 21  ? 5.689   -7.768  1.935   1.00 25.73 ? 22  TYR A OH  1 
ATOM   182  N  N   . GLY A 1 22  ? 0.722   -5.001  8.595   1.00 22.22 ? 23  GLY A N   1 
ATOM   183  C  CA  . GLY A 1 22  ? -0.191  -4.241  9.429   1.00 19.94 ? 23  GLY A CA  1 
ATOM   184  C  C   . GLY A 1 22  ? 0.479   -3.228  10.336  1.00 18.40 ? 23  GLY A C   1 
ATOM   185  O  O   . GLY A 1 22  ? -0.118  -2.206  10.670  1.00 18.12 ? 23  GLY A O   1 
ATOM   186  N  N   . SER A 1 23  ? 1.716   -3.503  10.740  1.00 19.10 ? 24  SER A N   1 
ATOM   187  C  CA  . SER A 1 23  ? 2.445   -2.595  11.625  1.00 19.54 ? 24  SER A CA  1 
ATOM   188  C  C   . SER A 1 23  ? 3.911   -2.461  11.248  1.00 17.94 ? 24  SER A C   1 
ATOM   189  O  O   . SER A 1 23  ? 4.759   -2.261  12.109  1.00 18.23 ? 24  SER A O   1 
ATOM   190  C  CB  . SER A 1 23  ? 2.342   -3.073  13.075  1.00 21.49 ? 24  SER A CB  1 
ATOM   191  O  OG  . SER A 1 23  ? 1.022   -2.926  13.568  1.00 27.38 ? 24  SER A OG  1 
ATOM   192  N  N   . TYR A 1 24  ? 4.192   -2.550  9.954   1.00 18.17 ? 25  TYR A N   1 
ATOM   193  C  CA  . TYR A 1 24  ? 5.555   -2.458  9.446   1.00 17.10 ? 25  TYR A CA  1 
ATOM   194  C  C   . TYR A 1 24  ? 6.049   -1.021  9.249   1.00 17.73 ? 25  TYR A C   1 
ATOM   195  O  O   . TYR A 1 24  ? 5.339   -0.154  8.713   1.00 14.05 ? 25  TYR A O   1 
ATOM   196  C  CB  . TYR A 1 24  ? 5.644   -3.229  8.130   1.00 17.12 ? 25  TYR A CB  1 
ATOM   197  C  CG  . TYR A 1 24  ? 7.048   -3.554  7.669   1.00 19.52 ? 25  TYR A CG  1 
ATOM   198  C  CD1 . TYR A 1 24  ? 7.795   -2.638  6.925   1.00 18.49 ? 25  TYR A CD1 1 
ATOM   199  C  CD2 . TYR A 1 24  ? 7.618   -4.800  7.944   1.00 18.32 ? 25  TYR A CD2 1 
ATOM   200  C  CE1 . TYR A 1 24  ? 9.073   -2.960  6.460   1.00 18.07 ? 25  TYR A CE1 1 
ATOM   201  C  CE2 . TYR A 1 24  ? 8.890   -5.127  7.489   1.00 17.35 ? 25  TYR A CE2 1 
ATOM   202  C  CZ  . TYR A 1 24  ? 9.612   -4.205  6.746   1.00 16.85 ? 25  TYR A CZ  1 
ATOM   203  O  OH  . TYR A 1 24  ? 10.874  -4.529  6.298   1.00 15.25 ? 25  TYR A OH  1 
ATOM   204  N  N   . GLY A 1 25  ? 7.277   -0.779  9.701   1.00 18.76 ? 26  GLY A N   1 
ATOM   205  C  CA  . GLY A 1 25  ? 7.881   0.534   9.564   1.00 20.43 ? 26  GLY A CA  1 
ATOM   206  C  C   . GLY A 1 25  ? 7.069   1.678   10.139  1.00 20.76 ? 26  GLY A C   1 
ATOM   207  O  O   . GLY A 1 25  ? 6.284   1.487   11.068  1.00 20.25 ? 26  GLY A O   1 
ATOM   208  N  N   . CYS A 1 26  ? 7.260   2.866   9.568   1.00 21.32 ? 27  CYS A N   1 
ATOM   209  C  CA  . CYS A 1 26  ? 6.579   4.081   10.008  1.00 21.12 ? 27  CYS A CA  1 
ATOM   210  C  C   . CYS A 1 26  ? 5.343   4.421   9.190   1.00 20.71 ? 27  CYS A C   1 
ATOM   211  O  O   . CYS A 1 26  ? 4.566   5.292   9.573   1.00 23.33 ? 27  CYS A O   1 
ATOM   212  C  CB  . CYS A 1 26  ? 7.531   5.276   9.931   1.00 22.32 ? 27  CYS A CB  1 
ATOM   213  S  SG  . CYS A 1 26  ? 9.061   5.106   10.893  1.00 25.67 ? 27  CYS A SG  1 
ATOM   214  N  N   . TYR A 1 27  ? 5.127   3.727   8.080   1.00 18.94 ? 28  TYR A N   1 
ATOM   215  C  CA  . TYR A 1 27  ? 3.969   4.077   7.268   1.00 19.03 ? 28  TYR A CA  1 
ATOM   216  C  C   . TYR A 1 27  ? 3.046   2.942   6.857   1.00 20.05 ? 28  TYR A C   1 
ATOM   217  O  O   . TYR A 1 27  ? 2.006   3.206   6.281   1.00 22.74 ? 28  TYR A O   1 
ATOM   218  C  CB  . TYR A 1 27  ? 4.467   4.812   6.006   1.00 16.85 ? 28  TYR A CB  1 
ATOM   219  C  CG  . TYR A 1 27  ? 5.080   6.183   6.260   1.00 16.18 ? 28  TYR A CG  1 
ATOM   220  C  CD1 . TYR A 1 27  ? 6.425   6.303   6.616   1.00 15.65 ? 28  TYR A CD1 1 
ATOM   221  C  CD2 . TYR A 1 27  ? 4.317   7.347   6.155   1.00 13.96 ? 28  TYR A CD2 1 
ATOM   222  C  CE1 . TYR A 1 27  ? 6.997   7.550   6.861   1.00 16.37 ? 28  TYR A CE1 1 
ATOM   223  C  CE2 . TYR A 1 27  ? 4.879   8.598   6.396   1.00 17.56 ? 28  TYR A CE2 1 
ATOM   224  C  CZ  . TYR A 1 27  ? 6.220   8.694   6.748   1.00 18.61 ? 28  TYR A CZ  1 
ATOM   225  O  OH  . TYR A 1 27  ? 6.780   9.930   6.990   1.00 17.14 ? 28  TYR A OH  1 
ATOM   226  N  N   . CYS A 1 28  ? 3.398   1.688   7.115   1.00 19.63 ? 29  CYS A N   1 
ATOM   227  C  CA  . CYS A 1 28  ? 2.524   0.600   6.704   1.00 19.45 ? 29  CYS A CA  1 
ATOM   228  C  C   . CYS A 1 28  ? 1.321   0.461   7.624   1.00 20.10 ? 29  CYS A C   1 
ATOM   229  O  O   . CYS A 1 28  ? 0.217   0.176   7.166   1.00 16.22 ? 29  CYS A O   1 
ATOM   230  C  CB  . CYS A 1 28  ? 3.284   -0.725  6.610   1.00 18.94 ? 29  CYS A CB  1 
ATOM   231  S  SG  . CYS A 1 28  ? 4.523   -0.782  5.272   1.00 14.76 ? 29  CYS A SG  1 
ATOM   232  N  N   . GLY A 1 29  ? 1.536   0.665   8.920   1.00 23.19 ? 30  GLY A N   1 
ATOM   233  C  CA  . GLY A 1 29  ? 0.441   0.585   9.868   1.00 27.28 ? 30  GLY A CA  1 
ATOM   234  C  C   . GLY A 1 29  ? -0.502  1.748   9.612   1.00 30.20 ? 30  GLY A C   1 
ATOM   235  O  O   . GLY A 1 29  ? -0.486  2.311   8.521   1.00 30.97 ? 30  GLY A O   1 
ATOM   236  N  N   . TRP A 1 30  ? -1.323  2.113   10.594  1.00 31.99 ? 31  TRP A N   1 
ATOM   237  C  CA  . TRP A 1 30  ? -2.245  3.229   10.416  1.00 32.46 ? 31  TRP A CA  1 
ATOM   238  C  C   . TRP A 1 30  ? -1.539  4.513   10.817  1.00 32.82 ? 31  TRP A C   1 
ATOM   239  O  O   . TRP A 1 30  ? -0.834  4.549   11.827  1.00 33.60 ? 31  TRP A O   1 
ATOM   240  C  CB  . TRP A 1 30  ? -3.493  3.053   11.280  1.00 34.70 ? 31  TRP A CB  1 
ATOM   241  C  CG  . TRP A 1 30  ? -4.565  4.049   10.956  1.00 38.74 ? 31  TRP A CG  1 
ATOM   242  C  CD1 . TRP A 1 30  ? -5.530  3.930   9.997   1.00 40.16 ? 31  TRP A CD1 1 
ATOM   243  C  CD2 . TRP A 1 30  ? -4.736  5.349   11.537  1.00 40.38 ? 31  TRP A CD2 1 
ATOM   244  N  NE1 . TRP A 1 30  ? -6.288  5.077   9.941   1.00 40.69 ? 31  TRP A NE1 1 
ATOM   245  C  CE2 . TRP A 1 30  ? -5.821  5.964   10.874  1.00 40.47 ? 31  TRP A CE2 1 
ATOM   246  C  CE3 . TRP A 1 30  ? -4.073  6.057   12.550  1.00 41.91 ? 31  TRP A CE3 1 
ATOM   247  C  CZ2 . TRP A 1 30  ? -6.262  7.254   11.193  1.00 41.42 ? 31  TRP A CZ2 1 
ATOM   248  C  CZ3 . TRP A 1 30  ? -4.511  7.342   12.867  1.00 42.97 ? 31  TRP A CZ3 1 
ATOM   249  C  CH2 . TRP A 1 30  ? -5.597  7.925   12.187  1.00 43.35 ? 31  TRP A CH2 1 
ATOM   250  N  N   . GLY A 1 31  ? -1.728  5.569   10.031  1.00 31.75 ? 32  GLY A N   1 
ATOM   251  C  CA  . GLY A 1 31  ? -1.071  6.800   10.383  1.00 32.03 ? 32  GLY A CA  1 
ATOM   252  C  C   . GLY A 1 31  ? 0.269   6.841   9.683   1.00 32.14 ? 32  GLY A C   1 
ATOM   253  O  O   . GLY A 1 31  ? 0.403   6.334   8.576   1.00 33.35 ? 32  GLY A O   1 
ATOM   254  N  N   . GLY A 1 32  ? 1.267   7.443   10.317  1.00 31.59 ? 33  GLY A N   1 
ATOM   255  C  CA  . GLY A 1 32  ? 2.582   7.479   9.697   1.00 29.62 ? 33  GLY A CA  1 
ATOM   256  C  C   . GLY A 1 32  ? 3.266   8.825   9.788   1.00 27.96 ? 33  GLY A C   1 
ATOM   257  O  O   . GLY A 1 32  ? 2.651   9.868   9.589   1.00 25.83 ? 33  GLY A O   1 
ATOM   258  N  N   . GLN A 1 33  ? 4.560   8.785   10.085  1.00 28.55 ? 34  GLN A N   1 
ATOM   259  C  CA  . GLN A 1 33  ? 5.380   9.984   10.209  1.00 27.61 ? 34  GLN A CA  1 
ATOM   260  C  C   . GLN A 1 33  ? 6.821   9.526   10.265  1.00 26.71 ? 34  GLN A C   1 
ATOM   261  O  O   . GLN A 1 33  ? 7.084   8.331   10.349  1.00 27.28 ? 34  GLN A O   1 
ATOM   262  C  CB  . GLN A 1 33  ? 5.038   10.733  11.493  1.00 28.78 ? 34  GLN A CB  1 
ATOM   263  C  CG  . GLN A 1 33  ? 5.248   9.904   12.752  1.00 32.35 ? 34  GLN A CG  1 
ATOM   264  C  CD  . GLN A 1 33  ? 4.929   10.672  14.018  1.00 34.66 ? 34  GLN A CD  1 
ATOM   265  O  OE1 . GLN A 1 33  ? 3.797   11.107  14.228  1.00 37.75 ? 34  GLN A OE1 1 
ATOM   266  N  NE2 . GLN A 1 33  ? 5.929   10.845  14.869  1.00 34.09 ? 34  GLN A NE2 1 
ATOM   267  N  N   . GLY A 1 34  ? 7.753   10.473  10.221  1.00 26.53 ? 35  GLY A N   1 
ATOM   268  C  CA  . GLY A 1 34  ? 9.158   10.123  10.284  1.00 25.32 ? 35  GLY A CA  1 
ATOM   269  C  C   . GLY A 1 34  ? 9.737   9.674   8.956   1.00 25.50 ? 35  GLY A C   1 
ATOM   270  O  O   . GLY A 1 34  ? 9.089   9.800   7.915   1.00 25.37 ? 35  GLY A O   1 
ATOM   271  N  N   . PRO A 1 35  ? 10.966  9.137   8.962   1.00 24.99 ? 36  PRO A N   1 
ATOM   272  C  CA  . PRO A 1 35  ? 11.631  8.671   7.747   1.00 23.77 ? 36  PRO A CA  1 
ATOM   273  C  C   . PRO A 1 35  ? 11.268  7.224   7.448   1.00 23.28 ? 36  PRO A C   1 
ATOM   274  O  O   . PRO A 1 35  ? 11.083  6.424   8.369   1.00 24.76 ? 36  PRO A O   1 
ATOM   275  C  CB  . PRO A 1 35  ? 13.098  8.809   8.106   1.00 24.18 ? 36  PRO A CB  1 
ATOM   276  C  CG  . PRO A 1 35  ? 13.088  8.311   9.535   1.00 25.04 ? 36  PRO A CG  1 
ATOM   277  C  CD  . PRO A 1 35  ? 11.866  9.007   10.127  1.00 24.16 ? 36  PRO A CD  1 
ATOM   278  N  N   . PRO A 1 36  ? 11.155  6.867   6.160   1.00 22.71 ? 37  PRO A N   1 
ATOM   279  C  CA  . PRO A 1 36  ? 10.818  5.485   5.806   1.00 22.37 ? 37  PRO A CA  1 
ATOM   280  C  C   . PRO A 1 36  ? 11.947  4.585   6.294   1.00 21.96 ? 37  PRO A C   1 
ATOM   281  O  O   . PRO A 1 36  ? 13.117  4.858   6.017   1.00 22.88 ? 37  PRO A O   1 
ATOM   282  C  CB  . PRO A 1 36  ? 10.755  5.525   4.280   1.00 22.12 ? 37  PRO A CB  1 
ATOM   283  C  CG  . PRO A 1 36  ? 10.370  6.939   3.986   1.00 22.83 ? 37  PRO A CG  1 
ATOM   284  C  CD  . PRO A 1 36  ? 11.215  7.717   4.961   1.00 22.59 ? 37  PRO A CD  1 
ATOM   285  N  N   . LYS A 1 37  ? 11.618  3.519   7.014   1.00 20.08 ? 38  LYS A N   1 
ATOM   286  C  CA  . LYS A 1 37  ? 12.659  2.625   7.500   1.00 21.68 ? 38  LYS A CA  1 
ATOM   287  C  C   . LYS A 1 37  ? 13.329  1.864   6.352   1.00 21.59 ? 38  LYS A C   1 
ATOM   288  O  O   . LYS A 1 37  ? 14.492  1.482   6.457   1.00 22.70 ? 38  LYS A O   1 
ATOM   289  C  CB  . LYS A 1 37  ? 12.093  1.641   8.536   1.00 23.77 ? 38  LYS A CB  1 
ATOM   290  C  CG  . LYS A 1 37  ? 11.539  2.307   9.815   1.00 26.21 ? 38  LYS A CG  1 
ATOM   291  C  CD  . LYS A 1 37  ? 12.585  3.176   10.526  1.00 26.19 ? 38  LYS A CD  1 
ATOM   292  C  CE  . LYS A 1 37  ? 13.770  2.346   11.002  1.00 29.18 ? 38  LYS A CE  1 
ATOM   293  N  NZ  . LYS A 1 37  ? 14.860  3.173   11.590  1.00 29.36 ? 38  LYS A NZ  1 
ATOM   294  N  N   . ASP A 1 38  ? 12.611  1.649   5.253   1.00 22.12 ? 39  ASP A N   1 
ATOM   295  C  CA  . ASP A 1 38  ? 13.190  0.933   4.115   1.00 22.50 ? 39  ASP A CA  1 
ATOM   296  C  C   . ASP A 1 38  ? 12.291  0.933   2.868   1.00 22.41 ? 39  ASP A C   1 
ATOM   297  O  O   . ASP A 1 38  ? 11.196  1.491   2.877   1.00 24.60 ? 39  ASP A O   1 
ATOM   298  C  CB  . ASP A 1 38  ? 13.518  -0.505  4.522   1.00 21.85 ? 39  ASP A CB  1 
ATOM   299  C  CG  . ASP A 1 38  ? 12.297  -1.393  4.557   1.00 25.62 ? 39  ASP A CG  1 
ATOM   300  O  OD1 . ASP A 1 38  ? 11.173  -0.854  4.644   1.00 25.68 ? 39  ASP A OD1 1 
ATOM   301  O  OD2 . ASP A 1 38  ? 12.462  -2.630  4.503   1.00 26.83 ? 39  ASP A OD2 1 
ATOM   302  N  N   . ALA A 1 39  ? 12.765  0.301   1.800   1.00 21.24 ? 40  ALA A N   1 
ATOM   303  C  CA  . ALA A 1 39  ? 12.020  0.236   0.549   1.00 20.59 ? 40  ALA A CA  1 
ATOM   304  C  C   . ALA A 1 39  ? 10.548  -0.119  0.779   1.00 20.03 ? 40  ALA A C   1 
ATOM   305  O  O   . ALA A 1 39  ? 9.652   0.617   0.366   1.00 21.23 ? 40  ALA A O   1 
ATOM   306  C  CB  . ALA A 1 39  ? 12.670  -0.772  -0.391  1.00 19.64 ? 40  ALA A CB  1 
ATOM   307  N  N   . THR A 1 40  ? 10.296  -1.247  1.430   1.00 18.45 ? 41  THR A N   1 
ATOM   308  C  CA  . THR A 1 40  ? 8.925   -1.654  1.717   1.00 18.64 ? 41  THR A CA  1 
ATOM   309  C  C   . THR A 1 40  ? 8.164   -0.506  2.386   1.00 17.41 ? 41  THR A C   1 
ATOM   310  O  O   . THR A 1 40  ? 7.077   -0.130  1.951   1.00 15.29 ? 41  THR A O   1 
ATOM   311  C  CB  . THR A 1 40  ? 8.896   -2.874  2.659   1.00 18.83 ? 41  THR A CB  1 
ATOM   312  O  OG1 . THR A 1 40  ? 9.343   -4.034  1.947   1.00 19.93 ? 41  THR A OG1 1 
ATOM   313  C  CG2 . THR A 1 40  ? 7.490   -3.108  3.194   1.00 20.03 ? 41  THR A CG2 1 
ATOM   314  N  N   . ASP A 1 41  ? 8.758   0.043   3.445   1.00 18.31 ? 42  ASP A N   1 
ATOM   315  C  CA  . ASP A 1 41  ? 8.163   1.140   4.205   1.00 17.39 ? 42  ASP A CA  1 
ATOM   316  C  C   . ASP A 1 41  ? 7.872   2.318   3.280   1.00 17.30 ? 42  ASP A C   1 
ATOM   317  O  O   . ASP A 1 41  ? 6.838   2.976   3.407   1.00 16.95 ? 42  ASP A O   1 
ATOM   318  C  CB  . ASP A 1 41  ? 9.113   1.550   5.340   1.00 17.60 ? 42  ASP A CB  1 
ATOM   319  C  CG  . ASP A 1 41  ? 8.423   2.356   6.439   1.00 17.13 ? 42  ASP A CG  1 
ATOM   320  O  OD1 . ASP A 1 41  ? 7.182   2.291   6.567   1.00 12.14 ? 42  ASP A OD1 1 
ATOM   321  O  OD2 . ASP A 1 41  ? 9.137   3.049   7.197   1.00 19.76 ? 42  ASP A OD2 1 
ATOM   322  N  N   . ARG A 1 42  ? 8.777   2.568   2.340   1.00 16.70 ? 43  ARG A N   1 
ATOM   323  C  CA  . ARG A 1 42  ? 8.608   3.662   1.385   1.00 17.90 ? 43  ARG A CA  1 
ATOM   324  C  C   . ARG A 1 42  ? 7.387   3.402   0.512   1.00 16.58 ? 43  ARG A C   1 
ATOM   325  O  O   . ARG A 1 42  ? 6.679   4.337   0.129   1.00 14.71 ? 43  ARG A O   1 
ATOM   326  C  CB  . ARG A 1 42  ? 9.856   3.802   0.511   1.00 20.33 ? 43  ARG A CB  1 
ATOM   327  C  CG  . ARG A 1 42  ? 9.768   4.881   -0.555  1.00 25.03 ? 43  ARG A CG  1 
ATOM   328  C  CD  . ARG A 1 42  ? 11.149  5.468   -0.826  1.00 29.82 ? 43  ARG A CD  1 
ATOM   329  N  NE  . ARG A 1 42  ? 12.169  4.434   -0.978  1.00 37.50 ? 43  ARG A NE  1 
ATOM   330  C  CZ  . ARG A 1 42  ? 13.470  4.671   -1.134  1.00 39.86 ? 43  ARG A CZ  1 
ATOM   331  N  NH1 . ARG A 1 42  ? 13.922  5.919   -1.159  1.00 41.94 ? 43  ARG A NH1 1 
ATOM   332  N  NH2 . ARG A 1 42  ? 14.319  3.657   -1.271  1.00 39.38 ? 43  ARG A NH2 1 
ATOM   333  N  N   . CYS A 1 43  ? 7.147   2.129   0.201   1.00 15.21 ? 44  CYS A N   1 
ATOM   334  C  CA  . CYS A 1 43  ? 5.990   1.753   -0.603  1.00 15.24 ? 44  CYS A CA  1 
ATOM   335  C  C   . CYS A 1 43  ? 4.724   2.204   0.130   1.00 15.38 ? 44  CYS A C   1 
ATOM   336  O  O   . CYS A 1 43  ? 3.804   2.747   -0.481  1.00 13.40 ? 44  CYS A O   1 
ATOM   337  C  CB  . CYS A 1 43  ? 5.926   0.236   -0.809  1.00 15.08 ? 44  CYS A CB  1 
ATOM   338  S  SG  . CYS A 1 43  ? 7.231   -0.562  -1.816  1.00 17.59 ? 44  CYS A SG  1 
ATOM   339  N  N   . CYS A 1 44  ? 4.688   1.978   1.442   1.00 14.63 ? 45  CYS A N   1 
ATOM   340  C  CA  . CYS A 1 44  ? 3.539   2.350   2.265   1.00 13.98 ? 45  CYS A CA  1 
ATOM   341  C  C   . CYS A 1 44  ? 3.394   3.855   2.404   1.00 13.65 ? 45  CYS A C   1 
ATOM   342  O  O   . CYS A 1 44  ? 2.314   4.354   2.702   1.00 14.92 ? 45  CYS A O   1 
ATOM   343  C  CB  . CYS A 1 44  ? 3.645   1.717   3.661   1.00 15.13 ? 45  CYS A CB  1 
ATOM   344  S  SG  . CYS A 1 44  ? 3.487   -0.097  3.662   1.00 16.98 ? 45  CYS A SG  1 
ATOM   345  N  N   . LEU A 1 45  ? 4.495   4.576   2.212   1.00 14.69 ? 46  LEU A N   1 
ATOM   346  C  CA  . LEU A 1 45  ? 4.484   6.036   2.297   1.00 12.42 ? 46  LEU A CA  1 
ATOM   347  C  C   . LEU A 1 45  ? 3.678   6.497   1.095   1.00 11.41 ? 46  LEU A C   1 
ATOM   348  O  O   . LEU A 1 45  ? 2.593   7.051   1.235   1.00 12.68 ? 46  LEU A O   1 
ATOM   349  C  CB  . LEU A 1 45  ? 5.917   6.573   2.211   1.00 15.15 ? 46  LEU A CB  1 
ATOM   350  C  CG  . LEU A 1 45  ? 6.190   8.069   2.418   1.00 15.86 ? 46  LEU A CG  1 
ATOM   351  C  CD1 . LEU A 1 45  ? 7.691   8.296   2.483   1.00 13.87 ? 46  LEU A CD1 1 
ATOM   352  C  CD2 . LEU A 1 45  ? 5.574   8.883   1.295   1.00 17.03 ? 46  LEU A CD2 1 
ATOM   353  N  N   . VAL A 1 46  ? 4.221   6.229   -0.089  1.00 10.49 ? 47  VAL A N   1 
ATOM   354  C  CA  . VAL A 1 46  ? 3.585   6.575   -1.355  1.00 9.81  ? 47  VAL A CA  1 
ATOM   355  C  C   . VAL A 1 46  ? 2.089   6.270   -1.386  1.00 9.17  ? 47  VAL A C   1 
ATOM   356  O  O   . VAL A 1 46  ? 1.299   7.063   -1.901  1.00 7.81  ? 47  VAL A O   1 
ATOM   357  C  CB  . VAL A 1 46  ? 4.252   5.813   -2.510  1.00 9.92  ? 47  VAL A CB  1 
ATOM   358  C  CG1 . VAL A 1 46  ? 3.491   6.068   -3.812  1.00 6.69  ? 47  VAL A CG1 1 
ATOM   359  C  CG2 . VAL A 1 46  ? 5.735   6.233   -2.619  1.00 8.56  ? 47  VAL A CG2 1 
ATOM   360  N  N   . HIS A 1 47  ? 1.703   5.117   -0.842  1.00 9.79  ? 48  HIS A N   1 
ATOM   361  C  CA  . HIS A 1 47  ? 0.296   4.714   -0.810  1.00 11.82 ? 48  HIS A CA  1 
ATOM   362  C  C   . HIS A 1 47  ? -0.498  5.715   0.040   1.00 13.45 ? 48  HIS A C   1 
ATOM   363  O  O   . HIS A 1 47  ? -1.601  6.112   -0.328  1.00 11.88 ? 48  HIS A O   1 
ATOM   364  C  CB  . HIS A 1 47  ? 0.178   3.289   -0.249  1.00 10.66 ? 48  HIS A CB  1 
ATOM   365  C  CG  . HIS A 1 47  ? -1.186  2.687   -0.399  1.00 12.90 ? 48  HIS A CG  1 
ATOM   366  N  ND1 . HIS A 1 47  ? -2.100  2.643   0.633   1.00 14.42 ? 48  HIS A ND1 1 
ATOM   367  C  CD2 . HIS A 1 47  ? -1.794  2.109   -1.462  1.00 14.33 ? 48  HIS A CD2 1 
ATOM   368  C  CE1 . HIS A 1 47  ? -3.210  2.063   0.213   1.00 12.63 ? 48  HIS A CE1 1 
ATOM   369  N  NE2 . HIS A 1 47  ? -3.050  1.730   -1.055  1.00 15.80 ? 48  HIS A NE2 1 
ATOM   370  N  N   . ASP A 1 48  ? 0.078   6.131   1.167   1.00 14.65 ? 49  ASP A N   1 
ATOM   371  C  CA  . ASP A 1 48  ? -0.557  7.109   2.050   1.00 17.34 ? 49  ASP A CA  1 
ATOM   372  C  C   . ASP A 1 48  ? -0.806  8.411   1.298   1.00 18.81 ? 49  ASP A C   1 
ATOM   373  O  O   . ASP A 1 48  ? -1.911  8.943   1.320   1.00 17.86 ? 49  ASP A O   1 
ATOM   374  C  CB  . ASP A 1 48  ? 0.340   7.407   3.246   1.00 17.60 ? 49  ASP A CB  1 
ATOM   375  C  CG  . ASP A 1 48  ? 0.259   6.341   4.319   1.00 17.89 ? 49  ASP A CG  1 
ATOM   376  O  OD1 . ASP A 1 48  ? -0.057  5.177   3.998   1.00 17.36 ? 49  ASP A OD1 1 
ATOM   377  O  OD2 . ASP A 1 48  ? 0.531   6.678   5.488   1.00 18.36 ? 49  ASP A OD2 1 
ATOM   378  N  N   . CYS A 1 49  ? 0.232   8.924   0.642   1.00 21.22 ? 50  CYS A N   1 
ATOM   379  C  CA  . CYS A 1 49  ? 0.117   10.158  -0.120  1.00 25.18 ? 50  CYS A CA  1 
ATOM   380  C  C   . CYS A 1 49  ? -0.922  9.991   -1.215  1.00 25.42 ? 50  CYS A C   1 
ATOM   381  O  O   . CYS A 1 49  ? -1.662  10.921  -1.538  1.00 25.56 ? 50  CYS A O   1 
ATOM   382  C  CB  . CYS A 1 49  ? 1.454   10.521  -0.758  1.00 30.63 ? 50  CYS A CB  1 
ATOM   383  S  SG  . CYS A 1 49  ? 2.747   11.127  0.371   1.00 41.13 ? 50  CYS A SG  1 
ATOM   384  N  N   . CYS A 1 50  ? -0.967  8.790   -1.782  1.00 24.52 ? 51  CYS A N   1 
ATOM   385  C  CA  . CYS A 1 50  ? -1.909  8.474   -2.846  1.00 22.56 ? 51  CYS A CA  1 
ATOM   386  C  C   . CYS A 1 50  ? -3.332  8.597   -2.324  1.00 21.43 ? 51  CYS A C   1 
ATOM   387  O  O   . CYS A 1 50  ? -4.217  9.080   -3.021  1.00 20.76 ? 51  CYS A O   1 
ATOM   388  C  CB  . CYS A 1 50  ? -1.662  7.049   -3.341  1.00 22.83 ? 51  CYS A CB  1 
ATOM   389  S  SG  . CYS A 1 50  ? -2.205  6.697   -5.044  1.00 23.59 ? 51  CYS A SG  1 
ATOM   390  N  N   . TYR A 1 51  ? -3.551  8.160   -1.089  1.00 22.17 ? 52  TYR A N   1 
ATOM   391  C  CA  . TYR A 1 51  ? -4.881  8.219   -0.488  1.00 23.79 ? 52  TYR A CA  1 
ATOM   392  C  C   . TYR A 1 51  ? -5.361  9.624   -0.163  1.00 25.67 ? 52  TYR A C   1 
ATOM   393  O  O   . TYR A 1 51  ? -6.556  9.896   -0.225  1.00 24.89 ? 52  TYR A O   1 
ATOM   394  C  CB  . TYR A 1 51  ? -4.931  7.356   0.776   1.00 20.08 ? 52  TYR A CB  1 
ATOM   395  C  CG  . TYR A 1 51  ? -5.430  5.951   0.525   1.00 17.76 ? 52  TYR A CG  1 
ATOM   396  C  CD1 . TYR A 1 51  ? -5.424  5.406   -0.761  1.00 18.50 ? 52  TYR A CD1 1 
ATOM   397  C  CD2 . TYR A 1 51  ? -5.893  5.160   1.575   1.00 16.97 ? 52  TYR A CD2 1 
ATOM   398  C  CE1 . TYR A 1 51  ? -5.867  4.104   -0.999  1.00 17.81 ? 52  TYR A CE1 1 
ATOM   399  C  CE2 . TYR A 1 51  ? -6.336  3.848   1.349   1.00 18.22 ? 52  TYR A CE2 1 
ATOM   400  C  CZ  . TYR A 1 51  ? -6.316  3.332   0.060   1.00 17.54 ? 52  TYR A CZ  1 
ATOM   401  O  OH  . TYR A 1 51  ? -6.711  2.040   -0.167  1.00 17.55 ? 52  TYR A OH  1 
ATOM   402  N  N   . THR A 1 52  ? -4.433  10.515  0.177   1.00 28.88 ? 53  THR A N   1 
ATOM   403  C  CA  . THR A 1 52  ? -4.790  11.888  0.501   1.00 32.81 ? 53  THR A CA  1 
ATOM   404  C  C   . THR A 1 52  ? -5.370  12.588  -0.719  1.00 35.47 ? 53  THR A C   1 
ATOM   405  O  O   . THR A 1 52  ? -6.388  13.272  -0.621  1.00 36.12 ? 53  THR A O   1 
ATOM   406  C  CB  . THR A 1 52  ? -3.568  12.699  1.000   1.00 34.23 ? 53  THR A CB  1 
ATOM   407  O  OG1 . THR A 1 52  ? -2.555  12.714  -0.013  1.00 35.37 ? 53  THR A OG1 1 
ATOM   408  C  CG2 . THR A 1 52  ? -3.001  12.089  2.275   1.00 31.83 ? 53  THR A CG2 1 
ATOM   409  N  N   . ARG A 1 53  ? -4.720  12.423  -1.868  1.00 38.31 ? 54  ARG A N   1 
ATOM   410  C  CA  . ARG A 1 53  ? -5.197  13.042  -3.101  1.00 41.45 ? 54  ARG A CA  1 
ATOM   411  C  C   . ARG A 1 53  ? -6.560  12.484  -3.497  1.00 42.45 ? 54  ARG A C   1 
ATOM   412  O  O   . ARG A 1 53  ? -7.311  13.130  -4.228  1.00 43.55 ? 54  ARG A O   1 
ATOM   413  C  CB  . ARG A 1 53  ? -4.220  12.793  -4.250  1.00 44.63 ? 54  ARG A CB  1 
ATOM   414  C  CG  . ARG A 1 53  ? -2.792  13.202  -3.983  1.00 48.52 ? 54  ARG A CG  1 
ATOM   415  C  CD  . ARG A 1 53  ? -1.979  13.086  -5.263  1.00 52.78 ? 54  ARG A CD  1 
ATOM   416  N  NE  . ARG A 1 53  ? -0.541  13.117  -5.012  1.00 55.87 ? 54  ARG A NE  1 
ATOM   417  C  CZ  . ARG A 1 53  ? 0.134   12.137  -4.422  1.00 56.98 ? 54  ARG A CZ  1 
ATOM   418  N  NH1 . ARG A 1 53  ? -0.497  11.040  -4.020  1.00 58.19 ? 54  ARG A NH1 1 
ATOM   419  N  NH2 . ARG A 1 53  ? 1.438   12.254  -4.230  1.00 57.62 ? 54  ARG A NH2 1 
ATOM   420  N  N   . VAL A 1 54  ? -6.870  11.280  -3.023  1.00 42.85 ? 55  VAL A N   1 
ATOM   421  C  CA  . VAL A 1 54  ? -8.148  10.638  -3.333  1.00 43.95 ? 55  VAL A CA  1 
ATOM   422  C  C   . VAL A 1 54  ? -9.164  10.922  -2.218  1.00 44.91 ? 55  VAL A C   1 
ATOM   423  O  O   . VAL A 1 54  ? -9.783  10.012  -1.665  1.00 44.32 ? 55  VAL A O   1 
ATOM   424  C  CB  . VAL A 1 54  ? -7.960  9.109   -3.512  1.00 42.90 ? 55  VAL A CB  1 
ATOM   425  C  CG1 . VAL A 1 54  ? -9.286  8.437   -3.785  1.00 44.36 ? 55  VAL A CG1 1 
ATOM   426  C  CG2 . VAL A 1 54  ? -6.999  8.840   -4.660  1.00 42.72 ? 55  VAL A CG2 1 
ATOM   427  N  N   . GLY A 1 55  ? -9.329  12.199  -1.899  1.00 45.61 ? 56  GLY A N   1 
ATOM   428  C  CA  . GLY A 1 55  ? -10.255 12.586  -0.850  1.00 46.49 ? 56  GLY A CA  1 
ATOM   429  C  C   . GLY A 1 55  ? -11.716 12.303  -1.144  1.00 46.99 ? 56  GLY A C   1 
ATOM   430  O  O   . GLY A 1 55  ? -12.375 11.598  -0.381  1.00 48.21 ? 56  GLY A O   1 
ATOM   431  N  N   . ASP A 1 56  ? -12.223 12.858  -2.242  1.00 48.00 ? 59  ASP A N   1 
ATOM   432  C  CA  . ASP A 1 56  ? -13.618 12.678  -2.634  1.00 47.82 ? 59  ASP A CA  1 
ATOM   433  C  C   . ASP A 1 56  ? -14.130 11.270  -2.368  1.00 46.07 ? 59  ASP A C   1 
ATOM   434  O  O   . ASP A 1 56  ? -15.115 11.083  -1.658  1.00 45.56 ? 59  ASP A O   1 
ATOM   435  C  CB  . ASP A 1 56  ? -13.796 13.012  -4.117  1.00 51.00 ? 59  ASP A CB  1 
ATOM   436  C  CG  . ASP A 1 56  ? -13.857 14.507  -4.374  1.00 54.49 ? 59  ASP A CG  1 
ATOM   437  O  OD1 . ASP A 1 56  ? -12.911 15.220  -3.979  1.00 55.85 ? 59  ASP A OD1 1 
ATOM   438  O  OD2 . ASP A 1 56  ? -14.857 14.967  -4.970  1.00 55.26 ? 59  ASP A OD2 1 
ATOM   439  N  N   . CYS A 1 57  ? -13.446 10.286  -2.941  1.00 43.56 ? 61  CYS A N   1 
ATOM   440  C  CA  . CYS A 1 57  ? -13.814 8.885   -2.784  1.00 40.94 ? 61  CYS A CA  1 
ATOM   441  C  C   . CYS A 1 57  ? -13.474 8.384   -1.382  1.00 40.15 ? 61  CYS A C   1 
ATOM   442  O  O   . CYS A 1 57  ? -12.782 9.065   -0.628  1.00 42.03 ? 61  CYS A O   1 
ATOM   443  C  CB  . CYS A 1 57  ? -13.062 8.044   -3.814  1.00 38.98 ? 61  CYS A CB  1 
ATOM   444  S  SG  . CYS A 1 57  ? -12.255 8.996   -5.143  1.00 36.55 ? 61  CYS A SG  1 
ATOM   445  N  N   . SER A 1 58  ? -13.967 7.201   -1.027  1.00 38.87 ? 67  SER A N   1 
ATOM   446  C  CA  . SER A 1 58  ? -13.659 6.627   0.283   1.00 37.89 ? 67  SER A CA  1 
ATOM   447  C  C   . SER A 1 58  ? -12.670 5.500   0.040   1.00 35.28 ? 67  SER A C   1 
ATOM   448  O  O   . SER A 1 58  ? -13.051 4.346   -0.125  1.00 35.10 ? 67  SER A O   1 
ATOM   449  C  CB  . SER A 1 58  ? -14.922 6.106   0.964   1.00 39.31 ? 67  SER A CB  1 
ATOM   450  O  OG  . SER A 1 58  ? -15.777 7.193   1.282   1.00 43.09 ? 67  SER A OG  1 
ATOM   451  N  N   . PRO A 1 59  ? -11.374 5.838   0.019   1.00 33.31 ? 68  PRO A N   1 
ATOM   452  C  CA  . PRO A 1 59  ? -10.230 4.953   -0.208  1.00 31.98 ? 68  PRO A CA  1 
ATOM   453  C  C   . PRO A 1 59  ? -10.257 3.568   0.421   1.00 30.20 ? 68  PRO A C   1 
ATOM   454  O  O   . PRO A 1 59  ? -9.872  2.597   -0.213  1.00 30.60 ? 68  PRO A O   1 
ATOM   455  C  CB  . PRO A 1 59  ? -9.055  5.788   0.293   1.00 32.61 ? 68  PRO A CB  1 
ATOM   456  C  CG  . PRO A 1 59  ? -9.472  7.167   -0.061  1.00 33.69 ? 68  PRO A CG  1 
ATOM   457  C  CD  . PRO A 1 59  ? -10.906 7.181   0.402   1.00 33.71 ? 68  PRO A CD  1 
ATOM   458  N  N   . LYS A 1 60  ? -10.705 3.476   1.665   1.00 30.64 ? 69  LYS A N   1 
ATOM   459  C  CA  . LYS A 1 60  ? -10.733 2.198   2.365   1.00 30.19 ? 69  LYS A CA  1 
ATOM   460  C  C   . LYS A 1 60  ? -11.988 1.377   2.113   1.00 28.78 ? 69  LYS A C   1 
ATOM   461  O  O   . LYS A 1 60  ? -11.983 0.159   2.301   1.00 26.15 ? 69  LYS A O   1 
ATOM   462  C  CB  . LYS A 1 60  ? -10.567 2.437   3.870   1.00 32.79 ? 69  LYS A CB  1 
ATOM   463  C  CG  . LYS A 1 60  ? -9.241  3.104   4.232   1.00 35.20 ? 69  LYS A CG  1 
ATOM   464  C  CD  . LYS A 1 60  ? -9.094  3.362   5.726   1.00 38.36 ? 69  LYS A CD  1 
ATOM   465  C  CE  . LYS A 1 60  ? -10.072 4.409   6.218   1.00 41.88 ? 69  LYS A CE  1 
ATOM   466  N  NZ  . LYS A 1 60  ? -9.863  4.708   7.662   1.00 44.99 ? 69  LYS A NZ  1 
ATOM   467  N  N   . MET A 1 61  ? -13.056 2.043   1.679   1.00 28.24 ? 70  MET A N   1 
ATOM   468  C  CA  . MET A 1 61  ? -14.332 1.384   1.431   1.00 28.66 ? 70  MET A CA  1 
ATOM   469  C  C   . MET A 1 61  ? -14.796 1.365   -0.031  1.00 28.30 ? 70  MET A C   1 
ATOM   470  O  O   . MET A 1 61  ? -15.714 0.626   -0.386  1.00 27.82 ? 70  MET A O   1 
ATOM   471  C  CB  . MET A 1 61  ? -15.404 2.053   2.279   1.00 30.63 ? 70  MET A CB  1 
ATOM   472  C  CG  . MET A 1 61  ? -15.137 2.029   3.766   1.00 34.78 ? 70  MET A CG  1 
ATOM   473  S  SD  . MET A 1 61  ? -16.055 3.345   4.596   1.00 46.67 ? 70  MET A SD  1 
ATOM   474  C  CE  . MET A 1 61  ? -17.542 3.455   3.551   1.00 40.79 ? 70  MET A CE  1 
ATOM   475  N  N   . THR A 1 62  ? -14.175 2.181   -0.871  1.00 28.03 ? 71  THR A N   1 
ATOM   476  C  CA  . THR A 1 62  ? -14.535 2.249   -2.283  1.00 28.02 ? 71  THR A CA  1 
ATOM   477  C  C   . THR A 1 62  ? -14.347 0.912   -3.008  1.00 26.16 ? 71  THR A C   1 
ATOM   478  O  O   . THR A 1 62  ? -13.231 0.386   -3.107  1.00 26.40 ? 71  THR A O   1 
ATOM   479  C  CB  . THR A 1 62  ? -13.693 3.313   -3.021  1.00 31.67 ? 71  THR A CB  1 
ATOM   480  O  OG1 . THR A 1 62  ? -13.839 4.585   -2.372  1.00 34.94 ? 71  THR A OG1 1 
ATOM   481  C  CG2 . THR A 1 62  ? -14.151 3.435   -4.470  1.00 33.97 ? 71  THR A CG2 1 
ATOM   482  N  N   . LEU A 1 63  ? -15.445 0.372   -3.524  1.00 23.60 ? 72  LEU A N   1 
ATOM   483  C  CA  . LEU A 1 63  ? -15.401 -0.885  -4.251  1.00 20.75 ? 72  LEU A CA  1 
ATOM   484  C  C   . LEU A 1 63  ? -15.079 -0.574  -5.698  1.00 19.32 ? 72  LEU A C   1 
ATOM   485  O  O   . LEU A 1 63  ? -15.801 0.180   -6.342  1.00 21.63 ? 72  LEU A O   1 
ATOM   486  C  CB  . LEU A 1 63  ? -16.752 -1.593  -4.178  1.00 20.69 ? 72  LEU A CB  1 
ATOM   487  C  CG  . LEU A 1 63  ? -16.805 -2.964  -4.855  1.00 20.00 ? 72  LEU A CG  1 
ATOM   488  C  CD1 . LEU A 1 63  ? -16.019 -3.969  -4.018  1.00 19.31 ? 72  LEU A CD1 1 
ATOM   489  C  CD2 . LEU A 1 63  ? -18.250 -3.409  -5.006  1.00 22.16 ? 72  LEU A CD2 1 
ATOM   490  N  N   . TYR A 1 64  ? -13.998 -1.146  -6.211  1.00 16.69 ? 73  TYR A N   1 
ATOM   491  C  CA  . TYR A 1 64  ? -13.620 -0.905  -7.592  1.00 15.73 ? 73  TYR A CA  1 
ATOM   492  C  C   . TYR A 1 64  ? -13.518 -2.194  -8.392  1.00 16.26 ? 73  TYR A C   1 
ATOM   493  O  O   . TYR A 1 64  ? -13.685 -3.290  -7.854  1.00 15.92 ? 73  TYR A O   1 
ATOM   494  C  CB  . TYR A 1 64  ? -12.295 -0.136  -7.658  1.00 13.98 ? 73  TYR A CB  1 
ATOM   495  C  CG  . TYR A 1 64  ? -11.171 -0.727  -6.833  1.00 14.10 ? 73  TYR A CG  1 
ATOM   496  C  CD1 . TYR A 1 64  ? -10.607 -1.957  -7.160  1.00 13.35 ? 73  TYR A CD1 1 
ATOM   497  C  CD2 . TYR A 1 64  ? -10.669 -0.047  -5.722  1.00 12.95 ? 73  TYR A CD2 1 
ATOM   498  C  CE1 . TYR A 1 64  ? -9.564  -2.499  -6.397  1.00 14.53 ? 73  TYR A CE1 1 
ATOM   499  C  CE2 . TYR A 1 64  ? -9.637  -0.576  -4.957  1.00 12.50 ? 73  TYR A CE2 1 
ATOM   500  C  CZ  . TYR A 1 64  ? -9.090  -1.802  -5.295  1.00 13.98 ? 73  TYR A CZ  1 
ATOM   501  O  OH  . TYR A 1 64  ? -8.098  -2.346  -4.509  1.00 14.09 ? 73  TYR A OH  1 
ATOM   502  N  N   . SER A 1 65  ? -13.254 -2.044  -9.687  1.00 16.65 ? 74  SER A N   1 
ATOM   503  C  CA  . SER A 1 65  ? -13.126 -3.173  -10.590 1.00 17.76 ? 74  SER A CA  1 
ATOM   504  C  C   . SER A 1 65  ? -11.680 -3.377  -11.007 1.00 17.76 ? 74  SER A C   1 
ATOM   505  O  O   . SER A 1 65  ? -11.026 -2.465  -11.521 1.00 15.45 ? 74  SER A O   1 
ATOM   506  C  CB  . SER A 1 65  ? -13.984 -2.959  -11.844 1.00 18.67 ? 74  SER A CB  1 
ATOM   507  O  OG  . SER A 1 65  ? -13.702 -3.950  -12.830 1.00 19.60 ? 74  SER A OG  1 
ATOM   508  N  N   . TYR A 1 66  ? -11.183 -4.582  -10.776 1.00 18.35 ? 75  TYR A N   1 
ATOM   509  C  CA  . TYR A 1 66  ? -9.819  -4.909  -11.148 1.00 20.60 ? 75  TYR A CA  1 
ATOM   510  C  C   . TYR A 1 66  ? -9.806  -6.357  -11.614 1.00 22.16 ? 75  TYR A C   1 
ATOM   511  O  O   . TYR A 1 66  ? -10.614 -7.173  -11.176 1.00 21.24 ? 75  TYR A O   1 
ATOM   512  C  CB  . TYR A 1 66  ? -8.864  -4.686  -9.960  1.00 17.46 ? 75  TYR A CB  1 
ATOM   513  C  CG  . TYR A 1 66  ? -8.764  -5.831  -8.979  1.00 14.54 ? 75  TYR A CG  1 
ATOM   514  C  CD1 . TYR A 1 66  ? -7.721  -6.750  -9.059  1.00 15.41 ? 75  TYR A CD1 1 
ATOM   515  C  CD2 . TYR A 1 66  ? -9.702  -5.991  -7.966  1.00 10.19 ? 75  TYR A CD2 1 
ATOM   516  C  CE1 . TYR A 1 66  ? -7.613  -7.796  -8.153  1.00 14.25 ? 75  TYR A CE1 1 
ATOM   517  C  CE2 . TYR A 1 66  ? -9.603  -7.034  -7.058  1.00 11.59 ? 75  TYR A CE2 1 
ATOM   518  C  CZ  . TYR A 1 66  ? -8.556  -7.930  -7.156  1.00 14.96 ? 75  TYR A CZ  1 
ATOM   519  O  OH  . TYR A 1 66  ? -8.447  -8.954  -6.248  1.00 17.69 ? 75  TYR A OH  1 
ATOM   520  N  N   . ARG A 1 67  ? -8.894  -6.666  -12.523 1.00 26.35 ? 76  ARG A N   1 
ATOM   521  C  CA  . ARG A 1 67  ? -8.800  -8.009  -13.058 1.00 29.38 ? 76  ARG A CA  1 
ATOM   522  C  C   . ARG A 1 67  ? -7.372  -8.393  -13.374 1.00 28.77 ? 76  ARG A C   1 
ATOM   523  O  O   . ARG A 1 67  ? -6.502  -7.538  -13.493 1.00 28.42 ? 76  ARG A O   1 
ATOM   524  C  CB  . ARG A 1 67  ? -9.656  -8.126  -14.324 1.00 32.34 ? 76  ARG A CB  1 
ATOM   525  C  CG  . ARG A 1 67  ? -9.696  -6.863  -15.174 1.00 37.98 ? 76  ARG A CG  1 
ATOM   526  C  CD  . ARG A 1 67  ? -10.041 -7.177  -16.620 1.00 41.83 ? 76  ARG A CD  1 
ATOM   527  N  NE  . ARG A 1 67  ? -11.150 -8.118  -16.734 1.00 45.18 ? 76  ARG A NE  1 
ATOM   528  C  CZ  . ARG A 1 67  ? -11.510 -8.714  -17.867 1.00 47.74 ? 76  ARG A CZ  1 
ATOM   529  N  NH1 . ARG A 1 67  ? -10.850 -8.467  -18.993 1.00 46.71 ? 76  ARG A NH1 1 
ATOM   530  N  NH2 . ARG A 1 67  ? -12.528 -9.566  -17.874 1.00 50.10 ? 76  ARG A NH2 1 
ATOM   531  N  N   . PHE A 1 68  ? -7.137  -9.692  -13.503 1.00 29.89 ? 77  PHE A N   1 
ATOM   532  C  CA  . PHE A 1 68  ? -5.811  -10.199 -13.837 1.00 30.96 ? 77  PHE A CA  1 
ATOM   533  C  C   . PHE A 1 68  ? -5.773  -10.475 -15.336 1.00 30.52 ? 77  PHE A C   1 
ATOM   534  O  O   . PHE A 1 68  ? -6.766  -10.918 -15.908 1.00 29.93 ? 77  PHE A O   1 
ATOM   535  C  CB  . PHE A 1 68  ? -5.530  -11.491 -13.066 1.00 33.17 ? 77  PHE A CB  1 
ATOM   536  C  CG  . PHE A 1 68  ? -5.181  -11.274 -11.621 1.00 33.97 ? 77  PHE A CG  1 
ATOM   537  C  CD1 . PHE A 1 68  ? -4.023  -10.596 -11.269 1.00 33.98 ? 77  PHE A CD1 1 
ATOM   538  C  CD2 . PHE A 1 68  ? -6.008  -11.755 -10.611 1.00 35.73 ? 77  PHE A CD2 1 
ATOM   539  C  CE1 . PHE A 1 68  ? -3.689  -10.400 -9.927  1.00 36.27 ? 77  PHE A CE1 1 
ATOM   540  C  CE2 . PHE A 1 68  ? -5.684  -11.564 -9.268  1.00 36.45 ? 77  PHE A CE2 1 
ATOM   541  C  CZ  . PHE A 1 68  ? -4.521  -10.883 -8.927  1.00 35.98 ? 77  PHE A CZ  1 
ATOM   542  N  N   . GLU A 1 69  ? -4.638  -10.199 -15.974 1.00 31.00 ? 78  GLU A N   1 
ATOM   543  C  CA  . GLU A 1 69  ? -4.493  -10.438 -17.410 1.00 31.48 ? 78  GLU A CA  1 
ATOM   544  C  C   . GLU A 1 69  ? -3.076  -10.911 -17.699 1.00 30.97 ? 78  GLU A C   1 
ATOM   545  O  O   . GLU A 1 69  ? -2.179  -10.107 -17.958 1.00 31.67 ? 78  GLU A O   1 
ATOM   546  C  CB  . GLU A 1 69  ? -4.814  -9.164  -18.204 1.00 32.12 ? 78  GLU A CB  1 
ATOM   547  C  CG  . GLU A 1 69  ? -6.142  -8.526  -17.799 1.00 35.95 ? 78  GLU A CG  1 
ATOM   548  C  CD  . GLU A 1 69  ? -6.719  -7.593  -18.853 1.00 38.50 ? 78  GLU A CD  1 
ATOM   549  O  OE1 . GLU A 1 69  ? -7.218  -8.089  -19.885 1.00 40.19 ? 78  GLU A OE1 1 
ATOM   550  O  OE2 . GLU A 1 69  ? -6.675  -6.362  -18.649 1.00 39.13 ? 78  GLU A OE2 1 
ATOM   551  N  N   . ASN A 1 70  ? -2.891  -12.229 -17.643 1.00 31.17 ? 79  ASN A N   1 
ATOM   552  C  CA  . ASN A 1 70  ? -1.594  -12.868 -17.854 1.00 29.67 ? 79  ASN A CA  1 
ATOM   553  C  C   . ASN A 1 70  ? -0.676  -12.541 -16.678 1.00 30.05 ? 79  ASN A C   1 
ATOM   554  O  O   . ASN A 1 70  ? 0.519   -12.284 -16.847 1.00 29.00 ? 79  ASN A O   1 
ATOM   555  C  CB  . ASN A 1 70  ? -0.974  -12.396 -19.168 1.00 29.52 ? 79  ASN A CB  1 
ATOM   556  C  CG  . ASN A 1 70  ? -1.798  -12.794 -20.374 1.00 29.17 ? 79  ASN A CG  1 
ATOM   557  O  OD1 . ASN A 1 70  ? -2.988  -12.486 -20.453 1.00 28.77 ? 79  ASN A OD1 1 
ATOM   558  N  ND2 . ASN A 1 70  ? -1.171  -13.482 -21.322 1.00 30.24 ? 79  ASN A ND2 1 
ATOM   559  N  N   . GLY A 1 71  ? -1.259  -12.547 -15.480 1.00 30.47 ? 80  GLY A N   1 
ATOM   560  C  CA  . GLY A 1 71  ? -0.512  -12.258 -14.270 1.00 29.17 ? 80  GLY A CA  1 
ATOM   561  C  C   . GLY A 1 71  ? -0.623  -10.810 -13.824 1.00 28.62 ? 80  GLY A C   1 
ATOM   562  O  O   . GLY A 1 71  ? -0.657  -10.522 -12.627 1.00 28.52 ? 80  GLY A O   1 
ATOM   563  N  N   . ASP A 1 72  ? -0.687  -9.899  -14.788 1.00 26.94 ? 81  ASP A N   1 
ATOM   564  C  CA  . ASP A 1 72  ? -0.769  -8.476  -14.505 1.00 27.63 ? 81  ASP A CA  1 
ATOM   565  C  C   . ASP A 1 72  ? -2.085  -8.014  -13.904 1.00 26.53 ? 81  ASP A C   1 
ATOM   566  O  O   . ASP A 1 72  ? -3.151  -8.539  -14.224 1.00 27.57 ? 81  ASP A O   1 
ATOM   567  C  CB  . ASP A 1 72  ? -0.498  -7.674  -15.783 1.00 30.37 ? 81  ASP A CB  1 
ATOM   568  C  CG  . ASP A 1 72  ? 0.959   -7.719  -16.203 1.00 30.57 ? 81  ASP A CG  1 
ATOM   569  O  OD1 . ASP A 1 72  ? 1.460   -8.811  -16.541 1.00 30.43 ? 81  ASP A OD1 1 
ATOM   570  O  OD2 . ASP A 1 72  ? 1.605   -6.651  -16.192 1.00 34.00 ? 81  ASP A OD2 1 
ATOM   571  N  N   . ILE A 1 73  ? -1.996  -7.022  -13.025 1.00 27.00 ? 82  ILE A N   1 
ATOM   572  C  CA  . ILE A 1 73  ? -3.171  -6.448  -12.380 1.00 27.44 ? 82  ILE A CA  1 
ATOM   573  C  C   . ILE A 1 73  ? -3.588  -5.245  -13.211 1.00 27.75 ? 82  ILE A C   1 
ATOM   574  O  O   . ILE A 1 73  ? -2.774  -4.358  -13.470 1.00 28.97 ? 82  ILE A O   1 
ATOM   575  C  CB  . ILE A 1 73  ? -2.855  -5.962  -10.950 1.00 26.86 ? 82  ILE A CB  1 
ATOM   576  C  CG1 . ILE A 1 73  ? -2.401  -7.136  -10.086 1.00 27.84 ? 82  ILE A CG1 1 
ATOM   577  C  CG2 . ILE A 1 73  ? -4.082  -5.303  -10.344 1.00 26.49 ? 82  ILE A CG2 1 
ATOM   578  C  CD1 . ILE A 1 73  ? -2.094  -6.746  -8.655  1.00 29.63 ? 82  ILE A CD1 1 
ATOM   579  N  N   . ILE A 1 74  ? -4.849  -5.220  -13.634 1.00 27.54 ? 83  ILE A N   1 
ATOM   580  C  CA  . ILE A 1 74  ? -5.354  -4.120  -14.444 1.00 28.92 ? 83  ILE A CA  1 
ATOM   581  C  C   . ILE A 1 74  ? -6.612  -3.491  -13.862 1.00 29.91 ? 83  ILE A C   1 
ATOM   582  O  O   . ILE A 1 74  ? -7.589  -4.181  -13.570 1.00 30.73 ? 83  ILE A O   1 
ATOM   583  C  CB  . ILE A 1 74  ? -5.672  -4.572  -15.900 1.00 28.25 ? 83  ILE A CB  1 
ATOM   584  C  CG1 . ILE A 1 74  ? -4.378  -4.810  -16.678 1.00 30.10 ? 83  ILE A CG1 1 
ATOM   585  C  CG2 . ILE A 1 74  ? -6.487  -3.506  -16.621 1.00 26.12 ? 83  ILE A CG2 1 
ATOM   586  C  CD1 . ILE A 1 74  ? -3.620  -6.047  -16.269 1.00 33.42 ? 83  ILE A CD1 1 
ATOM   587  N  N   . CYS A 1 75  ? -6.578  -2.176  -13.694 1.00 30.47 ? 84  CYS A N   1 
ATOM   588  C  CA  . CYS A 1 75  ? -7.726  -1.448  -13.174 1.00 30.61 ? 84  CYS A CA  1 
ATOM   589  C  C   . CYS A 1 75  ? -8.567  -0.979  -14.364 1.00 32.90 ? 84  CYS A C   1 
ATOM   590  O  O   . CYS A 1 75  ? -8.161  -0.099  -15.121 1.00 32.70 ? 84  CYS A O   1 
ATOM   591  C  CB  . CYS A 1 75  ? -7.263  -0.251  -12.345 1.00 28.56 ? 84  CYS A CB  1 
ATOM   592  S  SG  . CYS A 1 75  ? -6.430  -0.670  -10.779 1.00 22.53 ? 84  CYS A SG  1 
ATOM   593  N  N   . ASP A 1 76  ? -9.739  -1.582  -14.524 1.00 36.19 ? 85  ASP A N   1 
ATOM   594  C  CA  . ASP A 1 76  ? -10.630 -1.257  -15.633 1.00 37.94 ? 85  ASP A CA  1 
ATOM   595  C  C   . ASP A 1 76  ? -11.926 -0.592  -15.192 1.00 38.57 ? 85  ASP A C   1 
ATOM   596  O  O   . ASP A 1 76  ? -13.011 -1.115  -15.428 1.00 40.19 ? 85  ASP A O   1 
ATOM   597  C  CB  . ASP A 1 76  ? -10.949 -2.530  -16.421 1.00 38.42 ? 85  ASP A CB  1 
ATOM   598  C  CG  . ASP A 1 76  ? -11.502 -3.640  -15.540 1.00 39.72 ? 85  ASP A CG  1 
ATOM   599  O  OD1 . ASP A 1 76  ? -11.821 -4.719  -16.081 1.00 43.70 ? 85  ASP A OD1 1 
ATOM   600  O  OD2 . ASP A 1 76  ? -11.617 -3.440  -14.311 1.00 36.57 ? 85  ASP A OD2 1 
ATOM   601  N  N   . ASN A 1 77  ? -11.810 0.570   -14.561 1.00 39.61 ? 86  ASN A N   1 
ATOM   602  C  CA  . ASN A 1 77  ? -12.980 1.304   -14.088 1.00 40.36 ? 86  ASN A CA  1 
ATOM   603  C  C   . ASN A 1 77  ? -13.144 2.583   -14.896 1.00 40.88 ? 86  ASN A C   1 
ATOM   604  O  O   . ASN A 1 77  ? -12.153 3.211   -15.281 1.00 39.04 ? 86  ASN A O   1 
ATOM   605  C  CB  . ASN A 1 77  ? -12.815 1.646   -12.604 1.00 40.43 ? 86  ASN A CB  1 
ATOM   606  C  CG  . ASN A 1 77  ? -13.941 1.103   -11.751 1.00 40.70 ? 86  ASN A CG  1 
ATOM   607  O  OD1 . ASN A 1 77  ? -13.704 0.472   -10.724 1.00 39.95 ? 86  ASN A OD1 1 
ATOM   608  N  ND2 . ASN A 1 77  ? -15.174 1.353   -12.170 1.00 41.55 ? 86  ASN A ND2 1 
ATOM   609  N  N   . LYS A 1 78  ? -14.389 2.965   -15.164 1.00 41.84 ? 88  LYS A N   1 
ATOM   610  C  CA  . LYS A 1 78  ? -14.648 4.184   -15.919 1.00 43.35 ? 88  LYS A CA  1 
ATOM   611  C  C   . LYS A 1 78  ? -14.794 5.344   -14.942 1.00 43.34 ? 88  LYS A C   1 
ATOM   612  O  O   . LYS A 1 78  ? -14.568 6.499   -15.300 1.00 44.03 ? 88  LYS A O   1 
ATOM   613  C  CB  . LYS A 1 78  ? -15.918 4.046   -16.769 1.00 44.56 ? 88  LYS A CB  1 
ATOM   614  C  CG  . LYS A 1 78  ? -15.969 2.790   -17.642 1.00 45.78 ? 88  LYS A CG  1 
ATOM   615  C  CD  . LYS A 1 78  ? -14.615 2.444   -18.260 1.00 46.63 ? 88  LYS A CD  1 
ATOM   616  C  CE  . LYS A 1 78  ? -14.049 3.579   -19.102 1.00 48.95 ? 88  LYS A CE  1 
ATOM   617  N  NZ  . LYS A 1 78  ? -12.707 3.229   -19.648 1.00 49.52 ? 88  LYS A NZ  1 
ATOM   618  N  N   . ASP A 1 79  ? -15.171 5.025   -13.707 1.00 42.39 ? 89  ASP A N   1 
ATOM   619  C  CA  . ASP A 1 79  ? -15.330 6.039   -12.670 1.00 41.94 ? 89  ASP A CA  1 
ATOM   620  C  C   . ASP A 1 79  ? -13.953 6.506   -12.209 1.00 41.90 ? 89  ASP A C   1 
ATOM   621  O  O   . ASP A 1 79  ? -13.181 5.724   -11.654 1.00 42.69 ? 89  ASP A O   1 
ATOM   622  C  CB  . ASP A 1 79  ? -16.092 5.471   -11.471 1.00 42.10 ? 89  ASP A CB  1 
ATOM   623  C  CG  . ASP A 1 79  ? -16.142 6.438   -10.301 1.00 42.80 ? 89  ASP A CG  1 
ATOM   624  O  OD1 . ASP A 1 79  ? -16.560 6.028   -9.199  1.00 44.14 ? 89  ASP A OD1 1 
ATOM   625  O  OD2 . ASP A 1 79  ? -15.764 7.617   -10.483 1.00 42.32 ? 89  ASP A OD2 1 
ATOM   626  N  N   . PRO A 1 80  ? -13.634 7.793   -12.427 1.00 40.94 ? 90  PRO A N   1 
ATOM   627  C  CA  . PRO A 1 80  ? -12.350 8.383   -12.043 1.00 39.26 ? 90  PRO A CA  1 
ATOM   628  C  C   . PRO A 1 80  ? -11.970 8.122   -10.589 1.00 37.49 ? 90  PRO A C   1 
ATOM   629  O  O   . PRO A 1 80  ? -10.794 7.977   -10.264 1.00 37.92 ? 90  PRO A O   1 
ATOM   630  C  CB  . PRO A 1 80  ? -12.558 9.867   -12.330 1.00 39.60 ? 90  PRO A CB  1 
ATOM   631  C  CG  . PRO A 1 80  ? -13.486 9.843   -13.506 1.00 39.51 ? 90  PRO A CG  1 
ATOM   632  C  CD  . PRO A 1 80  ? -14.492 8.803   -13.077 1.00 40.87 ? 90  PRO A CD  1 
ATOM   633  N  N   . CYS A 1 81  ? -12.968 8.065   -9.716  1.00 35.34 ? 91  CYS A N   1 
ATOM   634  C  CA  . CYS A 1 81  ? -12.710 7.829   -8.301  1.00 34.48 ? 91  CYS A CA  1 
ATOM   635  C  C   . CYS A 1 81  ? -12.241 6.406   -8.042  1.00 33.08 ? 91  CYS A C   1 
ATOM   636  O  O   . CYS A 1 81  ? -11.125 6.182   -7.582  1.00 32.48 ? 91  CYS A O   1 
ATOM   637  C  CB  . CYS A 1 81  ? -13.966 8.110   -7.482  1.00 34.98 ? 91  CYS A CB  1 
ATOM   638  S  SG  . CYS A 1 81  ? -13.796 9.531   -6.356  1.00 37.36 ? 91  CYS A SG  1 
ATOM   639  N  N   . LYS A 1 82  ? -13.111 5.448   -8.337  1.00 33.31 ? 92  LYS A N   1 
ATOM   640  C  CA  . LYS A 1 82  ? -12.806 4.041   -8.149  1.00 32.18 ? 92  LYS A CA  1 
ATOM   641  C  C   . LYS A 1 82  ? -11.552 3.629   -8.918  1.00 30.17 ? 92  LYS A C   1 
ATOM   642  O  O   . LYS A 1 82  ? -10.827 2.732   -8.495  1.00 27.84 ? 92  LYS A O   1 
ATOM   643  C  CB  . LYS A 1 82  ? -14.004 3.197   -8.586  1.00 34.49 ? 92  LYS A CB  1 
ATOM   644  C  CG  . LYS A 1 82  ? -15.220 3.352   -7.678  1.00 37.08 ? 92  LYS A CG  1 
ATOM   645  C  CD  . LYS A 1 82  ? -16.506 2.920   -8.368  1.00 39.95 ? 92  LYS A CD  1 
ATOM   646  C  CE  . LYS A 1 82  ? -16.418 1.499   -8.892  1.00 42.76 ? 92  LYS A CE  1 
ATOM   647  N  NZ  . LYS A 1 82  ? -17.699 1.077   -9.525  1.00 47.48 ? 92  LYS A NZ  1 
ATOM   648  N  N   . ARG A 1 83  ? -11.290 4.280   -10.046 1.00 28.76 ? 93  ARG A N   1 
ATOM   649  C  CA  . ARG A 1 83  ? -10.100 3.949   -10.817 1.00 29.43 ? 93  ARG A CA  1 
ATOM   650  C  C   . ARG A 1 83  ? -8.861  4.434   -10.069 1.00 28.15 ? 93  ARG A C   1 
ATOM   651  O  O   . ARG A 1 83  ? -7.908  3.682   -9.866  1.00 27.62 ? 93  ARG A O   1 
ATOM   652  C  CB  . ARG A 1 83  ? -10.151 4.595   -12.205 1.00 31.12 ? 93  ARG A CB  1 
ATOM   653  C  CG  . ARG A 1 83  ? -8.884  4.372   -13.027 1.00 35.38 ? 93  ARG A CG  1 
ATOM   654  C  CD  . ARG A 1 83  ? -9.009  4.977   -14.415 1.00 39.66 ? 93  ARG A CD  1 
ATOM   655  N  NE  . ARG A 1 83  ? -9.750  4.113   -15.332 1.00 43.19 ? 93  ARG A NE  1 
ATOM   656  C  CZ  . ARG A 1 83  ? -9.248  3.020   -15.903 1.00 44.06 ? 93  ARG A CZ  1 
ATOM   657  N  NH1 . ARG A 1 83  ? -7.997  2.654   -15.652 1.00 43.79 ? 93  ARG A NH1 1 
ATOM   658  N  NH2 . ARG A 1 83  ? -9.994  2.296   -16.727 1.00 43.94 ? 93  ARG A NH2 1 
ATOM   659  N  N   . ALA A 1 84  ? -8.887  5.697   -9.658  1.00 26.35 ? 94  ALA A N   1 
ATOM   660  C  CA  . ALA A 1 84  ? -7.771  6.291   -8.932  1.00 23.80 ? 94  ALA A CA  1 
ATOM   661  C  C   . ALA A 1 84  ? -7.422  5.489   -7.677  1.00 21.99 ? 94  ALA A C   1 
ATOM   662  O  O   . ALA A 1 84  ? -6.241  5.276   -7.377  1.00 20.45 ? 94  ALA A O   1 
ATOM   663  C  CB  . ALA A 1 84  ? -8.104  7.735   -8.560  1.00 24.51 ? 94  ALA A CB  1 
ATOM   664  N  N   . VAL A 1 85  ? -8.449  5.054   -6.950  1.00 19.86 ? 95  VAL A N   1 
ATOM   665  C  CA  . VAL A 1 85  ? -8.257  4.278   -5.724  1.00 19.08 ? 95  VAL A CA  1 
ATOM   666  C  C   . VAL A 1 85  ? -7.635  2.932   -6.065  1.00 20.23 ? 95  VAL A C   1 
ATOM   667  O  O   . VAL A 1 85  ? -6.780  2.420   -5.347  1.00 20.26 ? 95  VAL A O   1 
ATOM   668  C  CB  . VAL A 1 85  ? -9.603  4.025   -5.000  1.00 17.88 ? 95  VAL A CB  1 
ATOM   669  C  CG1 . VAL A 1 85  ? -9.362  3.260   -3.715  1.00 17.50 ? 95  VAL A CG1 1 
ATOM   670  C  CG2 . VAL A 1 85  ? -10.299 5.349   -4.703  1.00 18.87 ? 95  VAL A CG2 1 
ATOM   671  N  N   . CYS A 1 86  ? -8.080  2.359   -7.175  1.00 19.84 ? 96  CYS A N   1 
ATOM   672  C  CA  . CYS A 1 86  ? -7.578  1.075   -7.622  1.00 19.55 ? 96  CYS A CA  1 
ATOM   673  C  C   . CYS A 1 86  ? -6.094  1.185   -7.966  1.00 19.91 ? 96  CYS A C   1 
ATOM   674  O  O   . CYS A 1 86  ? -5.302  0.321   -7.598  1.00 18.99 ? 96  CYS A O   1 
ATOM   675  C  CB  . CYS A 1 86  ? -8.373  0.621   -8.844  1.00 19.91 ? 96  CYS A CB  1 
ATOM   676  S  SG  . CYS A 1 86  ? -7.958  -1.024  -9.494  1.00 22.77 ? 96  CYS A SG  1 
ATOM   677  N  N   . GLU A 1 87  ? -5.722  2.249   -8.675  1.00 21.52 ? 97  GLU A N   1 
ATOM   678  C  CA  . GLU A 1 87  ? -4.331  2.468   -9.064  1.00 21.83 ? 97  GLU A CA  1 
ATOM   679  C  C   . GLU A 1 87  ? -3.429  2.669   -7.847  1.00 20.55 ? 97  GLU A C   1 
ATOM   680  O  O   . GLU A 1 87  ? -2.248  2.327   -7.888  1.00 18.71 ? 97  GLU A O   1 
ATOM   681  C  CB  . GLU A 1 87  ? -4.222  3.683   -9.986  1.00 24.35 ? 97  GLU A CB  1 
ATOM   682  C  CG  . GLU A 1 87  ? -4.950  3.535   -11.314 1.00 29.15 ? 97  GLU A CG  1 
ATOM   683  C  CD  . GLU A 1 87  ? -4.250  2.589   -12.279 1.00 32.13 ? 97  GLU A CD  1 
ATOM   684  O  OE1 . GLU A 1 87  ? -4.810  2.336   -13.370 1.00 34.42 ? 97  GLU A OE1 1 
ATOM   685  O  OE2 . GLU A 1 87  ? -3.144  2.105   -11.949 1.00 32.35 ? 97  GLU A OE2 1 
ATOM   686  N  N   . CYS A 1 88  ? -3.986  3.229   -6.772  1.00 19.57 ? 98  CYS A N   1 
ATOM   687  C  CA  . CYS A 1 88  ? -3.222  3.453   -5.546  1.00 19.16 ? 98  CYS A CA  1 
ATOM   688  C  C   . CYS A 1 88  ? -2.870  2.123   -4.890  1.00 20.36 ? 98  CYS A C   1 
ATOM   689  O  O   . CYS A 1 88  ? -1.783  1.967   -4.333  1.00 20.20 ? 98  CYS A O   1 
ATOM   690  C  CB  . CYS A 1 88  ? -4.010  4.300   -4.539  1.00 20.14 ? 98  CYS A CB  1 
ATOM   691  S  SG  . CYS A 1 88  ? -4.131  6.096   -4.861  1.00 19.24 ? 98  CYS A SG  1 
ATOM   692  N  N   . ASP A 1 89  ? -3.789  1.164   -4.947  1.00 20.73 ? 99  ASP A N   1 
ATOM   693  C  CA  . ASP A 1 89  ? -3.541  -0.138  -4.346  1.00 20.51 ? 99  ASP A CA  1 
ATOM   694  C  C   . ASP A 1 89  ? -2.664  -0.978  -5.259  1.00 20.43 ? 99  ASP A C   1 
ATOM   695  O  O   . ASP A 1 89  ? -1.779  -1.697  -4.796  1.00 22.44 ? 99  ASP A O   1 
ATOM   696  C  CB  . ASP A 1 89  ? -4.853  -0.873  -4.077  1.00 19.01 ? 99  ASP A CB  1 
ATOM   697  C  CG  . ASP A 1 89  ? -5.813  -0.068  -3.219  1.00 19.79 ? 99  ASP A CG  1 
ATOM   698  O  OD1 . ASP A 1 89  ? -5.372  0.870   -2.515  1.00 18.25 ? 99  ASP A OD1 1 
ATOM   699  O  OD2 . ASP A 1 89  ? -7.019  -0.387  -3.240  1.00 21.67 ? 99  ASP A OD2 1 
ATOM   700  N  N   . ARG A 1 90  ? -2.906  -0.876  -6.561  1.00 22.09 ? 100 ARG A N   1 
ATOM   701  C  CA  . ARG A 1 90  ? -2.130  -1.627  -7.544  1.00 22.95 ? 100 ARG A CA  1 
ATOM   702  C  C   . ARG A 1 90  ? -0.651  -1.271  -7.401  1.00 20.67 ? 100 ARG A C   1 
ATOM   703  O  O   . ARG A 1 90  ? 0.186   -2.146  -7.211  1.00 18.84 ? 100 ARG A O   1 
ATOM   704  C  CB  . ARG A 1 90  ? -2.618  -1.301  -8.958  1.00 25.39 ? 100 ARG A CB  1 
ATOM   705  C  CG  . ARG A 1 90  ? -2.485  -2.453  -9.939  1.00 30.36 ? 100 ARG A CG  1 
ATOM   706  C  CD  . ARG A 1 90  ? -1.335  -2.291  -10.912 1.00 34.98 ? 100 ARG A CD  1 
ATOM   707  N  NE  . ARG A 1 90  ? -1.592  -1.257  -11.912 1.00 41.05 ? 100 ARG A NE  1 
ATOM   708  C  CZ  . ARG A 1 90  ? -0.952  -1.174  -13.077 1.00 43.47 ? 100 ARG A CZ  1 
ATOM   709  N  NH1 . ARG A 1 90  ? -0.020  -2.065  -13.387 1.00 44.72 ? 100 ARG A NH1 1 
ATOM   710  N  NH2 . ARG A 1 90  ? -1.241  -0.199  -13.931 1.00 44.23 ? 100 ARG A NH2 1 
ATOM   711  N  N   . GLU A 1 91  ? -0.346  0.022   -7.479  1.00 19.51 ? 101 GLU A N   1 
ATOM   712  C  CA  . GLU A 1 91  ? 1.022   0.511   -7.361  1.00 20.91 ? 101 GLU A CA  1 
ATOM   713  C  C   . GLU A 1 91  ? 1.698   -0.035  -6.102  1.00 19.39 ? 101 GLU A C   1 
ATOM   714  O  O   . GLU A 1 91  ? 2.792   -0.603  -6.157  1.00 18.63 ? 101 GLU A O   1 
ATOM   715  C  CB  . GLU A 1 91  ? 1.023   2.040   -7.312  1.00 25.00 ? 101 GLU A CB  1 
ATOM   716  C  CG  . GLU A 1 91  ? 0.262   2.607   -6.105  1.00 33.62 ? 101 GLU A CG  1 
ATOM   717  C  CD  . GLU A 1 91  ? 0.545   4.076   -5.828  1.00 38.31 ? 101 GLU A CD  1 
ATOM   718  O  OE1 . GLU A 1 91  ? -0.037  4.615   -4.860  1.00 38.75 ? 101 GLU A OE1 1 
ATOM   719  O  OE2 . GLU A 1 91  ? 1.346   4.687   -6.569  1.00 41.13 ? 101 GLU A OE2 1 
ATOM   720  N  N   . ALA A 1 92  ? 1.037   0.146   -4.965  1.00 19.05 ? 102 ALA A N   1 
ATOM   721  C  CA  . ALA A 1 92  ? 1.558   -0.314  -3.688  1.00 19.01 ? 102 ALA A CA  1 
ATOM   722  C  C   . ALA A 1 92  ? 1.835   -1.814  -3.711  1.00 20.80 ? 102 ALA A C   1 
ATOM   723  O  O   . ALA A 1 92  ? 2.904   -2.263  -3.298  1.00 22.10 ? 102 ALA A O   1 
ATOM   724  C  CB  . ALA A 1 92  ? 0.569   0.010   -2.588  1.00 15.10 ? 102 ALA A CB  1 
ATOM   725  N  N   . ALA A 1 93  ? 0.865   -2.584  -4.193  1.00 21.36 ? 103 ALA A N   1 
ATOM   726  C  CA  . ALA A 1 93  ? 0.990   -4.034  -4.273  1.00 21.28 ? 103 ALA A CA  1 
ATOM   727  C  C   . ALA A 1 93  ? 2.223   -4.468  -5.071  1.00 20.77 ? 103 ALA A C   1 
ATOM   728  O  O   . ALA A 1 93  ? 2.918   -5.417  -4.695  1.00 21.70 ? 103 ALA A O   1 
ATOM   729  C  CB  . ALA A 1 93  ? -0.274  -4.625  -4.901  1.00 19.42 ? 103 ALA A CB  1 
ATOM   730  N  N   . ILE A 1 94  ? 2.489   -3.776  -6.173  1.00 19.65 ? 104 ILE A N   1 
ATOM   731  C  CA  . ILE A 1 94  ? 3.629   -4.101  -7.019  1.00 19.29 ? 104 ILE A CA  1 
ATOM   732  C  C   . ILE A 1 94  ? 4.949   -3.642  -6.399  1.00 20.35 ? 104 ILE A C   1 
ATOM   733  O  O   . ILE A 1 94  ? 5.989   -4.270  -6.582  1.00 21.80 ? 104 ILE A O   1 
ATOM   734  C  CB  . ILE A 1 94  ? 3.440   -3.482  -8.424  1.00 17.57 ? 104 ILE A CB  1 
ATOM   735  C  CG1 . ILE A 1 94  ? 2.417   -4.310  -9.213  1.00 16.52 ? 104 ILE A CG1 1 
ATOM   736  C  CG2 . ILE A 1 94  ? 4.771   -3.404  -9.156  1.00 18.93 ? 104 ILE A CG2 1 
ATOM   737  C  CD1 . ILE A 1 94  ? 2.020   -3.713  -10.547 1.00 17.33 ? 104 ILE A CD1 1 
ATOM   738  N  N   . CYS A 1 95  ? 4.896   -2.550  -5.649  1.00 20.14 ? 105 CYS A N   1 
ATOM   739  C  CA  . CYS A 1 95  ? 6.075   -2.007  -4.990  1.00 18.89 ? 105 CYS A CA  1 
ATOM   740  C  C   . CYS A 1 95  ? 6.490   -2.925  -3.838  1.00 19.11 ? 105 CYS A C   1 
ATOM   741  O  O   . CYS A 1 95  ? 7.677   -3.136  -3.597  1.00 19.47 ? 105 CYS A O   1 
ATOM   742  C  CB  . CYS A 1 95  ? 5.753   -0.603  -4.469  1.00 19.67 ? 105 CYS A CB  1 
ATOM   743  S  SG  . CYS A 1 95  ? 7.084   0.327   -3.638  1.00 18.35 ? 105 CYS A SG  1 
ATOM   744  N  N   . LEU A 1 96  ? 5.510   -3.470  -3.123  1.00 19.00 ? 106 LEU A N   1 
ATOM   745  C  CA  . LEU A 1 96  ? 5.807   -4.361  -2.004  1.00 21.34 ? 106 LEU A CA  1 
ATOM   746  C  C   . LEU A 1 96  ? 6.346   -5.689  -2.517  1.00 23.78 ? 106 LEU A C   1 
ATOM   747  O  O   . LEU A 1 96  ? 7.164   -6.334  -1.860  1.00 25.04 ? 106 LEU A O   1 
ATOM   748  C  CB  . LEU A 1 96  ? 4.554   -4.606  -1.157  1.00 17.73 ? 106 LEU A CB  1 
ATOM   749  C  CG  . LEU A 1 96  ? 4.034   -3.390  -0.397  1.00 19.98 ? 106 LEU A CG  1 
ATOM   750  C  CD1 . LEU A 1 96  ? 2.725   -3.736  0.297   1.00 21.58 ? 106 LEU A CD1 1 
ATOM   751  C  CD2 . LEU A 1 96  ? 5.075   -2.935  0.606   1.00 19.86 ? 106 LEU A CD2 1 
ATOM   752  N  N   . GLY A 1 97  ? 5.884   -6.090  -3.697  1.00 24.55 ? 107 GLY A N   1 
ATOM   753  C  CA  . GLY A 1 97  ? 6.336   -7.338  -4.277  1.00 24.66 ? 107 GLY A CA  1 
ATOM   754  C  C   . GLY A 1 97  ? 7.740   -7.242  -4.840  1.00 25.82 ? 107 GLY A C   1 
ATOM   755  O  O   . GLY A 1 97  ? 8.446   -8.244  -4.905  1.00 26.23 ? 107 GLY A O   1 
ATOM   756  N  N   . GLU A 1 98  ? 8.148   -6.042  -5.242  1.00 26.83 ? 108 GLU A N   1 
ATOM   757  C  CA  . GLU A 1 98  ? 9.481   -5.837  -5.800  1.00 29.53 ? 108 GLU A CA  1 
ATOM   758  C  C   . GLU A 1 98  ? 10.546  -5.626  -4.726  1.00 29.51 ? 108 GLU A C   1 
ATOM   759  O  O   . GLU A 1 98  ? 11.734  -5.512  -5.038  1.00 29.46 ? 108 GLU A O   1 
ATOM   760  C  CB  . GLU A 1 98  ? 9.494   -4.628  -6.732  1.00 32.60 ? 108 GLU A CB  1 
ATOM   761  C  CG  . GLU A 1 98  ? 8.613   -4.730  -7.952  1.00 38.38 ? 108 GLU A CG  1 
ATOM   762  C  CD  . GLU A 1 98  ? 8.805   -3.546  -8.884  1.00 41.86 ? 108 GLU A CD  1 
ATOM   763  O  OE1 . GLU A 1 98  ? 8.752   -2.392  -8.408  1.00 45.14 ? 108 GLU A OE1 1 
ATOM   764  O  OE2 . GLU A 1 98  ? 9.009   -3.764  -10.095 1.00 43.34 ? 108 GLU A OE2 1 
ATOM   765  N  N   . ASN A 1 99  ? 10.120  -5.565  -3.467  1.00 29.02 ? 109 ASN A N   1 
ATOM   766  C  CA  . ASN A 1 99  ? 11.037  -5.348  -2.350  1.00 27.66 ? 109 ASN A CA  1 
ATOM   767  C  C   . ASN A 1 99  ? 10.864  -6.385  -1.252  1.00 28.21 ? 109 ASN A C   1 
ATOM   768  O  O   . ASN A 1 99  ? 11.415  -6.247  -0.162  1.00 27.88 ? 109 ASN A O   1 
ATOM   769  C  CB  . ASN A 1 99  ? 10.818  -3.960  -1.762  1.00 26.41 ? 109 ASN A CB  1 
ATOM   770  C  CG  . ASN A 1 99  ? 11.104  -2.863  -2.750  1.00 25.70 ? 109 ASN A CG  1 
ATOM   771  O  OD1 . ASN A 1 99  ? 12.251  -2.642  -3.133  1.00 30.24 ? 109 ASN A OD1 1 
ATOM   772  N  ND2 . ASN A 1 99  ? 10.062  -2.167  -3.176  1.00 23.77 ? 109 ASN A ND2 1 
ATOM   773  N  N   . VAL A 1 100 ? 10.088  -7.420  -1.541  1.00 29.16 ? 110 VAL A N   1 
ATOM   774  C  CA  . VAL A 1 100 ? 9.844   -8.486  -0.585  1.00 31.42 ? 110 VAL A CA  1 
ATOM   775  C  C   . VAL A 1 100 ? 11.168  -9.125  -0.161  1.00 32.31 ? 110 VAL A C   1 
ATOM   776  O  O   . VAL A 1 100 ? 11.279  -9.695  0.927   1.00 33.17 ? 110 VAL A O   1 
ATOM   777  C  CB  . VAL A 1 100 ? 8.934   -9.563  -1.205  1.00 31.74 ? 110 VAL A CB  1 
ATOM   778  C  CG1 . VAL A 1 100 ? 9.588   -10.129 -2.442  1.00 32.21 ? 110 VAL A CG1 1 
ATOM   779  C  CG2 . VAL A 1 100 ? 8.654   -10.659 -0.197  1.00 33.44 ? 110 VAL A CG2 1 
ATOM   780  N  N   . ASN A 1 101 ? 12.169  -9.012  -1.027  1.00 32.94 ? 111 ASN A N   1 
ATOM   781  C  CA  . ASN A 1 101 ? 13.487  -9.577  -0.773  1.00 33.32 ? 111 ASN A CA  1 
ATOM   782  C  C   . ASN A 1 101 ? 14.223  -8.918  0.389   1.00 33.54 ? 111 ASN A C   1 
ATOM   783  O  O   . ASN A 1 101 ? 14.991  -9.577  1.094   1.00 34.89 ? 111 ASN A O   1 
ATOM   784  C  CB  . ASN A 1 101 ? 14.340  -9.489  -2.040  1.00 36.31 ? 111 ASN A CB  1 
ATOM   785  C  CG  . ASN A 1 101 ? 14.510  -8.069  -2.530  1.00 38.09 ? 111 ASN A CG  1 
ATOM   786  O  OD1 . ASN A 1 101 ? 13.538  -7.324  -2.660  1.00 37.90 ? 111 ASN A OD1 1 
ATOM   787  N  ND2 . ASN A 1 101 ? 15.748  -7.686  -2.815  1.00 41.54 ? 111 ASN A ND2 1 
ATOM   788  N  N   . THR A 1 102 ? 14.005  -7.623  0.594   1.00 32.11 ? 112 THR A N   1 
ATOM   789  C  CA  . THR A 1 102 ? 14.670  -6.937  1.695   1.00 30.28 ? 112 THR A CA  1 
ATOM   790  C  C   . THR A 1 102 ? 13.720  -6.730  2.868   1.00 29.30 ? 112 THR A C   1 
ATOM   791  O  O   . THR A 1 102 ? 13.960  -5.893  3.737   1.00 28.30 ? 112 THR A O   1 
ATOM   792  C  CB  . THR A 1 102 ? 15.244  -5.574  1.260   1.00 31.23 ? 112 THR A CB  1 
ATOM   793  O  OG1 . THR A 1 102 ? 14.181  -4.711  0.834   1.00 32.62 ? 112 THR A OG1 1 
ATOM   794  C  CG2 . THR A 1 102 ? 16.235  -5.763  0.120   1.00 32.71 ? 112 THR A CG2 1 
ATOM   795  N  N   . TYR A 1 103 ? 12.645  -7.511  2.889   1.00 28.19 ? 113 TYR A N   1 
ATOM   796  C  CA  . TYR A 1 103 ? 11.661  -7.441  3.960   1.00 27.93 ? 113 TYR A CA  1 
ATOM   797  C  C   . TYR A 1 103 ? 12.292  -7.972  5.241   1.00 27.97 ? 113 TYR A C   1 
ATOM   798  O  O   . TYR A 1 103 ? 12.811  -9.081  5.263   1.00 29.72 ? 113 TYR A O   1 
ATOM   799  C  CB  . TYR A 1 103 ? 10.426  -8.273  3.583   1.00 25.63 ? 113 TYR A CB  1 
ATOM   800  C  CG  . TYR A 1 103 ? 9.357   -8.356  4.658   1.00 25.01 ? 113 TYR A CG  1 
ATOM   801  C  CD1 . TYR A 1 103 ? 9.436   -9.304  5.684   1.00 22.95 ? 113 TYR A CD1 1 
ATOM   802  C  CD2 . TYR A 1 103 ? 8.259   -7.494  4.642   1.00 23.95 ? 113 TYR A CD2 1 
ATOM   803  C  CE1 . TYR A 1 103 ? 8.442   -9.395  6.666   1.00 22.02 ? 113 TYR A CE1 1 
ATOM   804  C  CE2 . TYR A 1 103 ? 7.261   -7.571  5.622   1.00 22.02 ? 113 TYR A CE2 1 
ATOM   805  C  CZ  . TYR A 1 103 ? 7.358   -8.528  6.626   1.00 22.59 ? 113 TYR A CZ  1 
ATOM   806  O  OH  . TYR A 1 103 ? 6.361   -8.626  7.573   1.00 17.83 ? 113 TYR A OH  1 
ATOM   807  N  N   . ASP A 1 104 ? 12.251  -7.175  6.302   1.00 28.90 ? 114 ASP A N   1 
ATOM   808  C  CA  . ASP A 1 104 ? 12.824  -7.583  7.581   1.00 29.70 ? 114 ASP A CA  1 
ATOM   809  C  C   . ASP A 1 104 ? 11.796  -7.425  8.695   1.00 30.32 ? 114 ASP A C   1 
ATOM   810  O  O   . ASP A 1 104 ? 11.390  -6.312  9.021   1.00 30.38 ? 114 ASP A O   1 
ATOM   811  C  CB  . ASP A 1 104 ? 14.052  -6.733  7.908   1.00 30.07 ? 114 ASP A CB  1 
ATOM   812  C  CG  . ASP A 1 104 ? 14.940  -7.372  8.958   1.00 31.23 ? 114 ASP A CG  1 
ATOM   813  O  OD1 . ASP A 1 104 ? 14.415  -8.112  9.819   1.00 28.78 ? 114 ASP A OD1 1 
ATOM   814  O  OD2 . ASP A 1 104 ? 16.164  -7.123  8.924   1.00 31.20 ? 114 ASP A OD2 1 
ATOM   815  N  N   . LYS A 1 105 ? 11.378  -8.544  9.275   1.00 31.91 ? 115 LYS A N   1 
ATOM   816  C  CA  . LYS A 1 105 ? 10.393  -8.547  10.352  1.00 33.40 ? 115 LYS A CA  1 
ATOM   817  C  C   . LYS A 1 105 ? 10.817  -7.679  11.534  1.00 35.14 ? 115 LYS A C   1 
ATOM   818  O  O   . LYS A 1 105 ? 10.011  -7.387  12.417  1.00 34.78 ? 115 LYS A O   1 
ATOM   819  C  CB  . LYS A 1 105 ? 10.148  -9.982  10.842  1.00 33.55 ? 115 LYS A CB  1 
ATOM   820  C  CG  . LYS A 1 105 ? 11.345  -10.635 11.529  1.00 34.55 ? 115 LYS A CG  1 
ATOM   821  C  CD  . LYS A 1 105 ? 12.524  -10.811 10.579  1.00 36.55 ? 115 LYS A CD  1 
ATOM   822  C  CE  . LYS A 1 105 ? 13.801  -11.169 11.327  1.00 36.30 ? 115 LYS A CE  1 
ATOM   823  N  NZ  . LYS A 1 105 ? 14.964  -11.302 10.408  1.00 35.17 ? 115 LYS A NZ  1 
ATOM   824  N  N   . LYS A 1 106 ? 12.079  -7.265  11.562  1.00 36.28 ? 116 LYS A N   1 
ATOM   825  C  CA  . LYS A 1 106 ? 12.548  -6.441  12.667  1.00 37.88 ? 116 LYS A CA  1 
ATOM   826  C  C   . LYS A 1 106 ? 11.975  -5.037  12.587  1.00 38.90 ? 116 LYS A C   1 
ATOM   827  O  O   . LYS A 1 106 ? 12.082  -4.270  13.542  1.00 41.47 ? 116 LYS A O   1 
ATOM   828  C  CB  . LYS A 1 106 ? 14.074  -6.346  12.684  1.00 38.24 ? 116 LYS A CB  1 
ATOM   829  C  CG  . LYS A 1 106 ? 14.655  -5.567  11.513  1.00 39.27 ? 116 LYS A CG  1 
ATOM   830  C  CD  . LYS A 1 106 ? 16.075  -5.106  11.784  1.00 40.91 ? 116 LYS A CD  1 
ATOM   831  C  CE  . LYS A 1 106 ? 16.113  -4.133  12.955  1.00 42.26 ? 116 LYS A CE  1 
ATOM   832  N  NZ  . LYS A 1 106 ? 17.472  -3.573  13.177  1.00 45.98 ? 116 LYS A NZ  1 
ATOM   833  N  N   . TYR A 1 107 ? 11.370  -4.689  11.458  1.00 38.91 ? 117 TYR A N   1 
ATOM   834  C  CA  . TYR A 1 107 ? 10.815  -3.350  11.325  1.00 39.42 ? 117 TYR A CA  1 
ATOM   835  C  C   . TYR A 1 107 ? 9.412   -3.180  11.876  1.00 39.85 ? 117 TYR A C   1 
ATOM   836  O  O   . TYR A 1 107 ? 8.807   -2.114  11.752  1.00 39.41 ? 117 TYR A O   1 
ATOM   837  C  CB  . TYR A 1 107 ? 10.900  -2.880  9.877   1.00 38.19 ? 117 TYR A CB  1 
ATOM   838  C  CG  . TYR A 1 107 ? 12.315  -2.515  9.507   1.00 39.45 ? 117 TYR A CG  1 
ATOM   839  C  CD1 . TYR A 1 107 ? 13.066  -1.668  10.329  1.00 39.72 ? 117 TYR A CD1 1 
ATOM   840  C  CD2 . TYR A 1 107 ? 12.909  -3.007  8.349   1.00 38.93 ? 117 TYR A CD2 1 
ATOM   841  C  CE1 . TYR A 1 107 ? 14.372  -1.323  10.008  1.00 37.72 ? 117 TYR A CE1 1 
ATOM   842  C  CE2 . TYR A 1 107 ? 14.214  -2.662  8.016   1.00 38.55 ? 117 TYR A CE2 1 
ATOM   843  C  CZ  . TYR A 1 107 ? 14.936  -1.819  8.852   1.00 38.16 ? 117 TYR A CZ  1 
ATOM   844  O  OH  . TYR A 1 107 ? 16.216  -1.454  8.519   1.00 41.53 ? 117 TYR A OH  1 
ATOM   845  N  N   . LYS A 1 108 ? 8.896   -4.236  12.490  1.00 40.49 ? 118 LYS A N   1 
ATOM   846  C  CA  . LYS A 1 108 ? 7.588   -4.165  13.116  1.00 41.22 ? 118 LYS A CA  1 
ATOM   847  C  C   . LYS A 1 108 ? 7.816   -4.242  14.634  1.00 42.24 ? 118 LYS A C   1 
ATOM   848  O  O   . LYS A 1 108 ? 6.877   -4.202  15.421  1.00 43.76 ? 118 LYS A O   1 
ATOM   849  C  CB  . LYS A 1 108 ? 6.678   -5.293  12.607  1.00 39.00 ? 118 LYS A CB  1 
ATOM   850  C  CG  . LYS A 1 108 ? 7.246   -6.683  12.708  1.00 38.75 ? 118 LYS A CG  1 
ATOM   851  C  CD  . LYS A 1 108 ? 6.456   -7.648  11.839  1.00 37.45 ? 118 LYS A CD  1 
ATOM   852  C  CE  . LYS A 1 108 ? 7.089   -9.035  11.855  1.00 39.86 ? 118 LYS A CE  1 
ATOM   853  N  NZ  . LYS A 1 108 ? 6.449   -9.991  10.902  1.00 40.22 ? 118 LYS A NZ  1 
ATOM   854  N  N   . SER A 1 109 ? 9.088   -4.323  15.024  1.00 43.38 ? 119 SER A N   1 
ATOM   855  C  CA  . SER A 1 109 ? 9.495   -4.385  16.430  1.00 44.17 ? 119 SER A CA  1 
ATOM   856  C  C   . SER A 1 109 ? 10.361  -3.170  16.781  1.00 44.42 ? 119 SER A C   1 
ATOM   857  O  O   . SER A 1 109 ? 10.278  -2.630  17.884  1.00 43.59 ? 119 SER A O   1 
ATOM   858  C  CB  . SER A 1 109 ? 10.292  -5.667  16.702  1.00 44.09 ? 119 SER A CB  1 
ATOM   859  O  OG  . SER A 1 109 ? 9.528   -6.816  16.382  1.00 46.70 ? 119 SER A OG  1 
ATOM   860  N  N   . TYR A 1 110 ? 11.198  -2.753  15.837  1.00 45.57 ? 120 TYR A N   1 
ATOM   861  C  CA  . TYR A 1 110 ? 12.074  -1.603  16.030  1.00 47.42 ? 120 TYR A CA  1 
ATOM   862  C  C   . TYR A 1 110 ? 11.705  -0.502  15.048  1.00 46.90 ? 120 TYR A C   1 
ATOM   863  O  O   . TYR A 1 110 ? 11.697  -0.720  13.836  1.00 46.36 ? 120 TYR A O   1 
ATOM   864  C  CB  . TYR A 1 110 ? 13.537  -2.016  15.841  1.00 50.88 ? 120 TYR A CB  1 
ATOM   865  C  CG  . TYR A 1 110 ? 14.228  -2.358  17.141  1.00 56.00 ? 120 TYR A CG  1 
ATOM   866  C  CD1 . TYR A 1 110 ? 14.971  -1.399  17.827  1.00 58.08 ? 120 TYR A CD1 1 
ATOM   867  C  CD2 . TYR A 1 110 ? 14.086  -3.619  17.721  1.00 57.89 ? 120 TYR A CD2 1 
ATOM   868  C  CE1 . TYR A 1 110 ? 15.555  -1.683  19.065  1.00 59.59 ? 120 TYR A CE1 1 
ATOM   869  C  CE2 . TYR A 1 110 ? 14.663  -3.914  18.960  1.00 59.34 ? 120 TYR A CE2 1 
ATOM   870  C  CZ  . TYR A 1 110 ? 15.395  -2.943  19.626  1.00 60.15 ? 120 TYR A CZ  1 
ATOM   871  O  OH  . TYR A 1 110 ? 15.955  -3.232  20.852  1.00 60.74 ? 120 TYR A OH  1 
ATOM   872  N  N   . GLU A 1 111 ? 11.398  0.679   15.576  1.00 46.10 ? 121 GLU A N   1 
ATOM   873  C  CA  . GLU A 1 111 ? 11.010  1.806   14.739  1.00 45.56 ? 121 GLU A CA  1 
ATOM   874  C  C   . GLU A 1 111 ? 11.522  3.141   15.275  1.00 44.37 ? 121 GLU A C   1 
ATOM   875  O  O   . GLU A 1 111 ? 11.412  3.423   16.466  1.00 43.84 ? 121 GLU A O   1 
ATOM   876  C  CB  . GLU A 1 111 ? 9.481   1.856   14.623  1.00 46.40 ? 121 GLU A CB  1 
ATOM   877  C  CG  . GLU A 1 111 ? 8.855   0.566   14.117  1.00 48.86 ? 121 GLU A CG  1 
ATOM   878  C  CD  . GLU A 1 111 ? 7.338   0.583   14.180  1.00 49.67 ? 121 GLU A CD  1 
ATOM   879  O  OE1 . GLU A 1 111 ? 6.798   0.913   15.255  1.00 51.80 ? 121 GLU A OE1 1 
ATOM   880  O  OE2 . GLU A 1 111 ? 6.685   0.254   13.164  1.00 48.64 ? 121 GLU A OE2 1 
ATOM   881  N  N   . ASP A 1 112 ? 12.080  3.953   14.382  1.00 44.32 ? 122 ASP A N   1 
ATOM   882  C  CA  . ASP A 1 112 ? 12.598  5.277   14.720  1.00 44.53 ? 122 ASP A CA  1 
ATOM   883  C  C   . ASP A 1 112 ? 11.890  6.287   13.823  1.00 43.18 ? 122 ASP A C   1 
ATOM   884  O  O   . ASP A 1 112 ? 12.474  6.784   12.860  1.00 43.31 ? 122 ASP A O   1 
ATOM   885  C  CB  . ASP A 1 112 ? 14.106  5.347   14.468  1.00 46.52 ? 122 ASP A CB  1 
ATOM   886  C  CG  . ASP A 1 112 ? 14.895  4.406   15.356  1.00 49.34 ? 122 ASP A CG  1 
ATOM   887  O  OD1 . ASP A 1 112 ? 14.638  3.183   15.313  1.00 49.63 ? 122 ASP A OD1 1 
ATOM   888  O  OD2 . ASP A 1 112 ? 15.778  4.894   16.097  1.00 51.65 ? 122 ASP A OD2 1 
ATOM   889  N  N   . CYS A 1 113 ? 10.637  6.592   14.149  1.00 41.48 ? 125 CYS A N   1 
ATOM   890  C  CA  . CYS A 1 113 ? 9.842   7.516   13.348  1.00 40.34 ? 125 CYS A CA  1 
ATOM   891  C  C   . CYS A 1 113 ? 9.788   8.930   13.904  1.00 43.55 ? 125 CYS A C   1 
ATOM   892  O  O   . CYS A 1 113 ? 8.947   9.251   14.744  1.00 43.65 ? 125 CYS A O   1 
ATOM   893  C  CB  . CYS A 1 113 ? 8.430   6.961   13.196  1.00 35.30 ? 125 CYS A CB  1 
ATOM   894  S  SG  . CYS A 1 113 ? 8.410   5.184   12.811  1.00 28.33 ? 125 CYS A SG  1 
ATOM   895  N  N   . THR A 1 114 ? 10.683  9.778   13.411  1.00 48.56 ? 126 THR A N   1 
ATOM   896  C  CA  . THR A 1 114 ? 10.770  11.166  13.844  1.00 53.36 ? 126 THR A CA  1 
ATOM   897  C  C   . THR A 1 114 ? 9.485   11.947  13.547  1.00 56.48 ? 126 THR A C   1 
ATOM   898  O  O   . THR A 1 114 ? 8.575   11.438  12.893  1.00 56.22 ? 126 THR A O   1 
ATOM   899  C  CB  . THR A 1 114 ? 11.985  11.836  13.187  1.00 54.36 ? 126 THR A CB  1 
ATOM   900  O  OG1 . THR A 1 114 ? 13.146  11.036  13.446  1.00 57.30 ? 126 THR A OG1 1 
ATOM   901  C  CG2 . THR A 1 114 ? 12.229  13.213  13.764  1.00 56.00 ? 126 THR A CG2 1 
ATOM   902  N  N   . GLU A 1 115 ? 9.420   13.184  14.028  1.00 59.63 ? 127 GLU A N   1 
ATOM   903  C  CA  . GLU A 1 115 ? 8.237   14.024  13.868  1.00 63.46 ? 127 GLU A CA  1 
ATOM   904  C  C   . GLU A 1 115 ? 8.074   14.747  12.535  1.00 64.88 ? 127 GLU A C   1 
ATOM   905  O  O   . GLU A 1 115 ? 7.058   15.405  12.302  1.00 64.86 ? 127 GLU A O   1 
ATOM   906  C  CB  . GLU A 1 115 ? 8.197   15.049  15.007  1.00 66.22 ? 127 GLU A CB  1 
ATOM   907  C  CG  . GLU A 1 115 ? 9.185   16.221  14.883  1.00 70.09 ? 127 GLU A CG  1 
ATOM   908  C  CD  . GLU A 1 115 ? 10.582  15.810  14.429  1.00 71.97 ? 127 GLU A CD  1 
ATOM   909  O  OE1 . GLU A 1 115 ? 10.754  15.504  13.228  1.00 72.37 ? 127 GLU A OE1 1 
ATOM   910  O  OE2 . GLU A 1 115 ? 11.511  15.795  15.268  1.00 72.95 ? 127 GLU A OE2 1 
ATOM   911  N  N   . GLU A 1 116 ? 9.059   14.623  11.658  1.00 66.96 ? 128 GLU A N   1 
ATOM   912  C  CA  . GLU A 1 116 ? 9.001   15.293  10.366  1.00 69.61 ? 128 GLU A CA  1 
ATOM   913  C  C   . GLU A 1 116 ? 7.989   14.662  9.412   1.00 70.83 ? 128 GLU A C   1 
ATOM   914  O  O   . GLU A 1 116 ? 7.985   13.449  9.209   1.00 71.22 ? 128 GLU A O   1 
ATOM   915  C  CB  . GLU A 1 116 ? 10.394  15.305  9.728   1.00 70.20 ? 128 GLU A CB  1 
ATOM   916  C  CG  . GLU A 1 116 ? 10.964  13.931  9.414   1.00 71.35 ? 128 GLU A CG  1 
ATOM   917  C  CD  . GLU A 1 116 ? 12.451  13.977  9.107   1.00 71.67 ? 128 GLU A CD  1 
ATOM   918  O  OE1 . GLU A 1 116 ? 12.995  12.971  8.604   1.00 71.53 ? 128 GLU A OE1 1 
ATOM   919  O  OE2 . GLU A 1 116 ? 13.081  15.020  9.378   1.00 72.38 ? 128 GLU A OE2 1 
ATOM   920  N  N   . VAL A 1 117 ? 7.123   15.497  8.843   1.00 72.36 ? 129 VAL A N   1 
ATOM   921  C  CA  . VAL A 1 117 ? 6.107   15.041  7.897   1.00 74.23 ? 129 VAL A CA  1 
ATOM   922  C  C   . VAL A 1 117 ? 6.743   14.980  6.512   1.00 75.02 ? 129 VAL A C   1 
ATOM   923  O  O   . VAL A 1 117 ? 7.158   16.001  5.961   1.00 74.52 ? 129 VAL A O   1 
ATOM   924  C  CB  . VAL A 1 117 ? 4.900   16.004  7.862   1.00 74.69 ? 129 VAL A CB  1 
ATOM   925  C  CG1 . VAL A 1 117 ? 3.877   15.520  6.847   1.00 75.12 ? 129 VAL A CG1 1 
ATOM   926  C  CG2 . VAL A 1 117 ? 4.274   16.100  9.246   1.00 74.58 ? 129 VAL A CG2 1 
ATOM   927  N  N   . GLN A 1 118 ? 6.802   13.774  5.953   1.00 76.07 ? 130 GLN A N   1 
ATOM   928  C  CA  . GLN A 1 118 ? 7.428   13.542  4.658   1.00 76.66 ? 130 GLN A CA  1 
ATOM   929  C  C   . GLN A 1 118 ? 6.802   14.221  3.443   1.00 76.64 ? 130 GLN A C   1 
ATOM   930  O  O   . GLN A 1 118 ? 5.730   14.820  3.519   1.00 77.01 ? 130 GLN A O   1 
ATOM   931  C  CB  . GLN A 1 118 ? 7.531   12.038  4.400   1.00 77.51 ? 130 GLN A CB  1 
ATOM   932  C  CG  . GLN A 1 118 ? 8.896   11.596  3.898   1.00 78.41 ? 130 GLN A CG  1 
ATOM   933  C  CD  . GLN A 1 118 ? 10.004  11.806  4.923   1.00 79.38 ? 130 GLN A CD  1 
ATOM   934  O  OE1 . GLN A 1 118 ? 11.171  11.510  4.658   1.00 79.55 ? 130 GLN A OE1 1 
ATOM   935  N  NE2 . GLN A 1 118 ? 9.642   12.317  6.097   1.00 79.06 ? 130 GLN A NE2 1 
ATOM   936  N  N   . GLU A 1 119 ? 7.502   14.102  2.320   1.00 77.44 ? 131 GLU A N   1 
ATOM   937  C  CA  . GLU A 1 119 ? 7.101   14.695  1.050   1.00 76.74 ? 131 GLU A CA  1 
ATOM   938  C  C   . GLU A 1 119 ? 6.046   13.872  0.316   1.00 74.33 ? 131 GLU A C   1 
ATOM   939  O  O   . GLU A 1 119 ? 6.173   12.652  0.197   1.00 75.01 ? 131 GLU A O   1 
ATOM   940  C  CB  . GLU A 1 119 ? 8.347   14.846  0.169   1.00 79.59 ? 131 GLU A CB  1 
ATOM   941  C  CG  . GLU A 1 119 ? 8.132   15.492  -1.189  1.00 82.56 ? 131 GLU A CG  1 
ATOM   942  C  CD  . GLU A 1 119 ? 9.388   15.441  -2.047  1.00 84.67 ? 131 GLU A CD  1 
ATOM   943  O  OE1 . GLU A 1 119 ? 9.806   14.325  -2.427  1.00 85.91 ? 131 GLU A OE1 1 
ATOM   944  O  OE2 . GLU A 1 119 ? 9.966   16.511  -2.337  1.00 85.50 ? 131 GLU A OE2 1 
ATOM   945  N  N   . CYS A 1 120 ? 5.002   14.542  -0.169  1.00 70.87 ? 133 CYS A N   1 
ATOM   946  C  CA  . CYS A 1 120 ? 3.939   13.869  -0.916  1.00 66.58 ? 133 CYS A CA  1 
ATOM   947  C  C   . CYS A 1 120 ? 3.910   14.348  -2.367  1.00 67.36 ? 133 CYS A C   1 
ATOM   948  O  O   . CYS A 1 120 ? 4.751   15.202  -2.723  1.00 67.63 ? 133 CYS A O   1 
ATOM   949  C  CB  . CYS A 1 120 ? 2.570   14.118  -0.274  1.00 60.29 ? 133 CYS A CB  1 
ATOM   950  S  SG  . CYS A 1 120 ? 2.036   12.921  1.000   1.00 50.18 ? 133 CYS A SG  1 
ATOM   951  O  OXT . CYS A 1 120 ? 3.051   13.861  -3.132  1.00 67.67 ? 133 CYS A OXT 1 
HETATM 952  CA CA  . CA  B 2 .   ? -0.074  4.405   6.839   1.00 18.45 ? 134 CA  A CA  1 
HETATM 953  O  O   . HOH C 3 .   ? 17.331  0.952   5.514   1.00 16.19 ? 135 HOH A O   1 
HETATM 954  O  O   . HOH C 3 .   ? 3.280   1.131   10.830  1.00 23.21 ? 136 HOH A O   1 
HETATM 955  O  O   . HOH C 3 .   ? 1.048   -15.600 -3.681  1.00 55.39 ? 137 HOH A O   1 
HETATM 956  O  O   . HOH C 3 .   ? -3.873  -13.571 -15.380 1.00 33.30 ? 138 HOH A O   1 
HETATM 957  O  O   . HOH C 3 .   ? -0.677  8.668   6.862   1.00 1.07  ? 139 HOH A O   1 
HETATM 958  O  O   . HOH C 3 .   ? -16.535 -1.955  -0.325  1.00 32.43 ? 140 HOH A O   1 
HETATM 959  O  O   . HOH C 3 .   ? 15.046  -4.106  4.957   1.00 29.00 ? 141 HOH A O   1 
HETATM 960  O  O   . HOH C 3 .   ? -10.419 -9.013  -4.526  1.00 23.79 ? 142 HOH A O   1 
HETATM 961  O  O   . HOH C 3 .   ? -12.965 -7.264  -9.279  1.00 42.10 ? 143 HOH A O   1 
HETATM 962  O  O   . HOH C 3 .   ? 13.718  9.639   2.789   1.00 30.63 ? 144 HOH A O   1 
HETATM 963  O  O   . HOH C 3 .   ? 0.239   2.294   3.048   1.00 24.02 ? 145 HOH A O   1 
HETATM 964  O  O   . HOH C 3 .   ? -9.273  -12.284 -11.046 1.00 22.60 ? 146 HOH A O   1 
HETATM 965  O  O   . HOH C 3 .   ? 14.543  -4.534  -5.329  1.00 62.27 ? 147 HOH A O   1 
HETATM 966  O  O   . HOH C 3 .   ? 2.886   -6.078  10.743  1.00 44.46 ? 148 HOH A O   1 
HETATM 967  O  O   . HOH C 3 .   ? 10.980  1.703   -2.613  1.00 45.75 ? 149 HOH A O   1 
HETATM 968  O  O   . HOH C 3 .   ? -13.884 -1.953  3.796   1.00 56.54 ? 150 HOH A O   1 
HETATM 969  O  O   . HOH C 3 .   ? -8.948  8.622   -12.792 1.00 22.96 ? 151 HOH A O   1 
HETATM 970  O  O   . HOH C 3 .   ? 14.563  1.790   17.935  1.00 60.72 ? 152 HOH A O   1 
HETATM 971  O  O   . HOH C 3 .   ? 2.936   -14.613 6.694   1.00 32.76 ? 153 HOH A O   1 
HETATM 972  O  O   . HOH C 3 .   ? 1.409   8.942   -4.115  1.00 41.09 ? 154 HOH A O   1 
HETATM 973  O  O   . HOH C 3 .   ? -10.163 0.269   -11.666 1.00 26.35 ? 155 HOH A O   1 
HETATM 974  O  O   . HOH C 3 .   ? 7.836   -6.202  0.724   1.00 22.32 ? 156 HOH A O   1 
HETATM 975  O  O   . HOH C 3 .   ? -12.907 -7.727  -5.853  1.00 36.55 ? 157 HOH A O   1 
HETATM 976  O  O   . HOH C 3 .   ? -19.355 5.530   -6.607  1.00 56.03 ? 158 HOH A O   1 
HETATM 977  O  O   . HOH C 3 .   ? 6.400   10.307  -1.505  1.00 45.28 ? 159 HOH A O   1 
HETATM 978  O  O   . HOH C 3 .   ? 4.891   11.989  7.036   1.00 42.67 ? 160 HOH A O   1 
HETATM 979  O  O   . HOH C 3 .   ? 18.003  -0.909  17.047  1.00 48.22 ? 161 HOH A O   1 
HETATM 980  O  O   . HOH C 3 .   ? 16.037  -6.456  18.343  1.00 53.41 ? 162 HOH A O   1 
HETATM 981  O  O   . HOH C 3 .   ? -1.510  -15.865 -5.586  1.00 69.43 ? 163 HOH A O   1 
HETATM 982  O  O   . HOH C 3 .   ? 12.022  -3.551  2.057   1.00 7.74  ? 164 HOH A O   1 
HETATM 983  O  O   . HOH C 3 .   ? 16.423  2.026   -0.901  1.00 31.26 ? 165 HOH A O   1 
HETATM 984  O  O   . HOH C 3 .   ? -1.015  14.643  0.387   1.00 45.84 ? 166 HOH A O   1 
HETATM 985  O  O   . HOH C 3 .   ? 0.789   -2.793  16.756  1.00 21.31 ? 167 HOH A O   1 
HETATM 986  O  O   . HOH C 3 .   ? -4.370  -11.537 7.201   1.00 18.71 ? 168 HOH A O   1 
HETATM 987  O  O   . HOH C 3 .   ? -4.105  -0.116  -15.601 1.00 30.27 ? 169 HOH A O   1 
HETATM 988  O  O   . HOH C 3 .   ? 10.511  16.251  4.401   1.00 60.38 ? 170 HOH A O   1 
HETATM 989  O  O   . HOH C 3 .   ? 4.353   -6.915  -10.452 1.00 23.97 ? 171 HOH A O   1 
HETATM 990  O  O   . HOH C 3 .   ? 8.187   17.566  1.748   1.00 51.50 ? 172 HOH A O   1 
HETATM 991  O  O   . HOH C 3 .   ? -2.798  4.569   2.828   1.00 19.60 ? 173 HOH A O   1 
HETATM 992  O  O   . HOH C 3 .   ? -3.924  -18.491 6.039   1.00 63.69 ? 174 HOH A O   1 
HETATM 993  O  O   . HOH C 3 .   ? -10.992 6.338   3.618   1.00 29.52 ? 175 HOH A O   1 
HETATM 994  O  O   . HOH C 3 .   ? 16.665  -1.363  3.509   1.00 30.92 ? 176 HOH A O   1 
HETATM 995  O  O   . HOH C 3 .   ? -7.002  -7.935  4.853   1.00 42.75 ? 177 HOH A O   1 
HETATM 996  O  O   . HOH C 3 .   ? -6.596  -15.964 5.119   1.00 43.97 ? 178 HOH A O   1 
HETATM 997  O  O   . HOH C 3 .   ? 8.782   -9.045  14.628  1.00 39.84 ? 179 HOH A O   1 
HETATM 998  O  O   . HOH C 3 .   ? 8.674   3.940   -3.668  1.00 35.16 ? 180 HOH A O   1 
HETATM 999  O  O   . HOH C 3 .   ? -14.313 -7.752  -13.992 1.00 59.65 ? 181 HOH A O   1 
HETATM 1000 O  O   . HOH C 3 .   ? -9.497  4.395   11.094  1.00 65.24 ? 182 HOH A O   1 
HETATM 1001 O  O   . HOH C 3 .   ? 13.976  -4.888  -1.795  1.00 20.67 ? 183 HOH A O   1 
HETATM 1002 O  O   . HOH C 3 .   ? -5.162  0.400   7.804   1.00 44.03 ? 184 HOH A O   1 
HETATM 1003 O  O   . HOH C 3 .   ? -18.137 0.089   -17.527 1.00 46.29 ? 185 HOH A O   1 
HETATM 1004 O  O   . HOH C 3 .   ? -2.741  -1.621  8.704   1.00 21.36 ? 186 HOH A O   1 
HETATM 1005 O  O   . HOH C 3 .   ? 10.810  8.687   0.149   1.00 62.81 ? 187 HOH A O   1 
HETATM 1006 O  O   . HOH C 3 .   ? 4.034   10.690  -3.557  1.00 71.59 ? 188 HOH A O   1 
HETATM 1007 O  O   . HOH C 3 .   ? 3.838   0.843   14.757  0.50 40.40 ? 189 HOH A O   1 
HETATM 1008 O  O   . HOH C 3 .   ? 0.678   -5.421  -13.457 1.00 41.67 ? 190 HOH A O   1 
HETATM 1009 O  O   . HOH C 3 .   ? -11.658 9.871   1.685   1.00 33.60 ? 191 HOH A O   1 
HETATM 1010 O  O   . HOH C 3 .   ? -10.451 14.730  -10.971 1.00 45.73 ? 192 HOH A O   1 
HETATM 1011 O  O   . HOH C 3 .   ? -6.997  -9.597  2.168   1.00 41.43 ? 193 HOH A O   1 
HETATM 1012 O  O   . HOH C 3 .   ? -13.771 -10.999 2.888   1.00 39.42 ? 194 HOH A O   1 
HETATM 1013 O  O   . HOH C 3 .   ? 2.006   10.965  4.690   1.00 30.50 ? 195 HOH A O   1 
HETATM 1014 O  O   . HOH C 3 .   ? -8.460  0.110   2.750   1.00 34.28 ? 196 HOH A O   1 
HETATM 1015 O  O   . HOH C 3 .   ? -14.383 -7.736  -17.350 1.00 36.13 ? 197 HOH A O   1 
HETATM 1016 O  O   . HOH C 3 .   ? 6.150   -8.246  -8.028  1.00 35.05 ? 198 HOH A O   1 
HETATM 1017 O  O   . HOH C 3 .   ? -0.408  5.895   -8.900  1.00 63.49 ? 199 HOH A O   1 
HETATM 1018 O  O   . HOH C 3 .   ? 7.236   16.827  17.258  1.00 37.00 ? 200 HOH A O   1 
HETATM 1019 O  O   . HOH C 3 .   ? 13.374  -12.639 -2.165  1.00 45.81 ? 201 HOH A O   1 
HETATM 1020 O  O   . HOH C 3 .   ? -9.880  -9.131  -21.819 1.00 35.93 ? 202 HOH A O   1 
HETATM 1021 O  O   . HOH C 3 .   ? -4.246  -16.094 1.635   1.00 42.80 ? 203 HOH A O   1 
HETATM 1022 O  O   . HOH C 3 .   ? -6.617  -14.021 8.720   1.00 33.79 ? 204 HOH A O   1 
HETATM 1023 O  O   . HOH C 3 .   ? 0.476   5.837   14.172  1.00 36.70 ? 205 HOH A O   1 
HETATM 1024 O  O   . HOH C 3 .   ? -11.254 1.192   8.142   1.00 42.52 ? 206 HOH A O   1 
HETATM 1025 O  O   . HOH C 3 .   ? 1.762   3.962   10.785  1.00 34.41 ? 207 HOH A O   1 
HETATM 1026 O  O   . HOH C 3 .   ? 7.000   -14.704 1.045   1.00 52.12 ? 208 HOH A O   1 
HETATM 1027 O  O   . HOH C 3 .   ? -5.236  -5.321  4.195   1.00 41.39 ? 209 HOH A O   1 
HETATM 1028 O  O   . HOH C 3 .   ? 12.413  -11.318 7.280   1.00 69.22 ? 210 HOH A O   1 
HETATM 1029 O  O   . HOH C 3 .   ? -6.906  -14.771 -1.195  1.00 51.37 ? 211 HOH A O   1 
HETATM 1030 O  O   . HOH C 3 .   ? -4.105  6.201   -15.987 1.00 46.37 ? 212 HOH A O   1 
HETATM 1031 O  O   . HOH C 3 .   ? -0.690  -1.726  4.674   1.00 48.57 ? 213 HOH A O   1 
HETATM 1032 O  O   . HOH C 3 .   ? -5.271  -13.771 -6.906  1.00 53.50 ? 214 HOH A O   1 
HETATM 1033 O  O   . HOH C 3 .   ? -4.960  10.811  -7.640  1.00 42.17 ? 215 HOH A O   1 
HETATM 1034 O  O   . HOH C 3 .   ? 4.603   1.114   -8.959  1.00 41.87 ? 216 HOH A O   1 
HETATM 1035 O  O   . HOH C 3 .   ? 6.708   -4.769  18.113  1.00 32.89 ? 217 HOH A O   1 
HETATM 1036 O  O   . HOH C 3 .   ? -16.980 -1.988  -11.337 1.00 76.43 ? 218 HOH A O   1 
HETATM 1037 O  O   . HOH C 3 .   ? 19.737  -5.995  10.855  1.00 57.22 ? 219 HOH A O   1 
HETATM 1038 O  O   . HOH C 3 .   ? -3.103  -2.455  12.414  1.00 41.81 ? 220 HOH A O   1 
HETATM 1039 O  O   . HOH C 3 .   ? -4.527  15.929  -5.661  1.00 25.68 ? 221 HOH A O   1 
HETATM 1040 O  O   . HOH C 3 .   ? -16.055 10.423  -9.421  1.00 33.71 ? 222 HOH A O   1 
HETATM 1041 O  O   . HOH C 3 .   ? -2.806  -4.233  5.750   1.00 50.88 ? 223 HOH A O   1 
HETATM 1042 O  O   . HOH C 3 .   ? -1.514  2.430   6.146   1.00 47.91 ? 224 HOH A O   1 
# 
